data_5IOF
#
_entry.id   5IOF
#
_cell.length_a   80.590
_cell.length_b   82.490
_cell.length_c   166.370
_cell.angle_alpha   96.33
_cell.angle_beta   92.94
_cell.angle_gamma   119.23
#
_symmetry.space_group_name_H-M   'P 1'
#
_entity_poly.entity_id   1
_entity_poly.type   'polypeptide(L)'
_entity_poly.pdbx_seq_one_letter_code
;MTVHSPRFDLRQYQREWFANPRKDVLAGIVVALALIPEAIAFSIIAGVDPQVGLYASFIIALITAFLGGRPGMISAATGA
MALLMTGLVKDHGIQYLFAATVLTGVLQVVFGWAKLARYLKFVPRSVMVGFVNALAILIFMAQLPQFVGANWQMYAMVAA
GLAIIYLLPLVFKAMPSALVAIVVLTVVAVVTGADVKTVGDMGTLPTALPHFQFPQVPLTFETLAIIFPVALTLSLVGLL
ESLLTAQLIDERTDTTSDKNVESRGQGVANIVTGFFGGMAGCAMIGQSMINVTSGGRGRLSTFVAGAFLMVLILALQPLL
VQIPMAALVAVMMVVAISTFDWGSLRTLTVFPKGETVVMLATVAVTVFTHDLSLGVLIGVVLSALFFARKVSQLSQVTPV
D
;
_entity_poly.pdbx_strand_id   A,B,C,D
#
# COMPACT_ATOMS: atom_id res chain seq x y z
N GLN A 14 -47.10 -62.09 -16.04
CA GLN A 14 -45.94 -61.21 -15.94
C GLN A 14 -44.66 -61.98 -16.29
N ARG A 15 -44.60 -63.23 -15.88
CA ARG A 15 -43.45 -64.11 -16.13
C ARG A 15 -42.11 -63.45 -15.81
N GLU A 16 -41.84 -63.27 -14.52
CA GLU A 16 -40.56 -62.72 -14.08
C GLU A 16 -40.04 -63.55 -12.91
N TRP A 17 -38.77 -63.96 -13.01
CA TRP A 17 -38.24 -65.00 -12.14
C TRP A 17 -36.96 -64.60 -11.40
N PHE A 18 -36.51 -65.49 -10.52
CA PHE A 18 -35.25 -65.34 -9.81
C PHE A 18 -34.54 -66.69 -9.69
N ALA A 19 -34.77 -67.55 -10.68
CA ALA A 19 -34.25 -68.92 -10.65
C ALA A 19 -32.72 -68.96 -10.78
N ASN A 20 -32.13 -69.95 -10.12
CA ASN A 20 -30.68 -70.18 -10.14
C ASN A 20 -29.83 -68.94 -9.81
N PRO A 21 -29.95 -68.42 -8.58
CA PRO A 21 -29.14 -67.25 -8.21
C PRO A 21 -27.68 -67.61 -8.02
N ARG A 22 -27.43 -68.80 -7.47
CA ARG A 22 -26.08 -69.30 -7.21
C ARG A 22 -25.19 -69.26 -8.45
N LYS A 23 -25.73 -69.67 -9.58
CA LYS A 23 -24.96 -69.71 -10.82
C LYS A 23 -25.00 -68.38 -11.58
N ASP A 24 -26.14 -67.69 -11.52
CA ASP A 24 -26.30 -66.41 -12.20
C ASP A 24 -25.34 -65.36 -11.64
N VAL A 25 -25.30 -65.24 -10.33
CA VAL A 25 -24.40 -64.28 -9.66
C VAL A 25 -22.94 -64.56 -10.02
N LEU A 26 -22.54 -65.81 -9.89
CA LEU A 26 -21.17 -66.23 -10.20
C LEU A 26 -20.79 -65.92 -11.65
N ALA A 27 -21.67 -66.31 -12.57
CA ALA A 27 -21.46 -66.04 -13.99
C ALA A 27 -21.30 -64.53 -14.25
N GLY A 28 -22.18 -63.75 -13.65
CA GLY A 28 -22.13 -62.30 -13.74
C GLY A 28 -20.80 -61.76 -13.26
N ILE A 29 -20.29 -62.33 -12.17
CA ILE A 29 -18.98 -61.97 -11.64
C ILE A 29 -17.89 -62.24 -12.67
N VAL A 30 -17.88 -63.46 -13.21
CA VAL A 30 -16.89 -63.85 -14.21
C VAL A 30 -16.89 -62.89 -15.41
N VAL A 31 -18.06 -62.70 -16.01
CA VAL A 31 -18.17 -61.86 -17.19
C VAL A 31 -17.91 -60.39 -16.86
N ALA A 32 -18.03 -60.03 -15.59
CA ALA A 32 -17.69 -58.67 -15.16
C ALA A 32 -16.18 -58.49 -15.16
N LEU A 33 -15.48 -59.47 -14.57
CA LEU A 33 -14.01 -59.47 -14.61
C LEU A 33 -13.53 -59.46 -16.04
N ALA A 34 -14.26 -60.13 -16.92
CA ALA A 34 -13.94 -60.10 -18.34
C ALA A 34 -14.37 -58.77 -18.99
N LEU A 35 -15.22 -58.04 -18.29
CA LEU A 35 -15.83 -56.83 -18.86
C LEU A 35 -15.01 -55.57 -18.62
N ILE A 36 -14.37 -55.47 -17.47
CA ILE A 36 -13.54 -54.30 -17.13
C ILE A 36 -12.53 -53.88 -18.23
N PRO A 37 -11.63 -54.81 -18.62
CA PRO A 37 -10.58 -54.38 -19.56
C PRO A 37 -11.15 -54.01 -20.92
N GLU A 38 -12.24 -54.68 -21.31
CA GLU A 38 -12.92 -54.38 -22.57
C GLU A 38 -13.36 -52.92 -22.61
N ALA A 39 -14.09 -52.50 -21.58
CA ALA A 39 -14.61 -51.14 -21.54
C ALA A 39 -13.49 -50.12 -21.45
N ILE A 40 -12.51 -50.37 -20.58
CA ILE A 40 -11.37 -49.46 -20.48
C ILE A 40 -10.67 -49.28 -21.82
N ALA A 41 -10.27 -50.40 -22.41
CA ALA A 41 -9.57 -50.41 -23.69
C ALA A 41 -10.37 -49.72 -24.78
N PHE A 42 -11.62 -50.13 -24.97
CA PHE A 42 -12.49 -49.52 -25.97
C PHE A 42 -12.65 -48.02 -25.77
N SER A 43 -12.63 -47.60 -24.50
CA SER A 43 -12.66 -46.18 -24.19
C SER A 43 -11.40 -45.50 -24.73
N ILE A 44 -10.25 -46.10 -24.48
CA ILE A 44 -9.00 -45.53 -24.96
C ILE A 44 -8.95 -45.49 -26.49
N ILE A 45 -9.43 -46.56 -27.12
CA ILE A 45 -9.47 -46.66 -28.58
C ILE A 45 -10.31 -45.57 -29.21
N ALA A 46 -11.41 -45.23 -28.55
CA ALA A 46 -12.32 -44.19 -29.04
C ALA A 46 -11.91 -42.82 -28.55
N GLY A 47 -10.67 -42.69 -28.09
CA GLY A 47 -10.14 -41.41 -27.64
C GLY A 47 -10.95 -40.75 -26.54
N VAL A 48 -11.19 -41.49 -25.46
CA VAL A 48 -12.00 -40.97 -24.35
C VAL A 48 -11.56 -41.66 -23.07
N ASP A 49 -11.99 -41.11 -21.92
CA ASP A 49 -11.65 -41.68 -20.62
C ASP A 49 -12.35 -43.01 -20.38
N PRO A 50 -11.61 -43.99 -19.82
CA PRO A 50 -12.12 -45.29 -19.36
C PRO A 50 -13.44 -45.17 -18.59
N GLN A 51 -13.58 -44.08 -17.84
CA GLN A 51 -14.79 -43.79 -17.06
C GLN A 51 -16.06 -43.91 -17.89
N VAL A 52 -16.02 -43.39 -19.11
CA VAL A 52 -17.17 -43.41 -20.00
C VAL A 52 -17.56 -44.84 -20.35
N GLY A 53 -16.57 -45.66 -20.68
CA GLY A 53 -16.81 -47.05 -21.02
C GLY A 53 -17.31 -47.88 -19.85
N LEU A 54 -16.70 -47.71 -18.70
CA LEU A 54 -17.11 -48.46 -17.51
C LEU A 54 -18.51 -48.07 -17.08
N TYR A 55 -18.79 -46.77 -17.06
CA TYR A 55 -20.13 -46.26 -16.79
C TYR A 55 -21.13 -46.88 -17.76
N ALA A 56 -20.80 -46.81 -19.05
CA ALA A 56 -21.64 -47.38 -20.10
C ALA A 56 -21.98 -48.84 -19.80
N SER A 57 -20.95 -49.66 -19.62
CA SER A 57 -21.13 -51.07 -19.32
C SER A 57 -22.08 -51.27 -18.13
N PHE A 58 -21.80 -50.56 -17.04
CA PHE A 58 -22.62 -50.63 -15.83
C PHE A 58 -24.11 -50.35 -16.11
N ILE A 59 -24.39 -49.12 -16.54
CA ILE A 59 -25.78 -48.67 -16.67
C ILE A 59 -26.54 -49.46 -17.75
N ILE A 60 -25.85 -49.79 -18.84
CA ILE A 60 -26.46 -50.59 -19.90
C ILE A 60 -26.80 -51.97 -19.37
N ALA A 61 -25.86 -52.61 -18.67
CA ALA A 61 -26.11 -53.92 -18.08
C ALA A 61 -27.33 -53.88 -17.16
N LEU A 62 -27.41 -52.83 -16.35
CA LEU A 62 -28.55 -52.62 -15.46
C LEU A 62 -29.89 -52.56 -16.22
N ILE A 63 -30.01 -51.55 -17.07
CA ILE A 63 -31.26 -51.29 -17.77
C ILE A 63 -31.68 -52.46 -18.65
N THR A 64 -30.70 -53.13 -19.27
CA THR A 64 -31.00 -54.30 -20.08
C THR A 64 -31.41 -55.47 -19.20
N ALA A 65 -30.85 -55.53 -17.99
CA ALA A 65 -31.24 -56.55 -17.03
C ALA A 65 -32.71 -56.40 -16.69
N PHE A 66 -33.18 -55.15 -16.64
CA PHE A 66 -34.59 -54.92 -16.28
C PHE A 66 -35.57 -54.91 -17.47
N LEU A 67 -35.12 -54.48 -18.64
CA LEU A 67 -36.02 -54.26 -19.78
C LEU A 67 -35.62 -55.03 -21.03
N GLY A 68 -34.58 -55.85 -20.92
CA GLY A 68 -34.10 -56.62 -22.06
C GLY A 68 -35.04 -57.76 -22.42
N GLY A 69 -34.95 -58.22 -23.66
CA GLY A 69 -35.82 -59.28 -24.13
C GLY A 69 -35.26 -60.66 -23.86
N ARG A 70 -33.96 -60.84 -24.05
CA ARG A 70 -33.33 -62.14 -23.87
C ARG A 70 -32.45 -62.16 -22.62
N PRO A 71 -32.91 -62.87 -21.57
CA PRO A 71 -32.20 -63.00 -20.30
C PRO A 71 -30.90 -63.80 -20.44
N GLY A 72 -29.84 -63.33 -19.79
CA GLY A 72 -28.55 -64.01 -19.85
C GLY A 72 -27.65 -63.44 -20.92
N MET A 73 -28.11 -62.38 -21.57
CA MET A 73 -27.34 -61.72 -22.62
C MET A 73 -26.70 -60.45 -22.11
N ILE A 74 -25.37 -60.40 -22.13
CA ILE A 74 -24.65 -59.21 -21.66
C ILE A 74 -24.61 -58.12 -22.72
N SER A 75 -25.12 -56.96 -22.36
CA SER A 75 -24.97 -55.77 -23.17
C SER A 75 -24.13 -54.75 -22.40
N ALA A 76 -22.98 -54.39 -22.94
CA ALA A 76 -22.07 -53.49 -22.25
C ALA A 76 -21.47 -52.46 -23.20
N ALA A 77 -20.17 -52.61 -23.46
CA ALA A 77 -19.47 -51.70 -24.35
C ALA A 77 -18.54 -52.49 -25.29
N THR A 78 -18.82 -52.43 -26.58
CA THR A 78 -18.05 -53.16 -27.57
C THR A 78 -17.39 -52.23 -28.57
N GLY A 79 -16.38 -52.75 -29.28
CA GLY A 79 -15.71 -52.00 -30.32
C GLY A 79 -16.65 -51.64 -31.45
N ALA A 80 -17.64 -52.51 -31.68
CA ALA A 80 -18.65 -52.31 -32.71
C ALA A 80 -19.35 -50.96 -32.57
N MET A 81 -19.36 -50.44 -31.35
CA MET A 81 -19.92 -49.12 -31.09
C MET A 81 -18.81 -48.06 -31.08
N ALA A 82 -17.72 -48.38 -30.40
CA ALA A 82 -16.63 -47.43 -30.16
C ALA A 82 -16.01 -46.89 -31.45
N LEU A 83 -15.71 -47.79 -32.39
CA LEU A 83 -15.04 -47.41 -33.62
C LEU A 83 -15.95 -46.58 -34.55
N LEU A 84 -17.19 -46.38 -34.14
CA LEU A 84 -18.12 -45.52 -34.88
C LEU A 84 -18.20 -44.13 -34.25
N MET A 85 -17.71 -44.03 -33.01
CA MET A 85 -17.73 -42.76 -32.29
C MET A 85 -16.34 -42.10 -32.28
N THR A 86 -15.32 -42.91 -32.54
CA THR A 86 -13.93 -42.45 -32.54
C THR A 86 -13.69 -41.26 -33.47
N GLY A 87 -14.54 -41.11 -34.49
CA GLY A 87 -14.45 -40.00 -35.41
C GLY A 87 -15.24 -38.80 -34.92
N LEU A 88 -16.29 -39.07 -34.16
CA LEU A 88 -17.14 -38.02 -33.63
C LEU A 88 -16.46 -37.30 -32.46
N VAL A 89 -15.61 -38.02 -31.74
CA VAL A 89 -14.97 -37.46 -30.55
C VAL A 89 -13.79 -36.55 -30.86
N LYS A 90 -13.14 -36.76 -32.00
CA LYS A 90 -11.97 -35.97 -32.35
C LYS A 90 -12.34 -34.80 -33.25
N ASP A 91 -13.61 -34.74 -33.64
CA ASP A 91 -14.09 -33.67 -34.51
C ASP A 91 -15.06 -32.75 -33.79
N HIS A 92 -15.73 -33.26 -32.75
CA HIS A 92 -16.72 -32.49 -32.03
C HIS A 92 -16.60 -32.66 -30.52
N GLY A 93 -16.04 -33.78 -30.09
CA GLY A 93 -15.81 -34.02 -28.67
C GLY A 93 -16.43 -35.28 -28.13
N ILE A 94 -16.09 -35.62 -26.89
CA ILE A 94 -16.58 -36.83 -26.25
C ILE A 94 -18.03 -36.67 -25.77
N GLN A 95 -18.61 -35.53 -26.09
CA GLN A 95 -19.91 -35.14 -25.55
C GLN A 95 -20.98 -35.07 -26.62
N TYR A 96 -20.58 -34.72 -27.84
CA TYR A 96 -21.45 -34.92 -29.00
C TYR A 96 -21.73 -36.41 -29.08
N LEU A 97 -20.79 -37.19 -28.54
CA LEU A 97 -20.96 -38.61 -28.31
C LEU A 97 -22.18 -38.87 -27.44
N PHE A 98 -22.29 -38.15 -26.32
CA PHE A 98 -23.41 -38.32 -25.40
C PHE A 98 -24.75 -38.08 -26.10
N ALA A 99 -24.83 -36.96 -26.81
CA ALA A 99 -26.00 -36.64 -27.62
C ALA A 99 -26.31 -37.77 -28.59
N ALA A 100 -25.28 -38.26 -29.26
CA ALA A 100 -25.44 -39.31 -30.26
C ALA A 100 -25.92 -40.62 -29.63
N THR A 101 -25.55 -40.87 -28.38
CA THR A 101 -25.98 -42.08 -27.69
C THR A 101 -27.43 -41.97 -27.26
N VAL A 102 -27.80 -40.78 -26.77
CA VAL A 102 -29.20 -40.51 -26.43
C VAL A 102 -30.07 -40.70 -27.67
N LEU A 103 -29.72 -40.01 -28.75
CA LEU A 103 -30.47 -40.11 -30.00
C LEU A 103 -30.47 -41.53 -30.53
N THR A 104 -29.37 -42.24 -30.32
CA THR A 104 -29.26 -43.64 -30.73
C THR A 104 -30.32 -44.48 -30.04
N GLY A 105 -30.38 -44.35 -28.71
CA GLY A 105 -31.39 -45.04 -27.93
C GLY A 105 -32.79 -44.67 -28.37
N VAL A 106 -32.99 -43.41 -28.70
CA VAL A 106 -34.28 -42.94 -29.21
C VAL A 106 -34.65 -43.66 -30.51
N LEU A 107 -33.67 -43.77 -31.41
CA LEU A 107 -33.88 -44.45 -32.68
C LEU A 107 -34.16 -45.94 -32.48
N GLN A 108 -33.57 -46.50 -31.43
CA GLN A 108 -33.76 -47.92 -31.13
C GLN A 108 -35.14 -48.20 -30.55
N VAL A 109 -35.62 -47.34 -29.64
CA VAL A 109 -36.97 -47.53 -29.11
C VAL A 109 -38.01 -47.18 -30.17
N VAL A 110 -37.63 -46.34 -31.13
CA VAL A 110 -38.48 -46.06 -32.27
C VAL A 110 -38.57 -47.32 -33.15
N PHE A 111 -37.43 -47.95 -33.34
CA PHE A 111 -37.34 -49.17 -34.16
C PHE A 111 -38.13 -50.31 -33.52
N GLY A 112 -38.13 -50.36 -32.19
CA GLY A 112 -38.84 -51.38 -31.46
C GLY A 112 -40.33 -51.12 -31.39
N TRP A 113 -40.70 -49.84 -31.31
CA TRP A 113 -42.10 -49.44 -31.24
C TRP A 113 -42.81 -49.70 -32.56
N ALA A 114 -42.06 -49.56 -33.66
CA ALA A 114 -42.63 -49.75 -35.00
C ALA A 114 -42.60 -51.22 -35.40
N LYS A 115 -41.96 -52.06 -34.58
CA LYS A 115 -41.87 -53.49 -34.82
C LYS A 115 -41.23 -53.79 -36.18
N LEU A 116 -39.93 -53.56 -36.28
CA LEU A 116 -39.24 -53.68 -37.56
C LEU A 116 -38.01 -54.59 -37.50
N ALA A 117 -37.90 -55.37 -36.44
CA ALA A 117 -36.74 -56.25 -36.25
C ALA A 117 -36.64 -57.32 -37.34
N ARG A 118 -37.80 -57.79 -37.81
CA ARG A 118 -37.85 -58.84 -38.82
C ARG A 118 -37.16 -58.43 -40.12
N TYR A 119 -37.00 -57.13 -40.31
CA TYR A 119 -36.39 -56.61 -41.52
C TYR A 119 -34.86 -56.72 -41.48
N LEU A 120 -34.31 -56.98 -40.30
CA LEU A 120 -32.86 -57.11 -40.14
C LEU A 120 -32.28 -58.26 -40.97
N LYS A 121 -33.14 -59.18 -41.39
CA LYS A 121 -32.72 -60.30 -42.23
C LYS A 121 -32.32 -59.80 -43.61
N PHE A 122 -32.91 -58.69 -44.04
CA PHE A 122 -32.64 -58.15 -45.39
C PHE A 122 -31.22 -57.61 -45.51
N VAL A 123 -30.59 -57.32 -44.38
CA VAL A 123 -29.21 -56.83 -44.37
C VAL A 123 -28.25 -57.88 -44.94
N PRO A 124 -27.57 -57.54 -46.04
CA PRO A 124 -26.64 -58.44 -46.75
C PRO A 124 -25.56 -59.01 -45.84
N ARG A 125 -25.25 -60.30 -46.01
CA ARG A 125 -24.22 -60.95 -45.22
C ARG A 125 -22.83 -60.38 -45.54
N SER A 126 -22.64 -59.95 -46.77
CA SER A 126 -21.38 -59.36 -47.21
C SER A 126 -21.07 -58.09 -46.43
N VAL A 127 -22.07 -57.25 -46.26
CA VAL A 127 -21.93 -56.02 -45.48
C VAL A 127 -21.54 -56.32 -44.04
N MET A 128 -22.16 -57.35 -43.46
CA MET A 128 -21.93 -57.71 -42.07
C MET A 128 -20.53 -58.28 -41.85
N VAL A 129 -20.14 -59.25 -42.69
CA VAL A 129 -18.83 -59.87 -42.56
C VAL A 129 -17.74 -58.84 -42.83
N GLY A 130 -18.01 -57.94 -43.78
CA GLY A 130 -17.10 -56.84 -44.07
C GLY A 130 -16.93 -55.95 -42.86
N PHE A 131 -18.05 -55.66 -42.21
CA PHE A 131 -18.06 -54.85 -41.00
C PHE A 131 -17.21 -55.51 -39.91
N VAL A 132 -17.35 -56.82 -39.76
CA VAL A 132 -16.59 -57.56 -38.76
C VAL A 132 -15.09 -57.52 -39.04
N ASN A 133 -14.71 -57.84 -40.27
CA ASN A 133 -13.31 -57.79 -40.68
C ASN A 133 -12.69 -56.42 -40.43
N ALA A 134 -13.31 -55.40 -41.03
CA ALA A 134 -12.87 -54.02 -40.88
C ALA A 134 -12.72 -53.65 -39.41
N LEU A 135 -13.72 -54.02 -38.62
CA LEU A 135 -13.71 -53.80 -37.17
C LEU A 135 -12.44 -54.36 -36.54
N ALA A 136 -12.21 -55.65 -36.76
CA ALA A 136 -11.09 -56.33 -36.13
C ALA A 136 -9.74 -55.73 -36.53
N ILE A 137 -9.52 -55.57 -37.83
CA ILE A 137 -8.24 -55.02 -38.27
C ILE A 137 -8.07 -53.57 -37.84
N LEU A 138 -9.19 -52.88 -37.61
CA LEU A 138 -9.15 -51.52 -37.08
C LEU A 138 -8.76 -51.54 -35.61
N ILE A 139 -9.19 -52.57 -34.89
CA ILE A 139 -8.77 -52.78 -33.52
C ILE A 139 -7.26 -52.98 -33.49
N PHE A 140 -6.79 -53.90 -34.33
CA PHE A 140 -5.37 -54.21 -34.41
C PHE A 140 -4.54 -52.98 -34.79
N MET A 141 -5.08 -52.14 -35.67
CA MET A 141 -4.41 -50.91 -36.05
C MET A 141 -4.43 -49.88 -34.92
N ALA A 142 -5.46 -49.94 -34.09
CA ALA A 142 -5.58 -49.02 -32.95
C ALA A 142 -4.56 -49.36 -31.88
N GLN A 143 -4.03 -50.58 -31.93
CA GLN A 143 -3.03 -51.01 -30.97
C GLN A 143 -1.65 -50.54 -31.37
N LEU A 144 -1.53 -50.06 -32.61
CA LEU A 144 -0.26 -49.61 -33.16
C LEU A 144 0.31 -48.31 -32.57
N PRO A 145 -0.54 -47.30 -32.31
CA PRO A 145 0.03 -46.07 -31.72
C PRO A 145 0.65 -46.25 -30.33
N GLN A 146 0.61 -47.46 -29.78
CA GLN A 146 1.26 -47.74 -28.51
C GLN A 146 2.67 -48.27 -28.75
N PHE A 147 3.05 -48.38 -30.02
CA PHE A 147 4.36 -48.90 -30.39
C PHE A 147 5.25 -47.85 -31.04
N VAL A 148 4.67 -46.70 -31.39
CA VAL A 148 5.45 -45.64 -32.03
C VAL A 148 6.45 -45.04 -31.05
N GLY A 149 6.04 -44.91 -29.80
CA GLY A 149 6.94 -44.58 -28.71
C GLY A 149 7.25 -45.88 -27.99
N ALA A 150 8.39 -46.48 -28.31
CA ALA A 150 8.63 -47.87 -27.93
C ALA A 150 9.79 -48.07 -26.97
N ASN A 151 9.48 -48.56 -25.78
CA ASN A 151 10.48 -49.10 -24.88
C ASN A 151 10.38 -50.62 -24.93
N TRP A 152 11.50 -51.31 -24.80
CA TRP A 152 11.50 -52.76 -24.99
C TRP A 152 10.68 -53.49 -23.93
N GLN A 153 10.32 -52.80 -22.85
CA GLN A 153 9.41 -53.36 -21.86
C GLN A 153 8.03 -53.55 -22.48
N MET A 154 7.64 -52.64 -23.35
CA MET A 154 6.38 -52.74 -24.07
C MET A 154 6.34 -54.02 -24.90
N TYR A 155 7.35 -54.20 -25.74
CA TYR A 155 7.47 -55.38 -26.59
C TYR A 155 7.54 -56.67 -25.77
N ALA A 156 8.38 -56.67 -24.74
CA ALA A 156 8.58 -57.86 -23.92
C ALA A 156 7.29 -58.26 -23.19
N MET A 157 6.58 -57.28 -22.66
CA MET A 157 5.38 -57.54 -21.88
C MET A 157 4.17 -57.87 -22.76
N VAL A 158 4.13 -57.32 -23.98
CA VAL A 158 3.03 -57.67 -24.87
C VAL A 158 3.26 -59.06 -25.47
N ALA A 159 4.53 -59.39 -25.73
CA ALA A 159 4.87 -60.71 -26.25
C ALA A 159 4.64 -61.77 -25.19
N ALA A 160 5.07 -61.48 -23.96
CA ALA A 160 4.83 -62.38 -22.84
C ALA A 160 3.34 -62.44 -22.52
N GLY A 161 2.63 -61.38 -22.86
CA GLY A 161 1.18 -61.33 -22.69
C GLY A 161 0.50 -62.31 -23.62
N LEU A 162 0.82 -62.21 -24.91
CA LEU A 162 0.30 -63.15 -25.90
C LEU A 162 0.68 -64.58 -25.52
N ALA A 163 1.92 -64.74 -25.08
CA ALA A 163 2.45 -66.04 -24.69
C ALA A 163 1.65 -66.66 -23.54
N ILE A 164 1.42 -65.89 -22.48
CA ILE A 164 0.71 -66.41 -21.32
C ILE A 164 -0.78 -66.57 -21.60
N ILE A 165 -1.30 -65.80 -22.55
CA ILE A 165 -2.71 -65.91 -22.91
C ILE A 165 -2.95 -67.17 -23.76
N TYR A 166 -1.96 -67.54 -24.57
CA TYR A 166 -2.12 -68.67 -25.49
C TYR A 166 -1.56 -70.00 -24.98
N LEU A 167 -0.67 -69.96 -24.00
CA LEU A 167 0.04 -71.17 -23.57
C LEU A 167 -0.42 -71.67 -22.20
N LEU A 168 -0.87 -70.75 -21.36
CA LEU A 168 -1.36 -71.12 -20.03
C LEU A 168 -2.70 -71.89 -20.00
N PRO A 169 -3.70 -71.48 -20.81
CA PRO A 169 -4.99 -72.15 -20.67
C PRO A 169 -5.01 -73.63 -21.05
N LEU A 170 -3.97 -74.12 -21.70
CA LEU A 170 -3.89 -75.56 -22.01
C LEU A 170 -3.47 -76.32 -20.75
N VAL A 171 -3.12 -75.58 -19.71
CA VAL A 171 -2.70 -76.18 -18.44
C VAL A 171 -3.73 -75.86 -17.34
N PHE A 172 -4.41 -74.74 -17.49
CA PHE A 172 -5.34 -74.27 -16.46
C PHE A 172 -6.80 -74.61 -16.78
N LYS A 173 -7.71 -74.08 -15.95
CA LYS A 173 -9.11 -74.51 -15.98
C LYS A 173 -10.08 -73.43 -16.43
N ALA A 174 -11.20 -73.33 -15.71
CA ALA A 174 -12.29 -72.42 -16.09
C ALA A 174 -12.07 -71.00 -15.59
N MET A 175 -10.83 -70.53 -15.64
CA MET A 175 -10.50 -69.17 -15.28
C MET A 175 -9.64 -68.53 -16.37
N PRO A 176 -9.99 -67.31 -16.78
CA PRO A 176 -9.38 -66.62 -17.93
C PRO A 176 -7.86 -66.51 -17.86
N SER A 177 -7.20 -66.79 -18.98
CA SER A 177 -5.75 -66.61 -19.07
C SER A 177 -5.43 -65.12 -19.19
N ALA A 178 -6.43 -64.35 -19.62
CA ALA A 178 -6.29 -62.90 -19.70
C ALA A 178 -6.28 -62.30 -18.31
N LEU A 179 -7.02 -62.91 -17.39
CA LEU A 179 -7.03 -62.50 -15.99
C LEU A 179 -5.62 -62.63 -15.41
N VAL A 180 -5.05 -63.82 -15.59
CA VAL A 180 -3.69 -64.09 -15.12
C VAL A 180 -2.69 -63.17 -15.82
N ALA A 181 -2.91 -62.92 -17.11
CA ALA A 181 -2.04 -62.03 -17.86
C ALA A 181 -2.01 -60.63 -17.25
N ILE A 182 -3.19 -60.06 -17.06
CA ILE A 182 -3.32 -58.72 -16.49
C ILE A 182 -2.75 -58.65 -15.09
N VAL A 183 -3.14 -59.58 -14.22
CA VAL A 183 -2.68 -59.58 -12.84
C VAL A 183 -1.15 -59.72 -12.76
N VAL A 184 -0.61 -60.72 -13.45
CA VAL A 184 0.82 -60.96 -13.45
C VAL A 184 1.61 -59.76 -13.99
N LEU A 185 1.20 -59.25 -15.15
CA LEU A 185 1.91 -58.13 -15.75
C LEU A 185 1.82 -56.88 -14.89
N THR A 186 0.70 -56.72 -14.19
CA THR A 186 0.52 -55.60 -13.28
C THR A 186 1.48 -55.71 -12.09
N VAL A 187 1.46 -56.88 -11.44
CA VAL A 187 2.35 -57.14 -10.32
C VAL A 187 3.81 -56.95 -10.70
N VAL A 188 4.19 -57.48 -11.86
CA VAL A 188 5.55 -57.33 -12.37
C VAL A 188 5.90 -55.87 -12.57
N ALA A 189 5.08 -55.16 -13.36
CA ALA A 189 5.33 -53.76 -13.68
C ALA A 189 5.43 -52.89 -12.43
N VAL A 190 4.63 -53.20 -11.42
CA VAL A 190 4.66 -52.47 -10.16
C VAL A 190 5.93 -52.77 -9.37
N VAL A 191 6.21 -54.06 -9.19
CA VAL A 191 7.36 -54.49 -8.39
C VAL A 191 8.69 -54.14 -9.05
N THR A 192 8.85 -54.50 -10.32
CA THR A 192 10.10 -54.24 -11.03
C THR A 192 10.25 -52.76 -11.36
N GLY A 193 9.15 -52.01 -11.25
CA GLY A 193 9.16 -50.59 -11.56
C GLY A 193 9.48 -50.33 -13.01
N ALA A 194 8.83 -51.07 -13.90
CA ALA A 194 9.06 -50.95 -15.33
C ALA A 194 8.65 -49.58 -15.85
N ASP A 195 9.36 -49.09 -16.84
CA ASP A 195 9.09 -47.77 -17.42
C ASP A 195 8.16 -47.88 -18.63
N VAL A 196 6.86 -47.96 -18.36
CA VAL A 196 5.87 -48.07 -19.43
C VAL A 196 4.61 -47.25 -19.12
N LYS A 197 3.91 -46.85 -20.18
CA LYS A 197 2.65 -46.14 -20.04
C LYS A 197 1.63 -46.99 -19.29
N THR A 198 0.92 -46.36 -18.35
CA THR A 198 -0.14 -47.05 -17.63
C THR A 198 -1.51 -46.50 -18.05
N VAL A 199 -2.56 -47.25 -17.72
CA VAL A 199 -3.92 -46.89 -18.13
C VAL A 199 -4.36 -45.56 -17.54
N GLY A 200 -3.94 -45.28 -16.32
CA GLY A 200 -4.31 -44.05 -15.63
C GLY A 200 -3.88 -42.78 -16.35
N ASP A 201 -2.99 -42.93 -17.32
CA ASP A 201 -2.49 -41.81 -18.10
C ASP A 201 -3.43 -41.47 -19.26
N MET A 202 -4.04 -42.50 -19.83
CA MET A 202 -4.87 -42.34 -21.02
C MET A 202 -6.21 -41.68 -20.73
N GLY A 203 -6.63 -41.76 -19.47
CA GLY A 203 -7.90 -41.18 -19.06
C GLY A 203 -8.23 -41.44 -17.61
N THR A 204 -9.13 -40.63 -17.06
CA THR A 204 -9.54 -40.77 -15.66
C THR A 204 -10.46 -41.97 -15.48
N LEU A 205 -10.26 -42.68 -14.36
CA LEU A 205 -11.08 -43.84 -14.04
C LEU A 205 -12.12 -43.47 -12.99
N PRO A 206 -13.29 -44.13 -13.01
CA PRO A 206 -14.41 -43.85 -12.11
C PRO A 206 -14.03 -43.87 -10.64
N THR A 207 -14.50 -42.87 -9.90
CA THR A 207 -14.23 -42.80 -8.46
C THR A 207 -15.54 -42.65 -7.70
N ALA A 208 -16.65 -42.55 -8.43
CA ALA A 208 -17.97 -42.41 -7.82
C ALA A 208 -19.06 -42.93 -8.74
N LEU A 209 -20.31 -42.82 -8.30
CA LEU A 209 -21.46 -43.26 -9.09
C LEU A 209 -21.75 -42.25 -10.21
N PRO A 210 -22.17 -42.76 -11.37
CA PRO A 210 -22.56 -41.91 -12.51
C PRO A 210 -23.70 -40.96 -12.15
N HIS A 211 -23.44 -39.67 -12.26
CA HIS A 211 -24.46 -38.66 -11.96
C HIS A 211 -25.19 -38.26 -13.23
N PHE A 212 -26.43 -37.78 -13.07
CA PHE A 212 -27.25 -37.36 -14.20
C PHE A 212 -26.61 -36.19 -14.94
N GLN A 213 -25.96 -36.50 -16.06
CA GLN A 213 -25.34 -35.48 -16.89
C GLN A 213 -26.16 -35.21 -18.14
N PHE A 214 -27.04 -34.23 -18.09
CA PHE A 214 -27.72 -33.77 -19.29
C PHE A 214 -26.63 -33.35 -20.27
N PRO A 215 -26.71 -33.86 -21.51
CA PRO A 215 -25.78 -33.42 -22.55
C PRO A 215 -25.80 -31.90 -22.69
N GLN A 216 -25.02 -31.22 -21.84
CA GLN A 216 -25.00 -29.76 -21.78
C GLN A 216 -24.21 -29.20 -22.96
N VAL A 217 -23.58 -30.09 -23.70
CA VAL A 217 -22.61 -29.72 -24.71
C VAL A 217 -23.19 -29.62 -26.14
N PRO A 218 -24.17 -30.46 -26.51
CA PRO A 218 -24.80 -30.24 -27.82
C PRO A 218 -25.89 -29.18 -27.82
N LEU A 219 -26.17 -28.61 -28.98
CA LEU A 219 -27.20 -27.57 -29.12
C LEU A 219 -28.18 -27.82 -30.25
N THR A 220 -29.32 -28.43 -29.92
CA THR A 220 -30.47 -28.55 -30.82
C THR A 220 -30.17 -28.97 -32.27
N PHE A 221 -30.54 -28.12 -33.21
CA PHE A 221 -30.67 -28.50 -34.61
C PHE A 221 -29.37 -28.78 -35.35
N GLU A 222 -28.44 -27.83 -35.32
CA GLU A 222 -27.16 -28.00 -36.00
C GLU A 222 -26.42 -29.21 -35.42
N THR A 223 -26.69 -29.49 -34.15
CA THR A 223 -26.18 -30.70 -33.52
C THR A 223 -26.85 -31.95 -34.12
N LEU A 224 -28.17 -31.90 -34.23
CA LEU A 224 -28.92 -33.01 -34.83
C LEU A 224 -28.39 -33.36 -36.20
N ALA A 225 -28.09 -32.33 -36.99
CA ALA A 225 -27.59 -32.50 -38.35
C ALA A 225 -26.20 -33.15 -38.39
N ILE A 226 -25.53 -33.22 -37.26
CA ILE A 226 -24.18 -33.78 -37.23
C ILE A 226 -24.10 -35.07 -36.42
N ILE A 227 -25.12 -35.36 -35.63
CA ILE A 227 -25.14 -36.59 -34.84
C ILE A 227 -26.13 -37.61 -35.39
N PHE A 228 -27.01 -37.20 -36.29
CA PHE A 228 -27.98 -38.13 -36.87
C PHE A 228 -27.36 -39.31 -37.62
N PRO A 229 -26.35 -39.08 -38.49
CA PRO A 229 -25.78 -40.24 -39.18
C PRO A 229 -25.15 -41.27 -38.25
N VAL A 230 -24.30 -40.82 -37.33
CA VAL A 230 -23.61 -41.73 -36.43
C VAL A 230 -24.60 -42.42 -35.48
N ALA A 231 -25.68 -41.71 -35.13
CA ALA A 231 -26.73 -42.32 -34.29
C ALA A 231 -27.45 -43.40 -35.06
N LEU A 232 -27.63 -43.16 -36.36
CA LEU A 232 -28.28 -44.12 -37.25
C LEU A 232 -27.44 -45.40 -37.37
N THR A 233 -26.16 -45.23 -37.68
CA THR A 233 -25.27 -46.37 -37.83
C THR A 233 -25.10 -47.13 -36.52
N LEU A 234 -24.93 -46.39 -35.42
CA LEU A 234 -24.82 -46.98 -34.10
C LEU A 234 -26.06 -47.80 -33.76
N SER A 235 -27.22 -47.23 -34.04
CA SER A 235 -28.49 -47.90 -33.76
C SER A 235 -28.59 -49.19 -34.56
N LEU A 236 -28.38 -49.10 -35.87
CA LEU A 236 -28.50 -50.26 -36.75
C LEU A 236 -27.53 -51.38 -36.36
N VAL A 237 -26.27 -51.01 -36.15
CA VAL A 237 -25.25 -51.98 -35.74
C VAL A 237 -25.61 -52.63 -34.41
N GLY A 238 -26.10 -51.81 -33.48
CA GLY A 238 -26.50 -52.29 -32.17
C GLY A 238 -27.66 -53.26 -32.22
N LEU A 239 -28.62 -52.97 -33.09
CA LEU A 239 -29.79 -53.84 -33.23
C LEU A 239 -29.45 -55.13 -33.95
N LEU A 240 -28.50 -55.06 -34.87
CA LEU A 240 -28.00 -56.26 -35.53
C LEU A 240 -27.28 -57.16 -34.54
N GLU A 241 -26.33 -56.57 -33.81
CA GLU A 241 -25.58 -57.28 -32.77
C GLU A 241 -26.53 -57.92 -31.75
N SER A 242 -27.49 -57.13 -31.29
CA SER A 242 -28.46 -57.62 -30.32
C SER A 242 -29.28 -58.76 -30.90
N LEU A 243 -29.65 -58.64 -32.18
CA LEU A 243 -30.42 -59.68 -32.85
C LEU A 243 -29.67 -60.99 -32.92
N LEU A 244 -28.45 -60.95 -33.43
CA LEU A 244 -27.66 -62.18 -33.61
C LEU A 244 -27.27 -62.79 -32.28
N THR A 245 -26.89 -61.95 -31.31
CA THR A 245 -26.56 -62.44 -29.98
C THR A 245 -27.77 -63.13 -29.37
N ALA A 246 -28.92 -62.46 -29.47
CA ALA A 246 -30.19 -63.04 -29.03
C ALA A 246 -30.37 -64.41 -29.64
N GLN A 247 -30.44 -64.49 -30.97
CA GLN A 247 -30.65 -65.75 -31.66
C GLN A 247 -29.66 -66.85 -31.28
N LEU A 248 -28.42 -66.48 -31.00
CA LEU A 248 -27.44 -67.47 -30.58
C LEU A 248 -27.76 -68.00 -29.19
N ILE A 249 -28.22 -67.10 -28.31
CA ILE A 249 -28.65 -67.55 -26.98
C ILE A 249 -29.92 -68.40 -27.10
N ASP A 250 -30.75 -68.08 -28.09
CA ASP A 250 -31.95 -68.84 -28.40
C ASP A 250 -31.59 -70.28 -28.77
N GLU A 251 -30.59 -70.41 -29.65
CA GLU A 251 -30.15 -71.71 -30.11
C GLU A 251 -29.48 -72.49 -28.98
N ARG A 252 -28.70 -71.80 -28.16
CA ARG A 252 -28.00 -72.44 -27.05
C ARG A 252 -28.97 -73.02 -26.02
N THR A 253 -30.09 -72.33 -25.82
CA THR A 253 -31.13 -72.79 -24.90
C THR A 253 -32.47 -72.88 -25.62
N ASP A 254 -33.49 -72.27 -25.02
CA ASP A 254 -34.81 -72.18 -25.64
C ASP A 254 -35.53 -70.91 -25.19
N THR A 255 -36.13 -70.20 -26.14
CA THR A 255 -36.89 -68.99 -25.84
C THR A 255 -37.74 -68.49 -27.00
N THR A 256 -38.77 -67.73 -26.66
CA THR A 256 -39.62 -67.06 -27.64
C THR A 256 -39.41 -65.55 -27.54
N SER A 257 -38.16 -65.17 -27.31
CA SER A 257 -37.78 -63.77 -27.06
C SER A 257 -38.27 -62.81 -28.15
N ASP A 258 -38.99 -61.78 -27.72
CA ASP A 258 -39.43 -60.73 -28.63
C ASP A 258 -38.27 -59.76 -28.86
N LYS A 259 -37.72 -59.79 -30.07
CA LYS A 259 -36.56 -58.97 -30.41
C LYS A 259 -36.90 -57.49 -30.41
N ASN A 260 -38.20 -57.19 -30.54
CA ASN A 260 -38.67 -55.81 -30.46
C ASN A 260 -38.52 -55.26 -29.05
N VAL A 261 -38.91 -56.05 -28.07
CA VAL A 261 -38.74 -55.68 -26.66
C VAL A 261 -37.27 -55.53 -26.32
N GLU A 262 -36.45 -56.43 -26.87
CA GLU A 262 -35.01 -56.38 -26.70
C GLU A 262 -34.44 -55.08 -27.27
N SER A 263 -34.93 -54.70 -28.45
CA SER A 263 -34.51 -53.47 -29.10
C SER A 263 -34.91 -52.25 -28.28
N ARG A 264 -36.12 -52.31 -27.72
CA ARG A 264 -36.61 -51.22 -26.86
C ARG A 264 -35.74 -51.06 -25.62
N GLY A 265 -35.47 -52.17 -24.94
CA GLY A 265 -34.63 -52.16 -23.76
C GLY A 265 -33.25 -51.62 -24.07
N GLN A 266 -32.71 -52.05 -25.21
CA GLN A 266 -31.45 -51.53 -25.72
C GLN A 266 -31.52 -50.01 -25.84
N GLY A 267 -32.62 -49.54 -26.42
CA GLY A 267 -32.83 -48.11 -26.63
C GLY A 267 -32.87 -47.31 -25.35
N VAL A 268 -33.77 -47.67 -24.44
CA VAL A 268 -33.89 -47.01 -23.15
C VAL A 268 -32.54 -47.00 -22.43
N ALA A 269 -31.87 -48.15 -22.45
CA ALA A 269 -30.55 -48.28 -21.86
C ALA A 269 -29.58 -47.25 -22.41
N ASN A 270 -29.46 -47.18 -23.73
CA ASN A 270 -28.57 -46.22 -24.36
C ASN A 270 -28.96 -44.77 -24.07
N ILE A 271 -30.26 -44.53 -23.97
CA ILE A 271 -30.78 -43.19 -23.66
C ILE A 271 -30.31 -42.71 -22.29
N VAL A 272 -30.65 -43.47 -21.25
CA VAL A 272 -30.28 -43.08 -19.89
C VAL A 272 -28.75 -43.08 -19.76
N THR A 273 -28.10 -43.96 -20.51
CA THR A 273 -26.64 -44.01 -20.56
C THR A 273 -26.07 -42.69 -21.05
N GLY A 274 -26.67 -42.16 -22.12
CA GLY A 274 -26.29 -40.88 -22.66
C GLY A 274 -26.58 -39.77 -21.69
N PHE A 275 -27.65 -39.91 -20.94
CA PHE A 275 -28.01 -38.91 -19.94
C PHE A 275 -27.20 -39.05 -18.65
N PHE A 276 -26.34 -40.05 -18.58
CA PHE A 276 -25.48 -40.22 -17.41
C PHE A 276 -24.00 -40.26 -17.77
N GLY A 277 -23.62 -39.52 -18.80
CA GLY A 277 -22.23 -39.42 -19.21
C GLY A 277 -21.63 -40.76 -19.57
N GLY A 278 -22.27 -41.47 -20.49
CA GLY A 278 -21.82 -42.79 -20.89
C GLY A 278 -21.63 -42.93 -22.38
N MET A 279 -21.06 -44.07 -22.78
CA MET A 279 -20.80 -44.34 -24.19
C MET A 279 -22.03 -44.97 -24.85
N ALA A 280 -21.84 -45.54 -26.04
CA ALA A 280 -22.89 -46.31 -26.70
C ALA A 280 -22.57 -47.79 -26.57
N GLY A 281 -23.60 -48.60 -26.35
CA GLY A 281 -23.39 -50.02 -26.14
C GLY A 281 -24.41 -50.91 -26.82
N CYS A 282 -24.06 -52.19 -26.95
CA CYS A 282 -24.96 -53.19 -27.52
C CYS A 282 -24.64 -54.56 -26.94
N ALA A 283 -25.23 -55.59 -27.54
CA ALA A 283 -25.01 -56.96 -27.10
C ALA A 283 -23.60 -57.43 -27.44
N MET A 284 -23.04 -58.27 -26.57
CA MET A 284 -21.71 -58.80 -26.78
C MET A 284 -21.75 -60.31 -26.95
N ILE A 285 -21.39 -60.77 -28.14
CA ILE A 285 -21.40 -62.19 -28.47
C ILE A 285 -20.54 -63.00 -27.51
N GLY A 286 -19.25 -62.72 -27.49
CA GLY A 286 -18.29 -63.47 -26.70
C GLY A 286 -18.64 -63.61 -25.23
N GLN A 287 -19.01 -62.51 -24.60
CA GLN A 287 -19.31 -62.51 -23.17
C GLN A 287 -20.65 -63.16 -22.87
N SER A 288 -21.59 -63.06 -23.80
CA SER A 288 -22.86 -63.76 -23.66
C SER A 288 -22.61 -65.27 -23.70
N MET A 289 -21.70 -65.68 -24.58
CA MET A 289 -21.36 -67.09 -24.72
C MET A 289 -20.61 -67.61 -23.49
N ILE A 290 -19.64 -66.83 -23.00
CA ILE A 290 -18.92 -67.19 -21.79
C ILE A 290 -19.88 -67.27 -20.61
N ASN A 291 -20.89 -66.40 -20.63
CA ASN A 291 -21.92 -66.41 -19.60
C ASN A 291 -22.78 -67.67 -19.62
N VAL A 292 -23.43 -67.93 -20.75
CA VAL A 292 -24.32 -69.07 -20.86
C VAL A 292 -23.57 -70.39 -20.66
N THR A 293 -22.30 -70.40 -21.07
CA THR A 293 -21.47 -71.59 -20.90
C THR A 293 -21.15 -71.84 -19.43
N SER A 294 -21.06 -70.76 -18.65
CA SER A 294 -20.69 -70.85 -17.24
C SER A 294 -21.90 -70.96 -16.32
N GLY A 295 -23.09 -71.05 -16.90
CA GLY A 295 -24.29 -71.31 -16.12
C GLY A 295 -25.25 -70.15 -15.99
N GLY A 296 -24.93 -69.02 -16.63
CA GLY A 296 -25.77 -67.84 -16.56
C GLY A 296 -26.93 -67.87 -17.54
N ARG A 297 -28.15 -67.84 -17.01
CA ARG A 297 -29.36 -67.85 -17.84
C ARG A 297 -30.47 -66.99 -17.26
N GLY A 298 -30.13 -66.17 -16.26
CA GLY A 298 -31.08 -65.30 -15.64
C GLY A 298 -30.74 -63.83 -15.84
N ARG A 299 -31.70 -62.96 -15.53
CA ARG A 299 -31.47 -61.52 -15.65
C ARG A 299 -30.51 -61.06 -14.56
N LEU A 300 -30.53 -61.77 -13.44
CA LEU A 300 -29.65 -61.49 -12.32
C LEU A 300 -28.19 -61.70 -12.74
N SER A 301 -27.96 -62.50 -13.77
CA SER A 301 -26.62 -62.72 -14.29
C SER A 301 -26.05 -61.42 -14.86
N THR A 302 -26.83 -60.78 -15.72
CA THR A 302 -26.42 -59.53 -16.35
C THR A 302 -26.38 -58.39 -15.33
N PHE A 303 -27.39 -58.36 -14.46
CA PHE A 303 -27.43 -57.37 -13.39
C PHE A 303 -26.18 -57.44 -12.53
N VAL A 304 -25.87 -58.63 -12.03
CA VAL A 304 -24.69 -58.85 -11.21
C VAL A 304 -23.43 -58.56 -12.02
N ALA A 305 -23.48 -58.79 -13.32
CA ALA A 305 -22.36 -58.44 -14.19
C ALA A 305 -22.06 -56.94 -14.06
N GLY A 306 -23.04 -56.10 -14.40
CA GLY A 306 -22.85 -54.67 -14.32
C GLY A 306 -22.54 -54.15 -12.92
N ALA A 307 -23.31 -54.61 -11.94
CA ALA A 307 -23.16 -54.17 -10.55
C ALA A 307 -21.79 -54.52 -9.99
N PHE A 308 -21.42 -55.79 -10.06
CA PHE A 308 -20.13 -56.24 -9.57
C PHE A 308 -19.00 -55.59 -10.37
N LEU A 309 -19.28 -55.26 -11.63
CA LEU A 309 -18.33 -54.48 -12.42
C LEU A 309 -18.06 -53.14 -11.75
N MET A 310 -19.13 -52.40 -11.45
CA MET A 310 -19.00 -51.09 -10.82
C MET A 310 -18.30 -51.17 -9.46
N VAL A 311 -18.78 -52.09 -8.62
CA VAL A 311 -18.21 -52.28 -7.29
C VAL A 311 -16.72 -52.62 -7.36
N LEU A 312 -16.36 -53.50 -8.28
CA LEU A 312 -14.98 -53.95 -8.39
C LEU A 312 -14.06 -52.87 -8.95
N ILE A 313 -14.54 -52.10 -9.93
CA ILE A 313 -13.70 -51.03 -10.48
C ILE A 313 -13.54 -49.91 -9.46
N LEU A 314 -14.55 -49.72 -8.61
CA LEU A 314 -14.42 -48.74 -7.53
C LEU A 314 -13.48 -49.25 -6.45
N ALA A 315 -13.45 -50.56 -6.27
CA ALA A 315 -12.59 -51.17 -5.24
C ALA A 315 -11.12 -51.15 -5.63
N LEU A 316 -10.84 -51.49 -6.89
CA LEU A 316 -9.46 -51.64 -7.34
C LEU A 316 -8.92 -50.41 -8.06
N GLN A 317 -9.66 -49.30 -7.97
CA GLN A 317 -9.30 -48.05 -8.65
C GLN A 317 -7.80 -47.66 -8.57
N PRO A 318 -7.25 -47.55 -7.34
CA PRO A 318 -5.83 -47.14 -7.27
C PRO A 318 -4.92 -48.21 -7.85
N LEU A 319 -5.34 -49.47 -7.76
CA LEU A 319 -4.61 -50.57 -8.35
C LEU A 319 -4.91 -50.63 -9.85
N LEU A 320 -6.12 -50.23 -10.22
CA LEU A 320 -6.53 -50.24 -11.62
C LEU A 320 -5.69 -49.28 -12.46
N VAL A 321 -5.47 -48.06 -11.96
CA VAL A 321 -4.71 -47.08 -12.72
C VAL A 321 -3.24 -47.46 -12.87
N GLN A 322 -2.81 -48.50 -12.16
CA GLN A 322 -1.41 -48.94 -12.21
C GLN A 322 -1.20 -50.03 -13.25
N ILE A 323 -2.28 -50.50 -13.86
CA ILE A 323 -2.20 -51.57 -14.85
C ILE A 323 -1.48 -51.10 -16.11
N PRO A 324 -0.37 -51.76 -16.47
CA PRO A 324 0.42 -51.41 -17.65
C PRO A 324 -0.36 -51.55 -18.95
N MET A 325 -0.03 -50.70 -19.93
CA MET A 325 -0.77 -50.69 -21.20
C MET A 325 -0.43 -51.87 -22.09
N ALA A 326 0.67 -52.56 -21.80
CA ALA A 326 1.08 -53.71 -22.59
C ALA A 326 0.11 -54.88 -22.41
N ALA A 327 -0.39 -55.04 -21.19
CA ALA A 327 -1.35 -56.09 -20.90
C ALA A 327 -2.63 -55.89 -21.69
N LEU A 328 -3.20 -54.69 -21.58
CA LEU A 328 -4.45 -54.38 -22.26
C LEU A 328 -4.28 -54.36 -23.78
N VAL A 329 -3.11 -53.96 -24.25
CA VAL A 329 -2.85 -53.95 -25.69
C VAL A 329 -2.70 -55.40 -26.17
N ALA A 330 -2.30 -56.29 -25.28
CA ALA A 330 -2.24 -57.71 -25.60
C ALA A 330 -3.65 -58.30 -25.68
N VAL A 331 -4.48 -57.97 -24.69
CA VAL A 331 -5.87 -58.43 -24.66
C VAL A 331 -6.62 -57.96 -25.90
N MET A 332 -6.41 -56.70 -26.27
CA MET A 332 -7.02 -56.16 -27.48
C MET A 332 -6.44 -56.84 -28.71
N MET A 333 -5.14 -57.14 -28.65
CA MET A 333 -4.46 -57.79 -29.75
C MET A 333 -5.06 -59.16 -30.03
N VAL A 334 -5.50 -59.87 -28.98
CA VAL A 334 -6.08 -61.18 -29.20
C VAL A 334 -7.58 -61.09 -29.50
N VAL A 335 -8.25 -60.06 -28.99
CA VAL A 335 -9.67 -59.92 -29.24
C VAL A 335 -9.87 -59.59 -30.73
N ALA A 336 -8.96 -58.79 -31.29
CA ALA A 336 -8.93 -58.51 -32.72
C ALA A 336 -8.81 -59.80 -33.55
N ILE A 337 -7.82 -60.62 -33.22
CA ILE A 337 -7.60 -61.89 -33.90
C ILE A 337 -8.84 -62.78 -33.81
N SER A 338 -9.44 -62.86 -32.63
CA SER A 338 -10.65 -63.62 -32.45
C SER A 338 -11.77 -63.09 -33.33
N THR A 339 -11.81 -61.77 -33.53
CA THR A 339 -12.90 -61.17 -34.28
C THR A 339 -12.74 -61.36 -35.80
N PHE A 340 -11.54 -61.16 -36.34
CA PHE A 340 -11.35 -61.12 -37.79
C PHE A 340 -11.61 -62.43 -38.51
N ASP A 341 -10.77 -63.43 -38.24
CA ASP A 341 -10.72 -64.68 -39.01
C ASP A 341 -12.07 -65.25 -39.42
N TRP A 342 -12.33 -65.24 -40.72
CA TRP A 342 -13.55 -65.78 -41.29
C TRP A 342 -13.27 -66.86 -42.31
N GLY A 343 -14.25 -67.11 -43.17
CA GLY A 343 -14.06 -68.01 -44.30
C GLY A 343 -13.47 -67.26 -45.47
N SER A 344 -12.15 -67.24 -45.54
CA SER A 344 -11.46 -66.61 -46.67
C SER A 344 -11.60 -67.48 -47.90
N LEU A 345 -12.80 -67.48 -48.49
CA LEU A 345 -13.16 -68.40 -49.55
C LEU A 345 -12.18 -68.37 -50.73
N ARG A 346 -12.00 -69.53 -51.36
CA ARG A 346 -11.07 -69.67 -52.47
C ARG A 346 -11.62 -69.02 -53.74
N PHE A 351 -18.04 -68.59 -55.81
CA PHE A 351 -18.73 -67.69 -54.90
C PHE A 351 -19.00 -66.35 -55.56
N PRO A 352 -20.18 -65.76 -55.31
CA PRO A 352 -20.63 -64.49 -55.91
C PRO A 352 -19.58 -63.40 -55.85
N LYS A 353 -19.13 -62.93 -57.02
CA LYS A 353 -18.07 -61.93 -57.10
C LYS A 353 -18.52 -60.62 -56.47
N GLY A 354 -19.79 -60.28 -56.63
CA GLY A 354 -20.33 -59.03 -56.12
C GLY A 354 -20.26 -58.92 -54.60
N GLU A 355 -20.61 -60.00 -53.91
CA GLU A 355 -20.63 -60.00 -52.45
C GLU A 355 -19.20 -59.86 -51.89
N THR A 356 -18.27 -60.61 -52.47
CA THR A 356 -16.85 -60.50 -52.13
C THR A 356 -16.37 -59.08 -52.37
N VAL A 357 -16.82 -58.49 -53.48
CA VAL A 357 -16.53 -57.10 -53.81
C VAL A 357 -17.02 -56.17 -52.72
N VAL A 358 -18.22 -56.44 -52.20
CA VAL A 358 -18.77 -55.62 -51.12
C VAL A 358 -17.91 -55.72 -49.86
N MET A 359 -17.62 -56.94 -49.43
CA MET A 359 -16.80 -57.16 -48.23
C MET A 359 -15.46 -56.47 -48.34
N LEU A 360 -14.73 -56.76 -49.42
CA LEU A 360 -13.40 -56.18 -49.63
C LEU A 360 -13.46 -54.67 -49.77
N ALA A 361 -14.57 -54.16 -50.31
CA ALA A 361 -14.76 -52.72 -50.42
C ALA A 361 -14.82 -52.10 -49.04
N THR A 362 -15.71 -52.61 -48.20
CA THR A 362 -15.85 -52.14 -46.83
C THR A 362 -14.51 -52.21 -46.09
N VAL A 363 -13.86 -53.37 -46.18
CA VAL A 363 -12.57 -53.60 -45.53
C VAL A 363 -11.53 -52.57 -45.95
N ALA A 364 -11.29 -52.48 -47.26
CA ALA A 364 -10.26 -51.58 -47.80
C ALA A 364 -10.54 -50.12 -47.48
N VAL A 365 -11.79 -49.70 -47.64
CA VAL A 365 -12.17 -48.31 -47.36
C VAL A 365 -11.96 -47.96 -45.89
N THR A 366 -12.41 -48.85 -45.01
CA THR A 366 -12.22 -48.63 -43.57
C THR A 366 -10.74 -48.60 -43.20
N VAL A 367 -9.97 -49.50 -43.79
CA VAL A 367 -8.53 -49.56 -43.55
C VAL A 367 -7.83 -48.26 -43.97
N PHE A 368 -8.17 -47.77 -45.16
CA PHE A 368 -7.52 -46.58 -45.69
C PHE A 368 -7.94 -45.30 -44.98
N THR A 369 -9.22 -45.18 -44.66
CA THR A 369 -9.75 -43.94 -44.12
C THR A 369 -9.76 -43.93 -42.58
N HIS A 370 -9.64 -45.11 -41.99
CA HIS A 370 -9.76 -45.28 -40.53
C HIS A 370 -11.13 -44.82 -40.05
N ASP A 371 -12.14 -45.05 -40.88
CA ASP A 371 -13.52 -44.70 -40.55
C ASP A 371 -14.45 -45.87 -40.84
N LEU A 372 -14.92 -46.52 -39.79
CA LEU A 372 -15.79 -47.69 -39.92
C LEU A 372 -17.13 -47.29 -40.51
N SER A 373 -17.59 -46.10 -40.16
CA SER A 373 -18.87 -45.57 -40.64
C SER A 373 -18.89 -45.46 -42.16
N LEU A 374 -17.77 -45.06 -42.75
CA LEU A 374 -17.67 -44.94 -44.20
C LEU A 374 -17.73 -46.30 -44.87
N GLY A 375 -17.04 -47.28 -44.29
CA GLY A 375 -17.08 -48.64 -44.79
C GLY A 375 -18.49 -49.17 -44.79
N VAL A 376 -19.20 -48.94 -43.67
CA VAL A 376 -20.60 -49.31 -43.57
C VAL A 376 -21.43 -48.63 -44.66
N LEU A 377 -21.18 -47.34 -44.85
CA LEU A 377 -21.91 -46.54 -45.83
C LEU A 377 -21.77 -47.09 -47.25
N ILE A 378 -20.53 -47.32 -47.67
CA ILE A 378 -20.27 -47.83 -49.01
C ILE A 378 -20.79 -49.26 -49.15
N GLY A 379 -20.80 -49.99 -48.04
CA GLY A 379 -21.38 -51.33 -48.03
C GLY A 379 -22.86 -51.24 -48.36
N VAL A 380 -23.54 -50.32 -47.68
CA VAL A 380 -24.97 -50.10 -47.90
C VAL A 380 -25.27 -49.71 -49.34
N VAL A 381 -24.56 -48.70 -49.85
CA VAL A 381 -24.86 -48.21 -51.20
C VAL A 381 -24.50 -49.24 -52.28
N LEU A 382 -23.43 -49.99 -52.06
CA LEU A 382 -23.04 -51.03 -53.02
C LEU A 382 -24.08 -52.15 -53.04
N SER A 383 -24.46 -52.61 -51.86
CA SER A 383 -25.50 -53.63 -51.75
C SER A 383 -26.79 -53.15 -52.40
N ALA A 384 -27.06 -51.85 -52.27
CA ALA A 384 -28.24 -51.25 -52.88
C ALA A 384 -28.15 -51.27 -54.41
N LEU A 385 -26.98 -50.95 -54.94
CA LEU A 385 -26.77 -50.97 -56.39
C LEU A 385 -26.93 -52.38 -56.95
N PHE A 386 -26.24 -53.34 -56.34
CA PHE A 386 -26.35 -54.74 -56.74
C PHE A 386 -27.80 -55.21 -56.66
N PHE A 387 -28.51 -54.73 -55.64
CA PHE A 387 -29.92 -55.04 -55.47
C PHE A 387 -30.72 -54.52 -56.66
N ALA A 388 -30.48 -53.26 -57.03
CA ALA A 388 -31.15 -52.65 -58.17
C ALA A 388 -30.83 -53.40 -59.47
N ARG A 389 -29.66 -54.03 -59.51
CA ARG A 389 -29.26 -54.81 -60.67
C ARG A 389 -29.92 -56.18 -60.67
N LYS A 390 -30.27 -56.67 -59.49
CA LYS A 390 -30.97 -57.95 -59.37
C LYS A 390 -32.46 -57.80 -59.62
N VAL A 391 -32.98 -56.59 -59.37
CA VAL A 391 -34.42 -56.37 -59.36
C VAL A 391 -34.94 -55.63 -60.60
N GLN B 14 2.48 64.37 64.56
CA GLN B 14 2.26 63.45 63.46
C GLN B 14 2.54 64.12 62.12
N ARG B 15 2.17 65.40 62.03
CA ARG B 15 2.36 66.21 60.82
C ARG B 15 1.89 65.51 59.55
N GLU B 16 0.58 65.37 59.39
CA GLU B 16 0.01 64.78 58.19
C GLU B 16 -1.16 65.64 57.71
N TRP B 17 -1.15 65.98 56.42
CA TRP B 17 -2.02 67.04 55.91
C TRP B 17 -2.87 66.62 54.72
N PHE B 18 -3.74 67.52 54.29
CA PHE B 18 -4.56 67.35 53.10
C PHE B 18 -4.68 68.66 52.34
N ALA B 19 -3.64 69.48 52.44
CA ALA B 19 -3.66 70.82 51.85
C ALA B 19 -3.65 70.79 50.32
N ASN B 20 -4.32 71.78 49.73
CA ASN B 20 -4.40 71.94 48.28
C ASN B 20 -4.85 70.68 47.53
N PRO B 21 -6.09 70.22 47.77
CA PRO B 21 -6.59 69.04 47.07
C PRO B 21 -6.87 69.34 45.60
N ARG B 22 -7.40 70.53 45.34
CA ARG B 22 -7.75 70.98 43.99
C ARG B 22 -6.60 70.84 43.00
N LYS B 23 -5.40 71.21 43.43
CA LYS B 23 -4.23 71.15 42.56
C LYS B 23 -3.52 69.80 42.61
N ASP B 24 -3.52 69.18 43.78
CA ASP B 24 -2.88 67.87 43.95
C ASP B 24 -3.56 66.80 43.09
N VAL B 25 -4.88 66.74 43.15
CA VAL B 25 -5.66 65.78 42.37
C VAL B 25 -5.41 65.96 40.88
N LEU B 26 -5.52 67.21 40.43
CA LEU B 26 -5.30 67.54 39.02
C LEU B 26 -3.91 67.13 38.54
N ALA B 27 -2.90 67.52 39.32
CA ALA B 27 -1.52 67.18 39.01
C ALA B 27 -1.35 65.66 38.90
N GLY B 28 -1.91 64.95 39.88
CA GLY B 28 -1.88 63.50 39.88
C GLY B 28 -2.49 62.91 38.62
N ILE B 29 -3.60 63.52 38.18
CA ILE B 29 -4.25 63.11 36.94
C ILE B 29 -3.30 63.28 35.76
N VAL B 30 -2.71 64.47 35.64
CA VAL B 30 -1.78 64.76 34.55
C VAL B 30 -0.62 63.75 34.50
N VAL B 31 0.06 63.60 35.63
CA VAL B 31 1.21 62.70 35.68
C VAL B 31 0.80 61.24 35.53
N ALA B 32 -0.48 60.94 35.78
CA ALA B 32 -1.00 59.59 35.54
C ALA B 32 -1.12 59.34 34.04
N LEU B 33 -1.72 60.30 33.34
CA LEU B 33 -1.82 60.25 31.89
C LEU B 33 -0.43 60.14 31.28
N ALA B 34 0.54 60.80 31.91
CA ALA B 34 1.93 60.68 31.47
C ALA B 34 2.54 59.35 31.92
N LEU B 35 1.89 58.69 32.87
CA LEU B 35 2.46 57.48 33.48
C LEU B 35 2.10 56.20 32.75
N ILE B 36 0.88 56.13 32.21
CA ILE B 36 0.43 54.93 31.48
C ILE B 36 1.43 54.42 30.41
N PRO B 37 1.78 55.28 29.42
CA PRO B 37 2.61 54.76 28.33
C PRO B 37 4.00 54.36 28.81
N GLU B 38 4.50 55.05 29.83
CA GLU B 38 5.79 54.73 30.41
C GLU B 38 5.81 53.30 30.92
N ALA B 39 4.84 52.95 31.75
CA ALA B 39 4.77 51.63 32.35
C ALA B 39 4.54 50.55 31.29
N ILE B 40 3.62 50.80 30.37
CA ILE B 40 3.37 49.84 29.29
C ILE B 40 4.64 49.57 28.49
N ALA B 41 5.25 50.64 27.99
CA ALA B 41 6.46 50.55 27.19
C ALA B 41 7.58 49.84 27.93
N PHE B 42 7.89 50.31 29.15
CA PHE B 42 8.94 49.70 29.96
C PHE B 42 8.68 48.22 30.21
N SER B 43 7.40 47.85 30.32
CA SER B 43 7.04 46.46 30.45
C SER B 43 7.43 45.69 29.19
N ILE B 44 7.11 46.25 28.03
CA ILE B 44 7.47 45.60 26.77
C ILE B 44 8.99 45.48 26.60
N ILE B 45 9.70 46.53 26.98
CA ILE B 45 11.16 46.59 26.89
C ILE B 45 11.81 45.49 27.74
N ALA B 46 11.23 45.24 28.91
CA ALA B 46 11.75 44.24 29.82
C ALA B 46 11.16 42.85 29.53
N GLY B 47 10.60 42.69 28.33
CA GLY B 47 10.05 41.41 27.91
C GLY B 47 9.00 40.84 28.83
N VAL B 48 7.97 41.64 29.12
CA VAL B 48 6.92 41.23 30.04
C VAL B 48 5.61 41.95 29.68
N ASP B 49 4.50 41.47 30.23
CA ASP B 49 3.20 42.08 29.97
C ASP B 49 3.09 43.46 30.60
N PRO B 50 2.50 44.43 29.86
CA PRO B 50 2.14 45.77 30.34
C PRO B 50 1.48 45.76 31.73
N GLN B 51 0.70 44.71 31.99
CA GLN B 51 0.01 44.51 33.26
C GLN B 51 0.94 44.66 34.46
N VAL B 52 2.13 44.07 34.34
CA VAL B 52 3.12 44.11 35.42
C VAL B 52 3.56 45.54 35.71
N GLY B 53 3.84 46.30 34.65
CA GLY B 53 4.27 47.68 34.79
C GLY B 53 3.18 48.58 35.34
N LEU B 54 1.97 48.44 34.83
CA LEU B 54 0.85 49.26 35.29
C LEU B 54 0.53 48.96 36.76
N TYR B 55 0.47 47.68 37.10
CA TYR B 55 0.30 47.24 38.48
C TYR B 55 1.37 47.87 39.36
N ALA B 56 2.62 47.73 38.93
CA ALA B 56 3.77 48.29 39.66
C ALA B 56 3.56 49.77 39.94
N SER B 57 3.33 50.55 38.89
CA SER B 57 3.09 51.98 39.02
C SER B 57 2.01 52.27 40.04
N PHE B 58 0.86 51.61 39.89
CA PHE B 58 -0.25 51.77 40.82
C PHE B 58 0.12 51.55 42.28
N ILE B 59 0.53 50.32 42.60
CA ILE B 59 0.74 49.94 43.99
C ILE B 59 1.92 50.70 44.60
N ILE B 60 2.97 50.95 43.82
CA ILE B 60 4.11 51.73 44.30
C ILE B 60 3.66 53.15 44.62
N ALA B 61 2.93 53.76 43.70
CA ALA B 61 2.41 55.12 43.93
C ALA B 61 1.60 55.18 45.21
N LEU B 62 0.75 54.16 45.42
CA LEU B 62 -0.05 54.07 46.64
C LEU B 62 0.81 54.04 47.90
N ILE B 63 1.62 52.98 48.02
CA ILE B 63 2.41 52.76 49.22
C ILE B 63 3.38 53.90 49.49
N THR B 64 3.94 54.50 48.44
CA THR B 64 4.82 55.63 48.62
C THR B 64 4.04 56.86 49.05
N ALA B 65 2.79 56.95 48.58
CA ALA B 65 1.91 58.04 48.98
C ALA B 65 1.68 57.97 50.49
N PHE B 66 1.61 56.75 51.03
CA PHE B 66 1.38 56.61 52.46
C PHE B 66 2.64 56.58 53.35
N LEU B 67 3.74 56.07 52.82
CA LEU B 67 4.94 55.85 53.64
C LEU B 67 6.19 56.54 53.10
N GLY B 68 6.02 57.31 52.03
CA GLY B 68 7.16 58.00 51.42
C GLY B 68 7.64 59.16 52.27
N GLY B 69 8.89 59.57 52.06
CA GLY B 69 9.48 60.65 52.82
C GLY B 69 9.22 62.01 52.23
N ARG B 70 9.31 62.11 50.91
CA ARG B 70 9.14 63.39 50.22
C ARG B 70 7.81 63.43 49.45
N PRO B 71 6.84 64.21 49.95
CA PRO B 71 5.52 64.37 49.33
C PRO B 71 5.60 65.09 47.99
N GLY B 72 4.83 64.61 47.02
CA GLY B 72 4.82 65.21 45.70
C GLY B 72 5.78 64.56 44.74
N MET B 73 6.43 63.48 45.20
CA MET B 73 7.38 62.75 44.38
C MET B 73 6.76 61.46 43.85
N ILE B 74 6.67 61.35 42.53
CA ILE B 74 6.09 60.17 41.91
C ILE B 74 7.08 59.02 41.83
N SER B 75 6.72 57.89 42.44
CA SER B 75 7.47 56.66 42.29
C SER B 75 6.58 55.64 41.58
N ALA B 76 7.01 55.20 40.39
CA ALA B 76 6.20 54.29 39.60
C ALA B 76 7.04 53.19 38.97
N ALA B 77 7.21 53.26 37.65
CA ALA B 77 8.01 52.28 36.93
C ALA B 77 8.89 52.97 35.89
N THR B 78 10.20 52.88 36.07
CA THR B 78 11.15 53.53 35.17
C THR B 78 12.06 52.51 34.47
N GLY B 79 12.70 52.95 33.40
CA GLY B 79 13.64 52.11 32.68
C GLY B 79 14.83 51.75 33.55
N ALA B 80 15.18 52.66 34.46
CA ALA B 80 16.28 52.45 35.39
C ALA B 80 16.14 51.15 36.18
N MET B 81 14.91 50.68 36.32
CA MET B 81 14.64 49.40 36.95
C MET B 81 14.48 48.30 35.91
N ALA B 82 13.73 48.60 34.86
CA ALA B 82 13.37 47.61 33.84
C ALA B 82 14.57 46.98 33.15
N LEU B 83 15.52 47.82 32.73
CA LEU B 83 16.68 47.35 31.99
C LEU B 83 17.63 46.52 32.86
N LEU B 84 17.33 46.40 34.14
CA LEU B 84 18.11 45.55 35.04
C LEU B 84 17.42 44.21 35.26
N MET B 85 16.14 44.13 34.87
CA MET B 85 15.37 42.90 35.01
C MET B 85 15.21 42.19 33.67
N THR B 86 15.42 42.93 32.58
CA THR B 86 15.29 42.39 31.23
C THR B 86 16.14 41.15 30.97
N GLY B 87 17.22 41.00 31.75
CA GLY B 87 18.08 39.84 31.63
C GLY B 87 17.61 38.70 32.52
N LEU B 88 16.96 39.07 33.63
CA LEU B 88 16.45 38.07 34.56
C LEU B 88 15.20 37.38 34.02
N VAL B 89 14.44 38.10 33.19
CA VAL B 89 13.18 37.56 32.69
C VAL B 89 13.35 36.58 31.53
N LYS B 90 14.44 36.71 30.78
CA LYS B 90 14.66 35.84 29.62
C LYS B 90 15.54 34.65 29.98
N ASP B 91 16.02 34.64 31.21
CA ASP B 91 16.88 33.55 31.68
C ASP B 91 16.20 32.71 32.76
N HIS B 92 15.25 33.31 33.47
CA HIS B 92 14.57 32.61 34.56
C HIS B 92 13.07 32.85 34.55
N GLY B 93 12.63 33.97 33.97
CA GLY B 93 11.23 34.26 33.85
C GLY B 93 10.81 35.58 34.46
N ILE B 94 9.55 35.96 34.19
CA ILE B 94 9.00 37.22 34.67
C ILE B 94 8.64 37.15 36.15
N GLN B 95 8.95 36.02 36.77
CA GLN B 95 8.51 35.73 38.13
C GLN B 95 9.66 35.66 39.12
N TYR B 96 10.83 35.23 38.63
CA TYR B 96 12.06 35.42 39.39
C TYR B 96 12.23 36.92 39.58
N LEU B 97 11.66 37.67 38.65
CA LEU B 97 11.50 39.11 38.77
C LEU B 97 10.74 39.47 40.04
N PHE B 98 9.61 38.81 40.28
CA PHE B 98 8.79 39.07 41.46
C PHE B 98 9.59 38.87 42.74
N ALA B 99 10.25 37.72 42.82
CA ALA B 99 11.14 37.41 43.94
C ALA B 99 12.18 38.51 44.12
N ALA B 100 12.78 38.92 43.01
CA ALA B 100 13.83 39.93 43.03
C ALA B 100 13.31 41.29 43.50
N THR B 101 12.05 41.59 43.22
CA THR B 101 11.45 42.85 43.63
C THR B 101 11.14 42.82 45.12
N VAL B 102 10.63 41.67 45.59
CA VAL B 102 10.41 41.48 47.01
C VAL B 102 11.71 41.66 47.79
N LEU B 103 12.73 40.90 47.38
CA LEU B 103 14.04 40.98 48.02
C LEU B 103 14.64 42.37 47.90
N THR B 104 14.37 43.04 46.78
CA THR B 104 14.82 44.41 46.58
C THR B 104 14.26 45.32 47.64
N GLY B 105 12.94 45.26 47.82
CA GLY B 105 12.27 46.03 48.84
C GLY B 105 12.81 45.72 50.23
N VAL B 106 13.10 44.45 50.47
CA VAL B 106 13.70 44.03 51.74
C VAL B 106 15.05 44.70 51.95
N LEU B 107 15.87 44.72 50.90
CA LEU B 107 17.19 45.34 50.97
C LEU B 107 17.07 46.85 51.19
N GLN B 108 15.99 47.44 50.66
CA GLN B 108 15.77 48.87 50.79
C GLN B 108 15.33 49.25 52.21
N VAL B 109 14.43 48.46 52.80
CA VAL B 109 14.02 48.73 54.17
C VAL B 109 15.16 48.38 55.14
N VAL B 110 16.03 47.48 54.73
CA VAL B 110 17.24 47.19 55.51
C VAL B 110 18.16 48.41 55.45
N PHE B 111 18.29 48.98 54.27
CA PHE B 111 19.14 50.15 54.06
C PHE B 111 18.62 51.35 54.83
N GLY B 112 17.31 51.46 54.92
CA GLY B 112 16.69 52.56 55.65
C GLY B 112 16.73 52.37 57.16
N TRP B 113 16.62 51.12 57.59
CA TRP B 113 16.65 50.79 59.02
C TRP B 113 18.04 51.00 59.59
N ALA B 114 19.06 50.80 58.77
CA ALA B 114 20.44 50.95 59.20
C ALA B 114 20.92 52.39 59.08
N LYS B 115 20.08 53.22 58.47
CA LYS B 115 20.37 54.64 58.28
C LYS B 115 21.68 54.86 57.52
N LEU B 116 21.67 54.55 56.22
CA LEU B 116 22.89 54.58 55.43
C LEU B 116 22.77 55.43 54.17
N ALA B 117 21.73 56.26 54.10
CA ALA B 117 21.48 57.08 52.92
C ALA B 117 22.62 58.09 52.68
N ARG B 118 23.19 58.59 53.76
CA ARG B 118 24.25 59.60 53.68
C ARG B 118 25.47 59.10 52.91
N TYR B 119 25.59 57.78 52.79
CA TYR B 119 26.73 57.17 52.11
C TYR B 119 26.56 57.21 50.59
N LEU B 120 25.36 57.51 50.13
CA LEU B 120 25.07 57.57 48.69
C LEU B 120 25.91 58.65 47.99
N LYS B 121 26.43 59.59 48.77
CA LYS B 121 27.28 60.64 48.22
C LYS B 121 28.61 60.07 47.74
N PHE B 122 29.04 58.96 48.35
CA PHE B 122 30.32 58.35 47.99
C PHE B 122 30.31 57.73 46.60
N VAL B 123 29.12 57.47 46.08
CA VAL B 123 28.97 56.92 44.74
C VAL B 123 29.50 57.89 43.68
N PRO B 124 30.53 57.47 42.92
CA PRO B 124 31.18 58.29 41.90
C PRO B 124 30.21 58.84 40.86
N ARG B 125 30.42 60.10 40.48
CA ARG B 125 29.57 60.74 39.48
C ARG B 125 29.75 60.09 38.11
N SER B 126 30.96 59.59 37.84
CA SER B 126 31.25 58.93 36.58
C SER B 126 30.39 57.68 36.39
N VAL B 127 30.28 56.90 37.45
CA VAL B 127 29.43 55.70 37.44
C VAL B 127 27.97 56.06 37.15
N MET B 128 27.50 57.13 37.77
CA MET B 128 26.11 57.55 37.62
C MET B 128 25.80 58.07 36.22
N VAL B 129 26.64 58.98 35.72
CA VAL B 129 26.43 59.54 34.39
C VAL B 129 26.58 58.44 33.34
N GLY B 130 27.50 57.51 33.58
CA GLY B 130 27.66 56.36 32.70
C GLY B 130 26.40 55.53 32.68
N PHE B 131 25.84 55.30 33.86
CA PHE B 131 24.59 54.56 34.00
C PHE B 131 23.47 55.23 33.22
N VAL B 132 23.39 56.56 33.30
CA VAL B 132 22.36 57.31 32.58
C VAL B 132 22.51 57.17 31.07
N ASN B 133 23.72 57.42 30.58
CA ASN B 133 24.01 57.29 29.15
C ASN B 133 23.65 55.90 28.63
N ALA B 134 24.25 54.88 29.25
CA ALA B 134 24.01 53.50 28.90
C ALA B 134 22.52 53.18 28.90
N LEU B 135 21.83 53.65 29.93
CA LEU B 135 20.38 53.49 30.05
C LEU B 135 19.67 54.01 28.80
N ALA B 136 19.92 55.29 28.49
CA ALA B 136 19.23 55.94 27.39
C ALA B 136 19.49 55.26 26.04
N ILE B 137 20.76 55.02 25.72
CA ILE B 137 21.07 54.39 24.44
C ILE B 137 20.56 52.96 24.40
N LEU B 138 20.39 52.33 25.55
CA LEU B 138 19.81 51.00 25.62
C LEU B 138 18.31 51.07 25.36
N ILE B 139 17.68 52.16 25.80
CA ILE B 139 16.29 52.41 25.47
C ILE B 139 16.14 52.54 23.97
N PHE B 140 16.98 53.39 23.38
CA PHE B 140 16.95 53.63 21.95
C PHE B 140 17.20 52.35 21.16
N MET B 141 18.08 51.49 21.67
CA MET B 141 18.35 50.21 21.03
C MET B 141 17.19 49.24 21.19
N ALA B 142 16.45 49.39 22.29
CA ALA B 142 15.30 48.54 22.54
C ALA B 142 14.15 48.87 21.60
N GLN B 143 14.21 50.06 21.01
CA GLN B 143 13.19 50.49 20.06
C GLN B 143 13.46 49.93 18.67
N LEU B 144 14.66 49.39 18.50
CA LEU B 144 15.08 48.87 17.19
C LEU B 144 14.39 47.57 16.75
N PRO B 145 14.15 46.60 17.67
CA PRO B 145 13.47 45.38 17.21
C PRO B 145 12.04 45.59 16.69
N GLN B 146 11.55 46.83 16.73
CA GLN B 146 10.25 47.15 16.16
C GLN B 146 10.38 47.59 14.72
N PHE B 147 11.62 47.62 14.23
CA PHE B 147 11.90 48.06 12.86
C PHE B 147 12.43 46.92 11.97
N VAL B 148 12.78 45.80 12.59
CA VAL B 148 13.30 44.67 11.81
C VAL B 148 12.22 44.08 10.93
N GLY B 149 11.00 44.02 11.45
CA GLY B 149 9.83 43.70 10.65
C GLY B 149 9.14 45.02 10.34
N ALA B 150 9.39 45.55 9.15
CA ALA B 150 9.06 46.94 8.86
C ALA B 150 8.01 47.13 7.77
N ASN B 151 6.87 47.69 8.16
CA ASN B 151 5.92 48.23 7.21
C ASN B 151 6.05 49.74 7.23
N TRP B 152 5.85 50.39 6.08
CA TRP B 152 6.10 51.83 5.99
C TRP B 152 5.14 52.65 6.85
N GLN B 153 4.08 52.03 7.33
CA GLN B 153 3.19 52.68 8.30
C GLN B 153 3.93 52.91 9.61
N MET B 154 4.79 51.97 9.98
CA MET B 154 5.61 52.09 11.18
C MET B 154 6.49 53.33 11.08
N TYR B 155 7.26 53.43 9.99
CA TYR B 155 8.14 54.56 9.73
C TYR B 155 7.38 55.88 9.67
N ALA B 156 6.29 55.90 8.92
CA ALA B 156 5.51 57.11 8.73
C ALA B 156 4.91 57.60 10.04
N MET B 157 4.39 56.67 10.85
CA MET B 157 3.72 57.04 12.09
C MET B 157 4.71 57.38 13.20
N VAL B 158 5.91 56.79 13.17
CA VAL B 158 6.91 57.13 14.18
C VAL B 158 7.54 58.48 13.82
N ALA B 159 7.71 58.74 12.53
CA ALA B 159 8.26 60.02 12.07
C ALA B 159 7.27 61.13 12.34
N ALA B 160 5.99 60.88 12.03
CA ALA B 160 4.94 61.84 12.30
C ALA B 160 4.75 61.99 13.81
N GLY B 161 5.10 60.95 14.56
CA GLY B 161 5.04 60.99 16.00
C GLY B 161 6.07 61.95 16.56
N LEU B 162 7.33 61.77 16.14
CA LEU B 162 8.39 62.69 16.53
C LEU B 162 8.05 64.11 16.11
N ALA B 163 7.51 64.24 14.89
CA ALA B 163 7.13 65.52 14.34
C ALA B 163 6.09 66.23 15.21
N ILE B 164 5.02 65.53 15.55
CA ILE B 164 3.94 66.14 16.32
C ILE B 164 4.36 66.35 17.78
N ILE B 165 5.32 65.56 18.26
CA ILE B 165 5.79 65.73 19.62
C ILE B 165 6.71 66.95 19.72
N TYR B 166 7.45 67.23 18.66
CA TYR B 166 8.42 68.32 18.69
C TYR B 166 7.94 69.65 18.11
N LEU B 167 6.89 69.62 17.29
CA LEU B 167 6.45 70.81 16.57
C LEU B 167 5.15 71.40 17.11
N LEU B 168 4.30 70.55 17.67
CA LEU B 168 3.03 71.00 18.25
C LEU B 168 3.15 71.83 19.54
N PRO B 169 4.02 71.43 20.49
CA PRO B 169 4.02 72.17 21.76
C PRO B 169 4.46 73.63 21.67
N LEU B 170 5.04 74.04 20.55
CA LEU B 170 5.41 75.45 20.37
C LEU B 170 4.16 76.25 20.02
N VAL B 171 3.06 75.55 19.79
CA VAL B 171 1.79 76.19 19.46
C VAL B 171 0.77 75.97 20.57
N PHE B 172 0.92 74.88 21.30
CA PHE B 172 -0.05 74.51 22.34
C PHE B 172 0.41 74.89 23.74
N LYS B 173 -0.36 74.46 24.74
CA LYS B 173 -0.20 74.94 26.11
C LYS B 173 0.27 73.88 27.10
N ALA B 174 -0.34 73.88 28.28
CA ALA B 174 0.08 73.01 29.37
C ALA B 174 -0.50 71.61 29.27
N MET B 175 -0.58 71.09 28.06
CA MET B 175 -1.02 69.72 27.83
C MET B 175 -0.03 68.99 26.91
N PRO B 176 0.36 67.76 27.29
CA PRO B 176 1.43 66.99 26.64
C PRO B 176 1.22 66.82 25.13
N SER B 177 2.29 67.00 24.37
CA SER B 177 2.26 66.75 22.93
C SER B 177 2.29 65.25 22.68
N ALA B 178 2.75 64.51 23.67
CA ALA B 178 2.76 63.05 23.60
C ALA B 178 1.34 62.51 23.74
N LEU B 179 0.53 63.20 24.52
CA LEU B 179 -0.88 62.86 24.66
C LEU B 179 -1.58 62.95 23.31
N VAL B 180 -1.40 64.10 22.65
CA VAL B 180 -1.96 64.33 21.33
C VAL B 180 -1.39 63.34 20.33
N ALA B 181 -0.10 63.02 20.46
CA ALA B 181 0.54 62.06 19.58
C ALA B 181 -0.14 60.70 19.66
N ILE B 182 -0.24 60.19 20.88
CA ILE B 182 -0.86 58.90 21.13
C ILE B 182 -2.31 58.86 20.67
N VAL B 183 -3.10 59.84 21.10
CA VAL B 183 -4.51 59.90 20.73
C VAL B 183 -4.72 59.96 19.22
N VAL B 184 -4.03 60.88 18.58
CA VAL B 184 -4.14 61.06 17.13
C VAL B 184 -3.72 59.81 16.37
N LEU B 185 -2.55 59.27 16.70
CA LEU B 185 -2.06 58.08 16.01
C LEU B 185 -2.97 56.88 16.24
N THR B 186 -3.58 56.81 17.42
CA THR B 186 -4.52 55.74 17.73
C THR B 186 -5.78 55.87 16.87
N VAL B 187 -6.37 57.06 16.87
CA VAL B 187 -7.55 57.34 16.07
C VAL B 187 -7.30 57.05 14.59
N VAL B 188 -6.16 57.51 14.08
CA VAL B 188 -5.77 57.27 12.70
C VAL B 188 -5.65 55.78 12.42
N ALA B 189 -4.84 55.08 13.20
CA ALA B 189 -4.59 53.65 13.00
C ALA B 189 -5.89 52.84 13.04
N VAL B 190 -6.82 53.25 13.92
CA VAL B 190 -8.10 52.57 14.02
C VAL B 190 -8.99 52.85 12.80
N VAL B 191 -9.14 54.13 12.47
CA VAL B 191 -10.00 54.55 11.38
C VAL B 191 -9.48 54.10 10.01
N THR B 192 -8.20 54.38 9.74
CA THR B 192 -7.62 54.04 8.45
C THR B 192 -7.36 52.53 8.35
N GLY B 193 -7.42 51.85 9.49
CA GLY B 193 -7.17 50.42 9.52
C GLY B 193 -5.76 50.08 9.10
N ALA B 194 -4.78 50.80 9.64
CA ALA B 194 -3.38 50.60 9.30
C ALA B 194 -2.89 49.22 9.74
N ASP B 195 -1.99 48.65 8.97
CA ASP B 195 -1.46 47.33 9.27
C ASP B 195 -0.16 47.42 10.08
N VAL B 196 -0.31 47.57 11.40
CA VAL B 196 0.83 47.68 12.30
C VAL B 196 0.60 46.94 13.60
N LYS B 197 1.68 46.52 14.24
CA LYS B 197 1.63 45.88 15.55
C LYS B 197 1.00 46.81 16.58
N THR B 198 0.10 46.27 17.39
CA THR B 198 -0.51 47.04 18.48
C THR B 198 0.00 46.54 19.82
N VAL B 199 -0.19 47.34 20.86
CA VAL B 199 0.30 47.03 22.19
C VAL B 199 -0.30 45.75 22.76
N GLY B 200 -1.58 45.51 22.45
CA GLY B 200 -2.28 44.34 22.94
C GLY B 200 -1.65 43.02 22.52
N ASP B 201 -0.76 43.08 21.54
CA ASP B 201 -0.06 41.89 21.05
C ASP B 201 1.15 41.54 21.91
N MET B 202 1.82 42.58 22.42
CA MET B 202 3.06 42.40 23.15
C MET B 202 2.85 41.84 24.54
N GLY B 203 1.63 41.99 25.06
CA GLY B 203 1.31 41.49 26.39
C GLY B 203 -0.10 41.82 26.81
N THR B 204 -0.60 41.09 27.80
CA THR B 204 -1.95 41.32 28.31
C THR B 204 -2.01 42.58 29.18
N LEU B 205 -3.10 43.32 29.04
CA LEU B 205 -3.30 44.53 29.82
C LEU B 205 -4.29 44.27 30.97
N PRO B 206 -4.12 44.97 32.09
CA PRO B 206 -4.94 44.80 33.29
C PRO B 206 -6.45 44.86 33.03
N THR B 207 -7.19 43.93 33.60
CA THR B 207 -8.63 43.90 33.47
C THR B 207 -9.30 43.86 34.84
N ALA B 208 -8.48 43.78 35.89
CA ALA B 208 -8.98 43.73 37.25
C ALA B 208 -7.95 44.26 38.24
N LEU B 209 -8.30 44.23 39.53
CA LEU B 209 -7.39 44.68 40.58
C LEU B 209 -6.30 43.64 40.84
N PRO B 210 -5.08 44.12 41.13
CA PRO B 210 -3.96 43.23 41.47
C PRO B 210 -4.26 42.36 42.68
N HIS B 211 -4.23 41.05 42.48
CA HIS B 211 -4.48 40.11 43.58
C HIS B 211 -3.18 39.68 44.23
N PHE B 212 -3.25 39.26 45.49
CA PHE B 212 -2.08 38.84 46.23
C PHE B 212 -1.44 37.61 45.60
N GLN B 213 -0.37 37.82 44.85
CA GLN B 213 0.35 36.73 44.22
C GLN B 213 1.66 36.46 44.95
N PHE B 214 1.64 35.51 45.88
CA PHE B 214 2.88 35.03 46.47
C PHE B 214 3.75 34.52 45.34
N PRO B 215 5.01 34.97 45.28
CA PRO B 215 5.94 34.43 44.29
C PRO B 215 6.01 32.91 44.39
N GLN B 216 5.07 32.24 43.72
CA GLN B 216 4.94 30.79 43.77
C GLN B 216 6.03 30.13 42.93
N VAL B 217 6.75 30.95 42.20
CA VAL B 217 7.67 30.49 41.17
C VAL B 217 9.13 30.34 41.62
N PRO B 218 9.62 31.22 42.53
CA PRO B 218 10.96 30.97 43.06
C PRO B 218 11.01 29.96 44.21
N LEU B 219 12.17 29.34 44.41
CA LEU B 219 12.34 28.35 45.47
C LEU B 219 13.57 28.60 46.36
N THR B 220 13.35 29.28 47.48
CA THR B 220 14.35 29.41 48.55
C THR B 220 15.79 29.74 48.12
N PHE B 221 16.72 28.85 48.44
CA PHE B 221 18.14 29.19 48.45
C PHE B 221 18.77 29.37 47.07
N GLU B 222 18.62 28.37 46.20
CA GLU B 222 19.20 28.45 44.86
C GLU B 222 18.62 29.66 44.12
N THR B 223 17.39 30.01 44.46
CA THR B 223 16.78 31.23 43.95
C THR B 223 17.48 32.46 44.50
N LEU B 224 17.71 32.48 45.81
CA LEU B 224 18.41 33.59 46.46
C LEU B 224 19.75 33.85 45.78
N ALA B 225 20.46 32.77 45.48
CA ALA B 225 21.78 32.86 44.87
C ALA B 225 21.74 33.42 43.45
N ILE B 226 20.55 33.52 42.87
CA ILE B 226 20.43 34.01 41.50
C ILE B 226 19.68 35.34 41.42
N ILE B 227 19.00 35.71 42.49
CA ILE B 227 18.27 36.98 42.51
C ILE B 227 18.93 38.03 43.39
N PHE B 228 19.89 37.61 44.21
CA PHE B 228 20.58 38.55 45.09
C PHE B 228 21.33 39.68 44.35
N PRO B 229 22.10 39.36 43.28
CA PRO B 229 22.79 40.44 42.59
C PRO B 229 21.86 41.49 42.00
N VAL B 230 20.85 41.04 41.24
CA VAL B 230 19.93 41.97 40.59
C VAL B 230 19.10 42.74 41.62
N ALA B 231 18.81 42.11 42.76
CA ALA B 231 18.09 42.80 43.83
C ALA B 231 18.98 43.88 44.44
N LEU B 232 20.27 43.58 44.52
CA LEU B 232 21.24 44.53 45.04
C LEU B 232 21.35 45.76 44.14
N THR B 233 21.55 45.51 42.84
CA THR B 233 21.68 46.60 41.87
C THR B 233 20.39 47.41 41.77
N LEU B 234 19.25 46.72 41.74
CA LEU B 234 17.94 47.37 41.71
C LEU B 234 17.75 48.26 42.92
N SER B 235 18.10 47.73 44.09
CA SER B 235 17.96 48.47 45.33
C SER B 235 18.82 49.73 45.32
N LEU B 236 20.11 49.56 45.00
CA LEU B 236 21.04 50.70 44.98
C LEU B 236 20.62 51.78 43.99
N VAL B 237 20.29 51.36 42.77
CA VAL B 237 19.84 52.29 41.73
C VAL B 237 18.57 53.01 42.18
N GLY B 238 17.65 52.27 42.78
CA GLY B 238 16.40 52.83 43.26
C GLY B 238 16.58 53.86 44.36
N LEU B 239 17.52 53.58 45.26
CA LEU B 239 17.79 54.48 46.38
C LEU B 239 18.53 55.72 45.91
N LEU B 240 19.38 55.57 44.88
CA LEU B 240 20.04 56.71 44.27
C LEU B 240 19.04 57.62 43.58
N GLU B 241 18.20 57.02 42.74
CA GLU B 241 17.14 57.74 42.05
C GLU B 241 16.23 58.47 43.02
N SER B 242 15.82 57.76 44.07
CA SER B 242 14.95 58.33 45.09
C SER B 242 15.65 59.49 45.80
N LEU B 243 16.94 59.33 46.06
CA LEU B 243 17.73 60.36 46.73
C LEU B 243 17.79 61.64 45.91
N LEU B 244 18.20 61.52 44.65
CA LEU B 244 18.36 62.68 43.79
C LEU B 244 17.02 63.35 43.47
N THR B 245 16.00 62.53 43.22
CA THR B 245 14.66 63.07 42.97
C THR B 245 14.20 63.85 44.19
N ALA B 246 14.35 63.23 45.36
CA ALA B 246 14.05 63.88 46.63
C ALA B 246 14.73 65.24 46.69
N GLN B 247 16.05 65.25 46.65
CA GLN B 247 16.83 66.49 46.74
C GLN B 247 16.41 67.56 45.73
N LEU B 248 16.01 67.14 44.54
CA LEU B 248 15.57 68.10 43.54
C LEU B 248 14.22 68.71 43.94
N ILE B 249 13.34 67.89 44.52
CA ILE B 249 12.08 68.41 45.03
C ILE B 249 12.34 69.32 46.24
N ASP B 250 13.38 69.00 47.00
CA ASP B 250 13.82 69.80 48.13
C ASP B 250 14.23 71.19 47.67
N GLU B 251 15.02 71.24 46.60
CA GLU B 251 15.50 72.50 46.05
C GLU B 251 14.36 73.29 45.43
N ARG B 252 13.44 72.60 44.76
CA ARG B 252 12.30 73.26 44.13
C ARG B 252 11.39 73.92 45.15
N THR B 253 11.25 73.30 46.31
CA THR B 253 10.44 73.87 47.39
C THR B 253 11.27 73.97 48.67
N ASP B 254 10.74 73.44 49.75
CA ASP B 254 11.45 73.39 51.03
C ASP B 254 11.02 72.18 51.85
N THR B 255 11.98 71.46 52.41
CA THR B 255 11.69 70.30 53.25
C THR B 255 12.89 69.79 54.03
N THR B 256 12.60 69.09 55.12
CA THR B 256 13.63 68.42 55.92
C THR B 256 13.45 66.91 55.80
N SER B 257 13.09 66.47 54.59
CA SER B 257 12.75 65.08 54.32
C SER B 257 13.82 64.09 54.76
N ASP B 258 13.42 63.12 55.57
CA ASP B 258 14.31 62.04 55.98
C ASP B 258 14.41 61.02 54.86
N LYS B 259 15.57 60.96 54.20
CA LYS B 259 15.77 60.07 53.07
C LYS B 259 15.74 58.60 53.49
N ASN B 260 15.96 58.36 54.78
CA ASN B 260 15.86 57.01 55.33
C ASN B 260 14.43 56.52 55.32
N VAL B 261 13.51 57.38 55.74
CA VAL B 261 12.08 57.08 55.72
C VAL B 261 11.62 56.87 54.28
N GLU B 262 12.13 57.70 53.38
CA GLU B 262 11.85 57.58 51.95
C GLU B 262 12.30 56.24 51.41
N SER B 263 13.50 55.82 51.83
CA SER B 263 14.06 54.55 51.42
C SER B 263 13.22 53.39 51.95
N ARG B 264 12.76 53.52 53.19
CA ARG B 264 11.91 52.51 53.81
C ARG B 264 10.59 52.37 53.06
N GLY B 265 9.94 53.49 52.78
CA GLY B 265 8.69 53.50 52.04
C GLY B 265 8.87 52.88 50.67
N GLN B 266 9.97 53.24 50.02
CA GLN B 266 10.35 52.63 48.75
C GLN B 266 10.42 51.11 48.89
N GLY B 267 11.06 50.66 49.96
CA GLY B 267 11.23 49.25 50.23
C GLY B 267 9.92 48.50 50.41
N VAL B 268 9.12 48.95 51.36
CA VAL B 268 7.80 48.36 51.61
C VAL B 268 6.98 48.31 50.33
N ALA B 269 6.98 49.42 49.61
CA ALA B 269 6.29 49.53 48.33
C ALA B 269 6.71 48.42 47.38
N ASN B 270 8.02 48.29 47.15
CA ASN B 270 8.53 47.25 46.26
C ASN B 270 8.22 45.84 46.76
N ILE B 271 8.20 45.67 48.07
CA ILE B 271 7.89 44.37 48.67
C ILE B 271 6.46 43.94 48.36
N VAL B 272 5.49 44.76 48.74
CA VAL B 272 4.10 44.41 48.49
C VAL B 272 3.83 44.35 46.98
N THR B 273 4.57 45.16 46.23
CA THR B 273 4.48 45.13 44.77
C THR B 273 4.88 43.77 44.23
N GLY B 274 5.97 43.22 44.77
CA GLY B 274 6.42 41.90 44.40
C GLY B 274 5.43 40.84 44.84
N PHE B 275 4.77 41.08 45.96
CA PHE B 275 3.76 40.14 46.46
C PHE B 275 2.42 40.30 45.74
N PHE B 276 2.33 41.26 44.83
CA PHE B 276 1.09 41.44 44.06
C PHE B 276 1.32 41.40 42.55
N GLY B 277 2.30 40.59 42.14
CA GLY B 277 2.58 40.41 40.73
C GLY B 277 2.95 41.70 40.03
N GLY B 278 3.95 42.39 40.56
CA GLY B 278 4.36 43.67 40.01
C GLY B 278 5.83 43.74 39.68
N MET B 279 6.24 44.82 39.03
CA MET B 279 7.63 45.03 38.64
C MET B 279 8.42 45.67 39.78
N ALA B 280 9.61 46.17 39.47
CA ALA B 280 10.38 46.96 40.42
C ALA B 280 10.30 48.43 40.04
N GLY B 281 10.20 49.29 41.03
CA GLY B 281 10.04 50.71 40.77
C GLY B 281 10.84 51.62 41.68
N CYS B 282 11.00 52.87 41.26
CA CYS B 282 11.68 53.88 42.05
C CYS B 282 11.14 55.26 41.71
N ALA B 283 11.83 56.29 42.20
CA ALA B 283 11.43 57.66 41.94
C ALA B 283 11.67 58.06 40.49
N MET B 284 10.80 58.90 39.96
CA MET B 284 10.90 59.36 38.58
C MET B 284 11.16 60.86 38.54
N ILE B 285 12.34 61.24 38.07
CA ILE B 285 12.72 62.65 37.97
C ILE B 285 11.73 63.47 37.16
N GLY B 286 11.59 63.12 35.88
CA GLY B 286 10.77 63.86 34.96
C GLY B 286 9.34 64.09 35.41
N GLN B 287 8.68 63.03 35.88
CA GLN B 287 7.29 63.12 36.29
C GLN B 287 7.12 63.85 37.62
N SER B 288 8.13 63.74 38.49
CA SER B 288 8.12 64.52 39.73
C SER B 288 8.21 66.00 39.40
N MET B 289 9.03 66.32 38.41
CA MET B 289 9.19 67.71 37.97
C MET B 289 7.93 68.25 37.31
N ILE B 290 7.33 67.45 36.42
CA ILE B 290 6.08 67.83 35.78
C ILE B 290 5.00 68.02 36.83
N ASN B 291 5.06 67.20 37.88
CA ASN B 291 4.13 67.30 39.00
C ASN B 291 4.26 68.60 39.78
N VAL B 292 5.46 68.84 40.31
CA VAL B 292 5.69 70.01 41.14
C VAL B 292 5.49 71.30 40.34
N THR B 293 5.79 71.24 39.04
CA THR B 293 5.59 72.39 38.16
C THR B 293 4.11 72.69 37.95
N SER B 294 3.29 71.64 37.99
CA SER B 294 1.86 71.79 37.72
C SER B 294 1.05 71.99 39.00
N GLY B 295 1.73 72.12 40.13
CA GLY B 295 1.06 72.47 41.37
C GLY B 295 0.96 71.36 42.41
N GLY B 296 1.53 70.20 42.09
CA GLY B 296 1.47 69.06 42.99
C GLY B 296 2.54 69.11 44.07
N ARG B 297 2.12 69.15 45.33
CA ARG B 297 3.05 69.19 46.46
C ARG B 297 2.52 68.41 47.66
N GLY B 298 1.47 67.62 47.44
CA GLY B 298 0.89 66.82 48.49
C GLY B 298 1.00 65.34 48.22
N ARG B 299 0.73 64.52 49.23
CA ARG B 299 0.77 63.07 49.07
C ARG B 299 -0.41 62.62 48.23
N LEU B 300 -1.50 63.38 48.30
CA LEU B 300 -2.69 63.11 47.52
C LEU B 300 -2.40 63.24 46.03
N SER B 301 -1.35 63.97 45.68
CA SER B 301 -0.94 64.10 44.29
C SER B 301 -0.47 62.75 43.74
N THR B 302 0.43 62.11 44.48
CA THR B 302 0.96 60.81 44.08
C THR B 302 -0.11 59.72 44.19
N PHE B 303 -0.90 59.78 45.26
CA PHE B 303 -2.00 58.85 45.45
C PHE B 303 -2.96 58.90 44.26
N VAL B 304 -3.43 60.10 43.94
CA VAL B 304 -4.34 60.29 42.81
C VAL B 304 -3.65 59.90 41.51
N ALA B 305 -2.33 60.08 41.45
CA ALA B 305 -1.59 59.63 40.28
C ALA B 305 -1.79 58.13 40.06
N GLY B 306 -1.42 57.32 41.06
CA GLY B 306 -1.57 55.88 40.96
C GLY B 306 -3.01 55.42 40.78
N ALA B 307 -3.91 55.97 41.60
CA ALA B 307 -5.31 55.57 41.59
C ALA B 307 -5.98 55.88 40.26
N PHE B 308 -5.87 57.14 39.82
CA PHE B 308 -6.46 57.56 38.54
C PHE B 308 -5.79 56.81 37.40
N LEU B 309 -4.53 56.44 37.58
CA LEU B 309 -3.85 55.57 36.62
C LEU B 309 -4.60 54.26 36.47
N MET B 310 -4.84 53.58 37.60
CA MET B 310 -5.54 52.30 37.58
C MET B 310 -6.95 52.41 37.00
N VAL B 311 -7.70 53.38 37.49
CA VAL B 311 -9.07 53.61 37.03
C VAL B 311 -9.11 53.88 35.52
N LEU B 312 -8.17 54.70 35.04
CA LEU B 312 -8.16 55.07 33.64
C LEU B 312 -7.73 53.92 32.73
N ILE B 313 -6.75 53.13 33.16
CA ILE B 313 -6.32 52.00 32.35
C ILE B 313 -7.40 50.92 32.33
N LEU B 314 -8.18 50.82 33.41
CA LEU B 314 -9.29 49.90 33.42
C LEU B 314 -10.43 50.40 32.54
N ALA B 315 -10.56 51.73 32.46
CA ALA B 315 -11.62 52.34 31.66
C ALA B 315 -11.35 52.23 30.16
N LEU B 316 -10.11 52.50 29.76
CA LEU B 316 -9.77 52.56 28.34
C LEU B 316 -9.16 51.26 27.81
N GLN B 317 -9.23 50.20 28.61
CA GLN B 317 -8.63 48.90 28.27
C GLN B 317 -8.87 48.44 26.81
N PRO B 318 -10.14 48.37 26.35
CA PRO B 318 -10.34 47.90 24.97
C PRO B 318 -9.79 48.89 23.96
N LEU B 319 -9.79 50.17 24.33
CA LEU B 319 -9.21 51.21 23.49
C LEU B 319 -7.69 51.21 23.66
N LEU B 320 -7.24 50.85 24.85
CA LEU B 320 -5.81 50.81 25.16
C LEU B 320 -5.09 49.78 24.31
N VAL B 321 -5.67 48.58 24.18
CA VAL B 321 -5.01 47.52 23.42
C VAL B 321 -4.96 47.82 21.92
N GLN B 322 -5.66 48.87 21.50
CA GLN B 322 -5.71 49.24 20.08
C GLN B 322 -4.64 50.27 19.72
N ILE B 323 -3.93 50.77 20.73
CA ILE B 323 -2.91 51.78 20.51
C ILE B 323 -1.72 51.21 19.72
N PRO B 324 -1.43 51.81 18.56
CA PRO B 324 -0.34 51.36 17.68
C PRO B 324 1.02 51.47 18.35
N MET B 325 1.94 50.57 17.99
CA MET B 325 3.25 50.53 18.62
C MET B 325 4.17 51.65 18.16
N ALA B 326 3.82 52.30 17.04
CA ALA B 326 4.62 53.39 16.51
C ALA B 326 4.57 54.61 17.43
N ALA B 327 3.41 54.86 18.01
CA ALA B 327 3.24 55.97 18.94
C ALA B 327 4.13 55.78 20.18
N LEU B 328 4.02 54.62 20.80
CA LEU B 328 4.79 54.33 22.01
C LEU B 328 6.28 54.24 21.72
N VAL B 329 6.64 53.76 20.53
CA VAL B 329 8.04 53.67 20.17
C VAL B 329 8.58 55.07 19.90
N ALA B 330 7.69 56.00 19.52
CA ALA B 330 8.06 57.39 19.36
C ALA B 330 8.29 58.05 20.73
N VAL B 331 7.37 57.80 21.65
CA VAL B 331 7.47 58.33 23.01
C VAL B 331 8.74 57.83 23.69
N MET B 332 9.04 56.55 23.51
CA MET B 332 10.27 55.99 24.05
C MET B 332 11.48 56.58 23.33
N MET B 333 11.32 56.81 22.03
CA MET B 333 12.40 57.39 21.23
C MET B 333 12.78 58.77 21.74
N VAL B 334 11.80 59.54 22.22
CA VAL B 334 12.12 60.87 22.73
C VAL B 334 12.55 60.83 24.19
N VAL B 335 12.05 59.86 24.95
CA VAL B 335 12.42 59.78 26.37
C VAL B 335 13.90 59.39 26.45
N ALA B 336 14.34 58.53 25.53
CA ALA B 336 15.76 58.17 25.41
C ALA B 336 16.62 59.41 25.15
N ILE B 337 16.24 60.20 24.15
CA ILE B 337 16.96 61.42 23.81
C ILE B 337 17.02 62.38 24.99
N SER B 338 15.90 62.53 25.69
CA SER B 338 15.84 63.37 26.87
C SER B 338 16.80 62.85 27.94
N THR B 339 16.94 61.53 28.03
CA THR B 339 17.76 60.94 29.09
C THR B 339 19.26 61.05 28.80
N PHE B 340 19.68 60.77 27.57
CA PHE B 340 21.11 60.65 27.26
C PHE B 340 21.91 61.94 27.41
N ASP B 341 21.62 62.91 26.53
CA ASP B 341 22.43 64.11 26.35
C ASP B 341 22.98 64.74 27.63
N TRP B 342 24.29 64.66 27.79
CA TRP B 342 24.98 65.23 28.94
C TRP B 342 26.03 66.26 28.51
N GLY B 343 26.98 66.52 29.40
CA GLY B 343 28.12 67.35 29.08
C GLY B 343 29.20 66.51 28.44
N SER B 344 29.17 66.42 27.11
CA SER B 344 30.20 65.70 26.37
C SER B 344 31.48 66.52 26.36
N LEU B 345 32.16 66.55 27.51
CA LEU B 345 33.30 67.44 27.73
C LEU B 345 34.39 67.31 26.67
N ARG B 346 35.04 68.42 26.38
CA ARG B 346 36.08 68.47 25.36
C ARG B 346 37.36 67.78 25.84
N PHE B 351 39.95 67.56 32.08
CA PHE B 351 39.05 66.74 32.88
C PHE B 351 39.67 65.38 33.16
N PRO B 352 39.50 64.87 34.39
CA PRO B 352 40.08 63.60 34.85
C PRO B 352 39.89 62.46 33.87
N LYS B 353 40.99 61.92 33.35
CA LYS B 353 40.94 60.86 32.36
C LYS B 353 40.28 59.61 32.91
N GLY B 354 40.55 59.32 34.18
CA GLY B 354 40.01 58.13 34.83
C GLY B 354 38.50 58.08 34.89
N GLU B 355 37.89 59.20 35.24
CA GLU B 355 36.43 59.29 35.36
C GLU B 355 35.75 59.10 34.01
N THR B 356 36.29 59.78 32.99
CA THR B 356 35.83 59.61 31.61
C THR B 356 35.96 58.15 31.19
N VAL B 357 37.08 57.55 31.57
CA VAL B 357 37.32 56.13 31.33
C VAL B 357 36.24 55.27 31.96
N VAL B 358 35.83 55.62 33.18
CA VAL B 358 34.77 54.89 33.86
C VAL B 358 33.44 55.01 33.10
N MET B 359 33.05 56.23 32.78
CA MET B 359 31.79 56.47 32.06
C MET B 359 31.76 55.71 30.73
N LEU B 360 32.79 55.91 29.91
CA LEU B 360 32.87 55.26 28.61
C LEU B 360 32.94 53.75 28.73
N ALA B 361 33.54 53.26 29.82
CA ALA B 361 33.61 51.83 30.07
C ALA B 361 32.21 51.27 30.28
N THR B 362 31.48 51.89 31.20
CA THR B 362 30.10 51.48 31.48
C THR B 362 29.26 51.52 30.20
N VAL B 363 29.34 52.64 29.49
CA VAL B 363 28.59 52.83 28.24
C VAL B 363 28.89 51.74 27.22
N ALA B 364 30.16 51.57 26.89
CA ALA B 364 30.56 50.61 25.86
C ALA B 364 30.21 49.17 26.24
N VAL B 365 30.45 48.81 27.50
CA VAL B 365 30.15 47.46 27.96
C VAL B 365 28.65 47.17 27.90
N THR B 366 27.85 48.12 28.37
CA THR B 366 26.40 47.96 28.31
C THR B 366 25.90 47.87 26.87
N VAL B 367 26.47 48.71 26.00
CA VAL B 367 26.11 48.70 24.59
C VAL B 367 26.41 47.36 23.92
N PHE B 368 27.60 46.83 24.19
CA PHE B 368 28.04 45.59 23.56
C PHE B 368 27.30 44.36 24.10
N THR B 369 27.08 44.32 25.41
CA THR B 369 26.53 43.14 26.04
C THR B 369 25.01 43.19 26.19
N HIS B 370 24.44 44.40 26.05
CA HIS B 370 23.02 44.64 26.29
C HIS B 370 22.64 44.28 27.71
N ASP B 371 23.56 44.52 28.64
CA ASP B 371 23.33 44.24 30.06
C ASP B 371 23.75 45.44 30.90
N LEU B 372 22.77 46.17 31.41
CA LEU B 372 23.02 47.36 32.21
C LEU B 372 23.71 47.00 33.52
N SER B 373 23.34 45.85 34.07
CA SER B 373 23.90 45.37 35.32
C SER B 373 25.41 45.18 35.23
N LEU B 374 25.89 44.69 34.09
CA LEU B 374 27.32 44.50 33.88
C LEU B 374 28.05 45.84 33.80
N GLY B 375 27.46 46.81 33.12
CA GLY B 375 28.02 48.14 33.05
C GLY B 375 28.16 48.74 34.43
N VAL B 376 27.10 48.59 35.23
CA VAL B 376 27.13 49.04 36.62
C VAL B 376 28.24 48.35 37.39
N LEU B 377 28.37 47.04 37.19
CA LEU B 377 29.37 46.22 37.88
C LEU B 377 30.79 46.71 37.59
N ILE B 378 31.11 46.85 36.31
CA ILE B 378 32.45 47.28 35.93
C ILE B 378 32.68 48.72 36.36
N GLY B 379 31.62 49.52 36.42
CA GLY B 379 31.73 50.87 36.93
C GLY B 379 32.17 50.84 38.37
N VAL B 380 31.51 49.99 39.16
CA VAL B 380 31.84 49.83 40.57
C VAL B 380 33.28 49.37 40.77
N VAL B 381 33.68 48.31 40.08
CA VAL B 381 35.02 47.77 40.30
C VAL B 381 36.11 48.74 39.80
N LEU B 382 35.85 49.45 38.70
CA LEU B 382 36.81 50.42 38.19
C LEU B 382 36.97 51.58 39.16
N SER B 383 35.85 52.13 39.62
CA SER B 383 35.86 53.19 40.61
C SER B 383 36.60 52.74 41.86
N ALA B 384 36.44 51.46 42.22
CA ALA B 384 37.12 50.90 43.37
C ALA B 384 38.63 50.84 43.16
N LEU B 385 39.05 50.44 41.96
CA LEU B 385 40.47 50.38 41.63
C LEU B 385 41.11 51.77 41.67
N PHE B 386 40.49 52.72 40.98
CA PHE B 386 40.96 54.10 40.99
C PHE B 386 41.01 54.64 42.42
N PHE B 387 40.03 54.25 43.22
CA PHE B 387 40.00 54.63 44.63
C PHE B 387 41.23 54.09 45.36
N ALA B 388 41.52 52.81 45.16
CA ALA B 388 42.69 52.18 45.76
C ALA B 388 43.98 52.84 45.30
N ARG B 389 43.96 53.41 44.09
CA ARG B 389 45.11 54.13 43.56
C ARG B 389 45.23 55.53 44.15
N LYS B 390 44.10 56.09 44.57
CA LYS B 390 44.10 57.40 45.20
C LYS B 390 44.45 57.31 46.69
N VAL B 391 44.21 56.14 47.28
CA VAL B 391 44.31 55.99 48.73
C VAL B 391 45.55 55.21 49.18
N GLN C 14 17.45 -11.90 23.21
CA GLN C 14 17.57 -10.45 23.31
C GLN C 14 17.01 -9.78 22.06
N ARG C 15 17.23 -10.41 20.91
CA ARG C 15 16.76 -9.92 19.61
C ARG C 15 17.07 -8.44 19.39
N GLU C 16 18.34 -8.12 19.19
CA GLU C 16 18.75 -6.76 18.88
C GLU C 16 19.73 -6.77 17.71
N TRP C 17 19.49 -5.92 16.72
CA TRP C 17 20.14 -6.04 15.42
C TRP C 17 20.82 -4.76 14.95
N PHE C 18 21.51 -4.87 13.82
CA PHE C 18 22.14 -3.73 13.17
C PHE C 18 22.01 -3.86 11.64
N ALA C 19 20.92 -4.50 11.21
CA ALA C 19 20.71 -4.80 9.80
C ALA C 19 20.45 -3.55 8.97
N ASN C 20 20.91 -3.58 7.72
CA ASN C 20 20.73 -2.48 6.77
C ASN C 20 21.18 -1.11 7.29
N PRO C 21 22.47 -0.94 7.58
CA PRO C 21 22.95 0.37 8.06
C PRO C 21 22.95 1.41 6.94
N ARG C 22 23.31 0.96 5.74
CA ARG C 22 23.38 1.83 4.56
C ARG C 22 22.10 2.61 4.32
N LYS C 23 20.96 1.95 4.46
CA LYS C 23 19.67 2.59 4.22
C LYS C 23 19.11 3.28 5.48
N ASP C 24 19.36 2.69 6.64
CA ASP C 24 18.89 3.26 7.91
C ASP C 24 19.52 4.62 8.17
N VAL C 25 20.83 4.71 8.03
CA VAL C 25 21.55 5.97 8.24
C VAL C 25 21.04 7.06 7.29
N LEU C 26 20.95 6.72 6.01
CA LEU C 26 20.47 7.65 4.99
C LEU C 26 19.06 8.15 5.29
N ALA C 27 18.16 7.22 5.60
CA ALA C 27 16.79 7.55 5.94
C ALA C 27 16.74 8.49 7.14
N GLY C 28 17.52 8.16 8.16
CA GLY C 28 17.63 8.99 9.35
C GLY C 28 18.08 10.41 9.00
N ILE C 29 19.04 10.51 8.08
CA ILE C 29 19.50 11.81 7.60
C ILE C 29 18.36 12.59 6.97
N VAL C 30 17.64 11.95 6.04
CA VAL C 30 16.52 12.58 5.36
C VAL C 30 15.48 13.11 6.34
N VAL C 31 15.00 12.23 7.23
CA VAL C 31 13.97 12.61 8.18
C VAL C 31 14.49 13.61 9.20
N ALA C 32 15.81 13.69 9.36
CA ALA C 32 16.41 14.71 10.23
C ALA C 32 16.31 16.08 9.57
N LEU C 33 16.69 16.14 8.30
CA LEU C 33 16.53 17.36 7.52
C LEU C 33 15.08 17.79 7.50
N ALA C 34 14.17 16.82 7.50
CA ALA C 34 12.74 17.13 7.58
C ALA C 34 12.34 17.49 9.01
N LEU C 35 13.20 17.15 9.98
CA LEU C 35 12.87 17.30 11.39
C LEU C 35 13.22 18.67 11.96
N ILE C 36 14.33 19.26 11.49
CA ILE C 36 14.76 20.57 11.99
C ILE C 36 13.66 21.66 11.97
N PRO C 37 13.06 21.93 10.79
CA PRO C 37 12.11 23.05 10.74
C PRO C 37 10.87 22.77 11.57
N GLU C 38 10.49 21.50 11.68
CA GLU C 38 9.35 21.11 12.49
C GLU C 38 9.55 21.53 13.94
N ALA C 39 10.68 21.13 14.51
CA ALA C 39 10.97 21.42 15.90
C ALA C 39 11.11 22.92 16.15
N ILE C 40 11.84 23.60 15.26
CA ILE C 40 11.99 25.05 15.40
C ILE C 40 10.63 25.75 15.40
N ALA C 41 9.85 25.49 14.35
CA ALA C 41 8.53 26.09 14.18
C ALA C 41 7.63 25.79 15.37
N PHE C 42 7.48 24.52 15.72
CA PHE C 42 6.65 24.13 16.86
C PHE C 42 7.10 24.79 18.15
N SER C 43 8.40 25.03 18.29
CA SER C 43 8.91 25.76 19.43
C SER C 43 8.38 27.19 19.41
N ILE C 44 8.44 27.84 18.25
CA ILE C 44 7.94 29.20 18.13
C ILE C 44 6.43 29.28 18.40
N ILE C 45 5.70 28.31 17.88
CA ILE C 45 4.24 28.23 18.05
C ILE C 45 3.85 28.12 19.52
N ALA C 46 4.65 27.36 20.28
CA ALA C 46 4.39 27.16 21.69
C ALA C 46 5.05 28.25 22.54
N GLY C 47 5.42 29.36 21.91
CA GLY C 47 6.00 30.50 22.61
C GLY C 47 7.24 30.16 23.41
N VAL C 48 8.22 29.55 22.75
CA VAL C 48 9.46 29.13 23.41
C VAL C 48 10.60 29.12 22.40
N ASP C 49 11.83 29.04 22.89
CA ASP C 49 13.00 29.00 22.02
C ASP C 49 13.09 27.70 21.24
N PRO C 50 13.45 27.79 19.96
CA PRO C 50 13.76 26.65 19.06
C PRO C 50 14.65 25.60 19.74
N GLN C 51 15.55 26.06 20.59
CA GLN C 51 16.46 25.20 21.35
C GLN C 51 15.74 24.06 22.07
N VAL C 52 14.60 24.39 22.68
CA VAL C 52 13.82 23.42 23.42
C VAL C 52 13.30 22.32 22.50
N GLY C 53 12.77 22.71 21.35
CA GLY C 53 12.25 21.76 20.38
C GLY C 53 13.31 20.88 19.77
N LEU C 54 14.43 21.49 19.39
CA LEU C 54 15.53 20.74 18.78
C LEU C 54 16.13 19.75 19.78
N TYR C 55 16.36 20.22 21.01
CA TYR C 55 16.81 19.36 22.10
C TYR C 55 15.85 18.19 22.28
N ALA C 56 14.55 18.50 22.37
CA ALA C 56 13.51 17.50 22.52
C ALA C 56 13.61 16.44 21.44
N SER C 57 13.58 16.86 20.18
CA SER C 57 13.70 15.94 19.06
C SER C 57 14.92 15.04 19.21
N PHE C 58 16.07 15.64 19.46
CA PHE C 58 17.31 14.90 19.65
C PHE C 58 17.21 13.80 20.71
N ILE C 59 16.99 14.22 21.96
CA ILE C 59 17.04 13.29 23.08
C ILE C 59 15.92 12.24 23.01
N ILE C 60 14.74 12.66 22.56
CA ILE C 60 13.63 11.72 22.40
C ILE C 60 13.98 10.68 21.35
N ALA C 61 14.49 11.13 20.20
CA ALA C 61 14.91 10.20 19.15
C ALA C 61 15.92 9.19 19.67
N LEU C 62 16.88 9.68 20.46
CA LEU C 62 17.88 8.82 21.08
C LEU C 62 17.25 7.74 21.98
N ILE C 63 16.57 8.19 23.02
CA ILE C 63 16.03 7.27 24.02
C ILE C 63 15.01 6.31 23.42
N THR C 64 14.23 6.78 22.45
CA THR C 64 13.28 5.90 21.77
C THR C 64 14.02 4.91 20.88
N ALA C 65 15.15 5.34 20.32
CA ALA C 65 15.98 4.45 19.53
C ALA C 65 16.46 3.30 20.38
N PHE C 66 16.74 3.57 21.66
CA PHE C 66 17.22 2.50 22.54
C PHE C 66 16.14 1.70 23.27
N LEU C 67 15.01 2.32 23.59
CA LEU C 67 14.00 1.69 24.43
C LEU C 67 12.62 1.63 23.79
N GLY C 68 12.52 2.06 22.54
CA GLY C 68 11.25 2.05 21.84
C GLY C 68 10.80 0.65 21.45
N GLY C 69 9.51 0.49 21.23
CA GLY C 69 8.95 -0.81 20.88
C GLY C 69 8.98 -1.09 19.39
N ARG C 70 8.65 -0.09 18.59
CA ARG C 70 8.60 -0.25 17.14
C ARG C 70 9.75 0.46 16.45
N PRO C 71 10.72 -0.31 15.93
CA PRO C 71 11.89 0.20 15.22
C PRO C 71 11.53 0.87 13.90
N GLY C 72 12.15 2.01 13.61
CA GLY C 72 11.89 2.72 12.37
C GLY C 72 10.84 3.80 12.55
N MET C 73 10.39 3.99 13.79
CA MET C 73 9.39 5.00 14.09
C MET C 73 10.02 6.24 14.72
N ILE C 74 9.90 7.38 14.06
CA ILE C 74 10.49 8.62 14.57
C ILE C 74 9.59 9.26 15.63
N SER C 75 10.17 9.44 16.82
CA SER C 75 9.52 10.22 17.86
C SER C 75 10.36 11.46 18.13
N ALA C 76 9.80 12.63 17.90
CA ALA C 76 10.54 13.88 18.06
C ALA C 76 9.70 14.95 18.74
N ALA C 77 9.31 15.97 17.97
CA ALA C 77 8.50 17.06 18.50
C ALA C 77 7.39 17.43 17.51
N THR C 78 6.15 17.22 17.93
CA THR C 78 5.00 17.49 17.06
C THR C 78 4.09 18.57 17.66
N GLY C 79 3.24 19.14 16.80
CA GLY C 79 2.28 20.13 17.25
C GLY C 79 1.29 19.53 18.23
N ALA C 80 1.01 18.24 18.07
CA ALA C 80 0.10 17.51 18.95
C ALA C 80 0.50 17.64 20.42
N MET C 81 1.78 17.89 20.66
CA MET C 81 2.27 18.14 22.01
C MET C 81 2.35 19.63 22.29
N ALA C 82 2.89 20.38 21.33
CA ALA C 82 3.16 21.81 21.50
C ALA C 82 1.92 22.63 21.83
N LEU C 83 0.85 22.40 21.08
CA LEU C 83 -0.37 23.20 21.25
C LEU C 83 -1.09 22.89 22.58
N LEU C 84 -0.56 21.94 23.33
CA LEU C 84 -1.09 21.63 24.66
C LEU C 84 -0.26 22.30 25.75
N MET C 85 0.94 22.76 25.38
CA MET C 85 1.84 23.42 26.31
C MET C 85 1.83 24.94 26.11
N THR C 86 1.37 25.37 24.94
CA THR C 86 1.33 26.79 24.59
C THR C 86 0.56 27.64 25.61
N GLY C 87 -0.34 27.01 26.35
CA GLY C 87 -1.10 27.70 27.37
C GLY C 87 -0.38 27.67 28.71
N LEU C 88 0.41 26.63 28.93
CA LEU C 88 1.16 26.48 30.16
C LEU C 88 2.36 27.42 30.20
N VAL C 89 2.90 27.74 29.02
CA VAL C 89 4.11 28.58 28.95
C VAL C 89 3.84 30.07 29.13
N LYS C 90 2.62 30.51 28.80
CA LYS C 90 2.30 31.93 28.89
C LYS C 90 1.61 32.26 30.21
N ASP C 91 1.35 31.23 31.01
CA ASP C 91 0.68 31.40 32.29
C ASP C 91 1.61 31.07 33.45
N HIS C 92 2.61 30.24 33.20
CA HIS C 92 3.52 29.81 34.25
C HIS C 92 4.97 29.80 33.79
N GLY C 93 5.19 29.66 32.50
CA GLY C 93 6.53 29.71 31.94
C GLY C 93 6.92 28.49 31.14
N ILE C 94 8.07 28.59 30.46
CA ILE C 94 8.57 27.52 29.61
C ILE C 94 9.19 26.39 30.43
N GLN C 95 9.09 26.51 31.75
CA GLN C 95 9.78 25.62 32.68
C GLN C 95 8.82 24.77 33.48
N TYR C 96 7.64 25.30 33.76
CA TYR C 96 6.54 24.48 34.25
C TYR C 96 6.26 23.44 33.17
N LEU C 97 6.60 23.81 31.94
CA LEU C 97 6.63 22.89 30.82
C LEU C 97 7.56 21.71 31.10
N PHE C 98 8.77 22.00 31.57
CA PHE C 98 9.75 20.96 31.88
C PHE C 98 9.21 19.97 32.90
N ALA C 99 8.67 20.52 34.00
CA ALA C 99 8.01 19.71 35.02
C ALA C 99 6.92 18.84 34.41
N ALA C 100 6.11 19.45 33.57
CA ALA C 100 4.99 18.77 32.94
C ALA C 100 5.45 17.64 32.02
N THR C 101 6.62 17.81 31.40
CA THR C 101 7.16 16.79 30.50
C THR C 101 7.72 15.63 31.31
N VAL C 102 8.40 15.95 32.40
CA VAL C 102 8.88 14.92 33.31
C VAL C 102 7.72 14.08 33.83
N LEU C 103 6.72 14.76 34.40
CA LEU C 103 5.53 14.09 34.93
C LEU C 103 4.79 13.34 33.83
N THR C 104 4.81 13.88 32.62
CA THR C 104 4.19 13.22 31.47
C THR C 104 4.84 11.86 31.23
N GLY C 105 6.18 11.87 31.15
CA GLY C 105 6.93 10.64 30.98
C GLY C 105 6.66 9.66 32.10
N VAL C 106 6.54 10.18 33.32
CA VAL C 106 6.21 9.34 34.47
C VAL C 106 4.85 8.66 34.29
N LEU C 107 3.86 9.43 33.83
CA LEU C 107 2.53 8.91 33.59
C LEU C 107 2.55 7.87 32.46
N GLN C 108 3.44 8.05 31.50
CA GLN C 108 3.55 7.12 30.39
C GLN C 108 4.19 5.80 30.80
N VAL C 109 5.25 5.85 31.60
CA VAL C 109 5.86 4.62 32.09
C VAL C 109 4.94 3.93 33.09
N VAL C 110 4.10 4.72 33.76
CA VAL C 110 3.07 4.16 34.64
C VAL C 110 2.04 3.42 33.79
N PHE C 111 1.66 4.04 32.68
CA PHE C 111 0.68 3.47 31.77
C PHE C 111 1.19 2.18 31.13
N GLY C 112 2.50 2.15 30.87
CA GLY C 112 3.12 0.98 30.27
C GLY C 112 3.36 -0.13 31.27
N TRP C 113 3.66 0.25 32.52
CA TRP C 113 3.90 -0.73 33.58
C TRP C 113 2.61 -1.44 33.98
N ALA C 114 1.49 -0.73 33.87
CA ALA C 114 0.19 -1.29 34.23
C ALA C 114 -0.42 -2.06 33.07
N LYS C 115 0.21 -1.98 31.90
CA LYS C 115 -0.24 -2.68 30.70
C LYS C 115 -1.67 -2.29 30.33
N LEU C 116 -1.85 -1.06 29.85
CA LEU C 116 -3.18 -0.53 29.59
C LEU C 116 -3.36 0.01 28.18
N ALA C 117 -2.44 -0.33 27.29
CA ALA C 117 -2.47 0.17 25.92
C ALA C 117 -3.72 -0.30 25.17
N ARG C 118 -4.14 -1.53 25.46
CA ARG C 118 -5.29 -2.14 24.79
C ARG C 118 -6.57 -1.32 24.98
N TYR C 119 -6.59 -0.48 26.00
CA TYR C 119 -7.76 0.34 26.31
C TYR C 119 -7.86 1.56 25.40
N LEU C 120 -6.78 1.87 24.68
CA LEU C 120 -6.75 3.02 23.79
C LEU C 120 -7.78 2.89 22.66
N LYS C 121 -8.26 1.67 22.42
CA LYS C 121 -9.28 1.44 21.42
C LYS C 121 -10.62 2.05 21.85
N PHE C 122 -10.83 2.16 23.16
CA PHE C 122 -12.09 2.69 23.68
C PHE C 122 -12.26 4.18 23.39
N VAL C 123 -11.15 4.86 23.11
CA VAL C 123 -11.18 6.28 22.78
C VAL C 123 -11.97 6.52 21.50
N PRO C 124 -13.07 7.29 21.59
CA PRO C 124 -13.97 7.60 20.47
C PRO C 124 -13.24 8.20 19.27
N ARG C 125 -13.63 7.77 18.07
CA ARG C 125 -13.03 8.28 16.85
C ARG C 125 -13.37 9.74 16.63
N SER C 126 -14.56 10.15 17.10
CA SER C 126 -14.99 11.54 16.98
C SER C 126 -14.06 12.49 17.74
N VAL C 127 -13.69 12.09 18.94
CA VAL C 127 -12.76 12.85 19.76
C VAL C 127 -11.42 13.02 19.05
N MET C 128 -10.94 11.93 18.44
CA MET C 128 -9.64 11.92 17.79
C MET C 128 -9.62 12.79 16.53
N VAL C 129 -10.61 12.60 15.65
CA VAL C 129 -10.69 13.37 14.42
C VAL C 129 -10.90 14.85 14.75
N GLY C 130 -11.68 15.11 15.80
CA GLY C 130 -11.88 16.47 16.27
C GLY C 130 -10.57 17.08 16.71
N PHE C 131 -9.79 16.29 17.45
CA PHE C 131 -8.47 16.71 17.91
C PHE C 131 -7.57 17.06 16.74
N VAL C 132 -7.61 16.23 15.70
CA VAL C 132 -6.80 16.46 14.51
C VAL C 132 -7.18 17.76 13.79
N ASN C 133 -8.47 17.91 13.52
CA ASN C 133 -8.99 19.12 12.89
C ASN C 133 -8.59 20.38 13.66
N ALA C 134 -8.97 20.41 14.93
CA ALA C 134 -8.67 21.53 15.82
C ALA C 134 -7.18 21.83 15.81
N LEU C 135 -6.37 20.78 15.89
CA LEU C 135 -4.92 20.90 15.83
C LEU C 135 -4.48 21.66 14.59
N ALA C 136 -4.90 21.16 13.43
CA ALA C 136 -4.46 21.74 12.16
C ALA C 136 -4.89 23.20 12.01
N ILE C 137 -6.16 23.48 12.24
CA ILE C 137 -6.63 24.86 12.09
C ILE C 137 -6.00 25.78 13.13
N LEU C 138 -5.58 25.20 14.26
CA LEU C 138 -4.87 25.98 15.27
C LEU C 138 -3.44 26.27 14.81
N ILE C 139 -2.86 25.34 14.06
CA ILE C 139 -1.57 25.58 13.42
C ILE C 139 -1.70 26.74 12.46
N PHE C 140 -2.70 26.65 11.59
CA PHE C 140 -2.94 27.68 10.58
C PHE C 140 -3.20 29.04 11.23
N MET C 141 -3.89 29.04 12.36
CA MET C 141 -4.14 30.28 13.09
C MET C 141 -2.88 30.80 13.75
N ALA C 142 -1.99 29.89 14.12
CA ALA C 142 -0.73 30.27 14.76
C ALA C 142 0.21 30.95 13.76
N GLN C 143 -0.07 30.74 12.47
CA GLN C 143 0.74 31.34 11.42
C GLN C 143 0.29 32.77 11.14
N LEU C 144 -0.87 33.12 11.69
CA LEU C 144 -1.46 34.44 11.46
C LEU C 144 -0.72 35.62 12.14
N PRO C 145 -0.25 35.45 13.39
CA PRO C 145 0.46 36.58 14.01
C PRO C 145 1.76 37.00 13.30
N GLN C 146 2.12 36.31 12.23
CA GLN C 146 3.28 36.69 11.43
C GLN C 146 2.86 37.59 10.28
N PHE C 147 1.55 37.87 10.20
CA PHE C 147 1.01 38.70 9.13
C PHE C 147 0.45 40.02 9.64
N VAL C 148 0.31 40.15 10.96
CA VAL C 148 -0.23 41.38 11.54
C VAL C 148 0.75 42.54 11.33
N GLY C 149 2.04 42.25 11.45
CA GLY C 149 3.08 43.18 11.06
C GLY C 149 3.58 42.73 9.70
N ALA C 150 3.08 43.37 8.64
CA ALA C 150 3.24 42.81 7.30
C ALA C 150 4.06 43.69 6.36
N ASN C 151 5.18 43.15 5.92
CA ASN C 151 5.91 43.68 4.78
C ASN C 151 5.65 42.79 3.59
N TRP C 152 5.58 43.35 2.39
CA TRP C 152 5.18 42.58 1.22
C TRP C 152 6.19 41.48 0.87
N GLN C 153 7.38 41.54 1.46
CA GLN C 153 8.34 40.45 1.32
C GLN C 153 7.82 39.20 1.99
N MET C 154 7.14 39.37 3.11
CA MET C 154 6.51 38.26 3.82
C MET C 154 5.51 37.54 2.91
N TYR C 155 4.57 38.31 2.36
CA TYR C 155 3.56 37.79 1.46
C TYR C 155 4.17 37.13 0.22
N ALA C 156 5.11 37.83 -0.40
CA ALA C 156 5.73 37.34 -1.63
C ALA C 156 6.50 36.05 -1.40
N MET C 157 7.23 35.97 -0.29
CA MET C 157 8.05 34.80 0.00
C MET C 157 7.23 33.63 0.52
N VAL C 158 6.12 33.89 1.19
CA VAL C 158 5.28 32.79 1.65
C VAL C 158 4.47 32.25 0.47
N ALA C 159 4.06 33.14 -0.44
CA ALA C 159 3.32 32.73 -1.63
C ALA C 159 4.24 31.94 -2.56
N ALA C 160 5.45 32.44 -2.76
CA ALA C 160 6.45 31.74 -3.56
C ALA C 160 6.88 30.46 -2.88
N GLY C 161 6.75 30.43 -1.55
CA GLY C 161 7.04 29.23 -0.78
C GLY C 161 6.04 28.15 -1.06
N LEU C 162 4.75 28.48 -0.94
CA LEU C 162 3.69 27.55 -1.27
C LEU C 162 3.82 27.09 -2.73
N ALA C 163 4.13 28.05 -3.60
CA ALA C 163 4.29 27.79 -5.02
C ALA C 163 5.39 26.76 -5.30
N ILE C 164 6.56 26.99 -4.72
CA ILE C 164 7.70 26.09 -4.96
C ILE C 164 7.51 24.75 -4.25
N ILE C 165 6.73 24.74 -3.18
CA ILE C 165 6.48 23.49 -2.46
C ILE C 165 5.47 22.63 -3.24
N TYR C 166 4.55 23.27 -3.94
CA TYR C 166 3.48 22.53 -4.62
C TYR C 166 3.74 22.28 -6.12
N LEU C 167 4.64 23.05 -6.72
CA LEU C 167 4.83 22.98 -8.17
C LEU C 167 6.14 22.31 -8.58
N LEU C 168 7.15 22.41 -7.72
CA LEU C 168 8.45 21.80 -7.99
C LEU C 168 8.47 20.26 -7.92
N PRO C 169 7.82 19.64 -6.91
CA PRO C 169 7.96 18.18 -6.79
C PRO C 169 7.38 17.38 -7.95
N LEU C 170 6.58 18.00 -8.81
CA LEU C 170 6.06 17.30 -9.99
C LEU C 170 7.14 17.22 -11.06
N VAL C 171 8.26 17.90 -10.81
CA VAL C 171 9.38 17.90 -11.73
C VAL C 171 10.60 17.23 -11.11
N PHE C 172 10.68 17.25 -9.77
CA PHE C 172 11.83 16.70 -9.07
C PHE C 172 11.59 15.30 -8.52
N LYS C 173 12.55 14.81 -7.74
CA LYS C 173 12.58 13.41 -7.35
C LYS C 173 12.38 13.17 -5.85
N ALA C 174 13.19 12.27 -5.29
CA ALA C 174 13.04 11.85 -3.90
C ALA C 174 13.73 12.80 -2.91
N MET C 175 13.64 14.09 -3.19
CA MET C 175 14.17 15.11 -2.29
C MET C 175 13.11 16.18 -2.05
N PRO C 176 12.92 16.55 -0.77
CA PRO C 176 11.83 17.44 -0.32
C PRO C 176 11.80 18.78 -1.06
N SER C 177 10.59 19.21 -1.45
CA SER C 177 10.40 20.52 -2.06
C SER C 177 10.47 21.59 -0.98
N ALA C 178 10.26 21.17 0.27
CA ALA C 178 10.37 22.07 1.41
C ALA C 178 11.84 22.40 1.67
N LEU C 179 12.71 21.43 1.40
CA LEU C 179 14.15 21.63 1.52
C LEU C 179 14.59 22.73 0.56
N VAL C 180 14.20 22.58 -0.70
CA VAL C 180 14.50 23.57 -1.73
C VAL C 180 13.86 24.92 -1.39
N ALA C 181 12.66 24.88 -0.83
CA ALA C 181 11.96 26.10 -0.43
C ALA C 181 12.77 26.87 0.59
N ILE C 182 13.13 26.18 1.67
CA ILE C 182 13.91 26.79 2.76
C ILE C 182 15.26 27.30 2.28
N VAL C 183 16.00 26.45 1.57
CA VAL C 183 17.33 26.84 1.08
C VAL C 183 17.27 28.04 0.15
N VAL C 184 16.39 27.97 -0.85
CA VAL C 184 16.25 29.06 -1.82
C VAL C 184 15.81 30.35 -1.16
N LEU C 185 14.77 30.30 -0.33
CA LEU C 185 14.29 31.51 0.33
C LEU C 185 15.33 32.10 1.27
N THR C 186 16.13 31.23 1.89
CA THR C 186 17.22 31.68 2.76
C THR C 186 18.29 32.42 1.96
N VAL C 187 18.76 31.77 0.90
CA VAL C 187 19.76 32.35 0.01
C VAL C 187 19.29 33.70 -0.54
N VAL C 188 18.03 33.75 -0.99
CA VAL C 188 17.45 34.97 -1.51
C VAL C 188 17.42 36.06 -0.44
N ALA C 189 16.83 35.76 0.71
CA ALA C 189 16.69 36.73 1.79
C ALA C 189 18.05 37.27 2.25
N VAL C 190 19.06 36.41 2.25
CA VAL C 190 20.40 36.82 2.63
C VAL C 190 21.03 37.73 1.57
N VAL C 191 21.01 37.26 0.32
CA VAL C 191 21.63 37.98 -0.78
C VAL C 191 20.93 39.31 -1.09
N THR C 192 19.60 39.26 -1.25
CA THR C 192 18.85 40.45 -1.59
C THR C 192 18.72 41.39 -0.39
N GLY C 193 19.03 40.87 0.80
CA GLY C 193 18.93 41.64 2.02
C GLY C 193 17.50 42.06 2.31
N ALA C 194 16.58 41.12 2.19
CA ALA C 194 15.16 41.39 2.41
C ALA C 194 14.89 41.78 3.86
N ASP C 195 13.92 42.68 4.05
CA ASP C 195 13.57 43.15 5.39
C ASP C 195 12.44 42.32 5.99
N VAL C 196 12.80 41.19 6.57
CA VAL C 196 11.81 40.31 7.18
C VAL C 196 12.33 39.68 8.48
N LYS C 197 11.41 39.33 9.36
CA LYS C 197 11.76 38.64 10.60
C LYS C 197 12.45 37.32 10.32
N THR C 198 13.53 37.04 11.05
CA THR C 198 14.23 35.77 10.93
C THR C 198 14.01 34.93 12.19
N VAL C 199 14.30 33.64 12.07
CA VAL C 199 14.07 32.69 13.16
C VAL C 199 14.88 33.02 14.41
N GLY C 200 16.10 33.52 14.21
CA GLY C 200 16.98 33.87 15.31
C GLY C 200 16.41 34.91 16.26
N ASP C 201 15.36 35.60 15.81
CA ASP C 201 14.72 36.63 16.61
C ASP C 201 13.70 36.03 17.59
N MET C 202 13.04 34.97 17.16
CA MET C 202 11.96 34.37 17.93
C MET C 202 12.46 33.58 19.13
N GLY C 203 13.72 33.17 19.08
CA GLY C 203 14.31 32.42 20.17
C GLY C 203 15.73 31.99 19.90
N THR C 204 16.46 31.66 20.96
CA THR C 204 17.85 31.22 20.82
C THR C 204 17.94 29.80 20.27
N LEU C 205 18.91 29.57 19.41
CA LEU C 205 19.13 28.25 18.83
C LEU C 205 20.31 27.56 19.52
N PRO C 206 20.28 26.22 19.59
CA PRO C 206 21.30 25.43 20.27
C PRO C 206 22.73 25.72 19.80
N THR C 207 23.64 25.87 20.75
CA THR C 207 25.04 26.11 20.45
C THR C 207 25.92 25.08 21.13
N ALA C 208 25.31 24.21 21.92
CA ALA C 208 26.03 23.16 22.64
C ALA C 208 25.14 21.97 22.95
N LEU C 209 25.70 20.97 23.62
CA LEU C 209 24.94 19.79 24.01
C LEU C 209 24.02 20.08 25.19
N PRO C 210 22.83 19.47 25.18
CA PRO C 210 21.86 19.62 26.28
C PRO C 210 22.45 19.16 27.62
N HIS C 211 22.51 20.08 28.58
CA HIS C 211 23.02 19.76 29.90
C HIS C 211 21.91 19.36 30.84
N PHE C 212 22.24 18.58 31.87
CA PHE C 212 21.24 18.13 32.84
C PHE C 212 20.63 19.31 33.59
N GLN C 213 19.43 19.70 33.18
CA GLN C 213 18.71 20.78 33.83
C GLN C 213 17.58 20.24 34.70
N PHE C 214 17.85 20.03 35.98
CA PHE C 214 16.79 19.73 36.93
C PHE C 214 15.79 20.87 36.86
N PRO C 215 14.50 20.55 36.69
CA PRO C 215 13.46 21.59 36.72
C PRO C 215 13.56 22.38 38.02
N GLN C 216 14.42 23.40 38.03
CA GLN C 216 14.69 24.20 39.21
C GLN C 216 13.56 25.18 39.46
N VAL C 217 12.65 25.23 38.50
CA VAL C 217 11.62 26.26 38.46
C VAL C 217 10.27 25.85 39.10
N PRO C 218 9.86 24.57 38.98
CA PRO C 218 8.66 24.17 39.72
C PRO C 218 8.90 23.82 41.18
N LEU C 219 7.86 23.91 42.00
CA LEU C 219 7.96 23.61 43.43
C LEU C 219 6.89 22.64 43.93
N THR C 220 7.22 21.36 43.98
CA THR C 220 6.41 20.34 44.65
C THR C 220 4.90 20.37 44.38
N PHE C 221 4.12 20.53 45.45
CA PHE C 221 2.69 20.22 45.44
C PHE C 221 1.82 21.18 44.62
N GLU C 222 1.92 22.48 44.91
CA GLU C 222 1.12 23.47 44.20
C GLU C 222 1.44 23.43 42.71
N THR C 223 2.68 23.05 42.40
CA THR C 223 3.08 22.81 41.02
C THR C 223 2.36 21.59 40.46
N LEU C 224 2.36 20.49 41.21
CA LEU C 224 1.69 19.27 40.79
C LEU C 224 0.22 19.55 40.45
N ALA C 225 -0.42 20.36 41.27
CA ALA C 225 -1.82 20.70 41.09
C ALA C 225 -2.08 21.53 39.83
N ILE C 226 -1.02 22.04 39.21
CA ILE C 226 -1.19 22.87 38.03
C ILE C 226 -0.58 22.24 36.78
N ILE C 227 0.24 21.20 36.96
CA ILE C 227 0.83 20.52 35.80
C ILE C 227 0.22 19.15 35.57
N PHE C 228 -0.53 18.64 36.54
CA PHE C 228 -1.15 17.32 36.39
C PHE C 228 -2.12 17.21 35.20
N PRO C 229 -3.02 18.20 34.99
CA PRO C 229 -3.93 18.06 33.84
C PRO C 229 -3.21 18.02 32.50
N VAL C 230 -2.31 18.98 32.27
CA VAL C 230 -1.60 19.05 30.99
C VAL C 230 -0.69 17.84 30.80
N ALA C 231 -0.15 17.31 31.89
CA ALA C 231 0.67 16.11 31.81
C ALA C 231 -0.20 14.91 31.42
N LEU C 232 -1.42 14.90 31.94
CA LEU C 232 -2.38 13.85 31.63
C LEU C 232 -2.75 13.87 30.15
N THR C 233 -3.14 15.03 29.66
CA THR C 233 -3.53 15.18 28.26
C THR C 233 -2.37 14.90 27.32
N LEU C 234 -1.19 15.43 27.66
CA LEU C 234 0.03 15.18 26.89
C LEU C 234 0.34 13.70 26.82
N SER C 235 0.24 13.03 27.96
CA SER C 235 0.52 11.60 28.03
C SER C 235 -0.45 10.82 27.15
N LEU C 236 -1.75 11.06 27.33
CA LEU C 236 -2.77 10.35 26.58
C LEU C 236 -2.63 10.56 25.06
N VAL C 237 -2.47 11.82 24.66
CA VAL C 237 -2.29 12.15 23.25
C VAL C 237 -1.04 11.48 22.69
N GLY C 238 0.03 11.50 23.47
CA GLY C 238 1.29 10.90 23.06
C GLY C 238 1.20 9.39 22.88
N LEU C 239 0.45 8.74 23.77
CA LEU C 239 0.30 7.29 23.72
C LEU C 239 -0.63 6.90 22.57
N LEU C 240 -1.62 7.75 22.29
CA LEU C 240 -2.49 7.52 21.13
C LEU C 240 -1.69 7.65 19.83
N GLU C 241 -0.96 8.74 19.69
CA GLU C 241 -0.11 8.98 18.54
C GLU C 241 0.88 7.84 18.34
N SER C 242 1.53 7.44 19.43
CA SER C 242 2.50 6.35 19.38
C SER C 242 1.82 5.04 18.96
N LEU C 243 0.62 4.82 19.47
CA LEU C 243 -0.14 3.62 19.14
C LEU C 243 -0.46 3.53 17.66
N LEU C 244 -1.06 4.59 17.12
CA LEU C 244 -1.48 4.60 15.73
C LEU C 244 -0.28 4.58 14.78
N THR C 245 0.75 5.35 15.11
CA THR C 245 1.98 5.35 14.31
C THR C 245 2.57 3.95 14.28
N ALA C 246 2.67 3.34 15.46
CA ALA C 246 3.12 1.96 15.59
C ALA C 246 2.33 1.07 14.65
N GLN C 247 1.02 0.99 14.84
CA GLN C 247 0.16 0.14 14.03
C GLN C 247 0.30 0.37 12.53
N LEU C 248 0.53 1.61 12.13
CA LEU C 248 0.71 1.90 10.70
C LEU C 248 2.04 1.33 10.22
N ILE C 249 3.07 1.42 11.04
CA ILE C 249 4.35 0.81 10.68
C ILE C 249 4.22 -0.73 10.67
N ASP C 250 3.35 -1.24 11.54
CA ASP C 250 3.04 -2.66 11.60
C ASP C 250 2.43 -3.12 10.29
N GLU C 251 1.46 -2.35 9.79
CA GLU C 251 0.79 -2.67 8.55
C GLU C 251 1.72 -2.53 7.36
N ARG C 252 2.57 -1.52 7.38
CA ARG C 252 3.51 -1.28 6.29
C ARG C 252 4.52 -2.43 6.16
N THR C 253 4.92 -2.99 7.29
CA THR C 253 5.84 -4.12 7.30
C THR C 253 5.23 -5.29 8.07
N ASP C 254 5.99 -5.82 9.03
CA ASP C 254 5.50 -6.90 9.90
C ASP C 254 6.19 -6.81 11.26
N THR C 255 5.40 -6.94 12.33
CA THR C 255 5.94 -6.92 13.69
C THR C 255 4.94 -7.36 14.74
N THR C 256 5.48 -7.82 15.87
CA THR C 256 4.67 -8.16 17.04
C THR C 256 4.97 -7.18 18.17
N SER C 257 5.15 -5.91 17.79
CA SER C 257 5.58 -4.86 18.70
C SER C 257 4.69 -4.73 19.94
N ASP C 258 5.31 -4.79 21.10
CA ASP C 258 4.61 -4.57 22.36
C ASP C 258 4.43 -3.09 22.58
N LYS C 259 3.18 -2.62 22.46
CA LYS C 259 2.88 -1.20 22.58
C LYS C 259 3.11 -0.69 24.01
N ASN C 260 3.15 -1.62 24.96
CA ASN C 260 3.45 -1.28 26.34
C ASN C 260 4.92 -0.86 26.50
N VAL C 261 5.80 -1.62 25.86
CA VAL C 261 7.23 -1.30 25.86
C VAL C 261 7.46 0.02 25.14
N GLU C 262 6.72 0.23 24.04
CA GLU C 262 6.77 1.47 23.29
C GLU C 262 6.36 2.66 24.16
N SER C 263 5.29 2.46 24.93
CA SER C 263 4.80 3.49 25.83
C SER C 263 5.82 3.79 26.93
N ARG C 264 6.46 2.74 27.43
CA ARG C 264 7.51 2.90 28.44
C ARG C 264 8.69 3.71 27.91
N GLY C 265 9.17 3.33 26.73
CA GLY C 265 10.27 4.03 26.09
C GLY C 265 9.93 5.49 25.87
N GLN C 266 8.69 5.72 25.40
CA GLN C 266 8.16 7.07 25.25
C GLN C 266 8.28 7.83 26.57
N GLY C 267 7.86 7.16 27.65
CA GLY C 267 7.87 7.75 28.97
C GLY C 267 9.26 8.14 29.46
N VAL C 268 10.18 7.18 29.48
CA VAL C 268 11.56 7.43 29.86
C VAL C 268 12.15 8.57 29.05
N ALA C 269 11.92 8.51 27.74
CA ALA C 269 12.37 9.55 26.82
C ALA C 269 11.91 10.93 27.25
N ASN C 270 10.60 11.07 27.46
CA ASN C 270 10.04 12.35 27.89
C ASN C 270 10.57 12.80 29.26
N ILE C 271 10.83 11.83 30.14
CA ILE C 271 11.35 12.11 31.47
C ILE C 271 12.74 12.75 31.39
N VAL C 272 13.68 12.03 30.76
CA VAL C 272 15.04 12.56 30.67
C VAL C 272 15.05 13.84 29.82
N THR C 273 14.12 13.93 28.87
CA THR C 273 13.96 15.13 28.07
C THR C 273 13.61 16.32 28.94
N GLY C 274 12.69 16.11 29.88
CA GLY C 274 12.30 17.13 30.82
C GLY C 274 13.45 17.49 31.74
N PHE C 275 14.26 16.48 32.07
CA PHE C 275 15.43 16.71 32.93
C PHE C 275 16.60 17.31 32.17
N PHE C 276 16.45 17.50 30.86
CA PHE C 276 17.52 18.12 30.06
C PHE C 276 17.05 19.34 29.30
N GLY C 277 16.10 20.07 29.89
CA GLY C 277 15.59 21.30 29.30
C GLY C 277 15.00 21.10 27.92
N GLY C 278 14.04 20.18 27.83
CA GLY C 278 13.41 19.85 26.57
C GLY C 278 11.91 19.95 26.59
N MET C 279 11.30 19.81 25.42
CA MET C 279 9.85 19.89 25.28
C MET C 279 9.20 18.54 25.53
N ALA C 280 7.93 18.40 25.15
CA ALA C 280 7.26 17.11 25.18
C ALA C 280 7.14 16.58 23.76
N GLY C 281 7.33 15.27 23.61
CA GLY C 281 7.30 14.68 22.28
C GLY C 281 6.60 13.34 22.20
N CYS C 282 6.25 12.95 20.98
CA CYS C 282 5.62 11.67 20.72
C CYS C 282 5.95 11.19 19.32
N ALA C 283 5.27 10.14 18.87
CA ALA C 283 5.49 9.58 17.55
C ALA C 283 4.96 10.51 16.46
N MET C 284 5.66 10.53 15.33
CA MET C 284 5.27 11.37 14.21
C MET C 284 4.87 10.52 13.00
N ILE C 285 3.60 10.58 12.64
CA ILE C 285 3.07 9.81 11.51
C ILE C 285 3.83 10.08 10.22
N GLY C 286 3.77 11.33 9.77
CA GLY C 286 4.37 11.72 8.50
C GLY C 286 5.83 11.34 8.32
N GLN C 287 6.64 11.62 9.33
CA GLN C 287 8.07 11.36 9.24
C GLN C 287 8.39 9.87 9.37
N SER C 288 7.56 9.14 10.11
CA SER C 288 7.70 7.70 10.18
C SER C 288 7.43 7.10 8.81
N MET C 289 6.42 7.64 8.13
CA MET C 289 6.05 7.18 6.81
C MET C 289 7.13 7.51 5.76
N ILE C 290 7.64 8.74 5.82
CA ILE C 290 8.73 9.15 4.93
C ILE C 290 9.95 8.29 5.17
N ASN C 291 10.14 7.89 6.43
CA ASN C 291 11.24 7.02 6.81
C ASN C 291 11.11 5.62 6.23
N VAL C 292 10.01 4.94 6.54
CA VAL C 292 9.81 3.56 6.10
C VAL C 292 9.75 3.49 4.57
N THR C 293 9.25 4.56 3.94
CA THR C 293 9.16 4.62 2.49
C THR C 293 10.56 4.74 1.87
N SER C 294 11.47 5.39 2.58
CA SER C 294 12.81 5.64 2.07
C SER C 294 13.82 4.56 2.48
N GLY C 295 13.32 3.51 3.13
CA GLY C 295 14.15 2.35 3.43
C GLY C 295 14.53 2.16 4.88
N GLY C 296 14.04 3.04 5.75
CA GLY C 296 14.35 2.96 7.16
C GLY C 296 13.48 1.98 7.92
N ARG C 297 14.10 0.97 8.51
CA ARG C 297 13.38 -0.04 9.27
C ARG C 297 14.17 -0.52 10.48
N GLY C 298 15.24 0.20 10.81
CA GLY C 298 16.07 -0.14 11.95
C GLY C 298 16.05 0.94 13.02
N ARG C 299 16.56 0.60 14.21
CA ARG C 299 16.64 1.57 15.30
C ARG C 299 17.70 2.62 14.98
N LEU C 300 18.70 2.20 14.22
CA LEU C 300 19.77 3.09 13.80
C LEU C 300 19.21 4.21 12.91
N SER C 301 18.05 3.97 12.30
CA SER C 301 17.41 5.00 11.49
C SER C 301 16.98 6.18 12.36
N THR C 302 16.29 5.88 13.45
CA THR C 302 15.82 6.91 14.37
C THR C 302 16.98 7.54 15.12
N PHE C 303 17.94 6.71 15.54
CA PHE C 303 19.14 7.19 16.21
C PHE C 303 19.88 8.20 15.33
N VAL C 304 20.16 7.80 14.10
CA VAL C 304 20.85 8.68 13.15
C VAL C 304 19.99 9.91 12.86
N ALA C 305 18.68 9.75 12.92
CA ALA C 305 17.79 10.89 12.75
C ALA C 305 18.10 11.95 13.81
N GLY C 306 17.97 11.58 15.09
CA GLY C 306 18.25 12.51 16.17
C GLY C 306 19.67 13.04 16.20
N ALA C 307 20.63 12.14 16.05
CA ALA C 307 22.05 12.48 16.12
C ALA C 307 22.44 13.44 15.00
N PHE C 308 22.16 13.06 13.76
CA PHE C 308 22.47 13.91 12.61
C PHE C 308 21.69 15.21 12.69
N LEU C 309 20.52 15.17 13.32
CA LEU C 309 19.77 16.40 13.59
C LEU C 309 20.60 17.34 14.45
N MET C 310 21.09 16.84 15.59
CA MET C 310 21.89 17.65 16.49
C MET C 310 23.17 18.18 15.83
N VAL C 311 23.90 17.27 15.18
CA VAL C 311 25.13 17.64 14.50
C VAL C 311 24.90 18.70 13.44
N LEU C 312 23.83 18.55 12.66
CA LEU C 312 23.54 19.47 11.57
C LEU C 312 23.07 20.83 12.07
N ILE C 313 22.27 20.85 13.13
CA ILE C 313 21.81 22.13 13.66
C ILE C 313 22.96 22.87 14.34
N LEU C 314 23.91 22.11 14.88
CA LEU C 314 25.11 22.74 15.45
C LEU C 314 26.02 23.25 14.35
N ALA C 315 26.01 22.56 13.21
CA ALA C 315 26.87 22.94 12.08
C ALA C 315 26.35 24.20 11.37
N LEU C 316 25.05 24.26 11.15
CA LEU C 316 24.46 25.35 10.36
C LEU C 316 23.90 26.47 11.23
N GLN C 317 24.20 26.45 12.52
CA GLN C 317 23.69 27.44 13.49
C GLN C 317 23.71 28.90 12.99
N PRO C 318 24.88 29.42 12.58
CA PRO C 318 24.90 30.83 12.16
C PRO C 318 24.09 31.02 10.88
N LEU C 319 24.03 29.99 10.05
CA LEU C 319 23.22 30.03 8.85
C LEU C 319 21.76 29.75 9.20
N LEU C 320 21.56 28.95 10.25
CA LEU C 320 20.21 28.62 10.69
C LEU C 320 19.46 29.84 11.18
N VAL C 321 20.11 30.68 11.98
CA VAL C 321 19.44 31.86 12.52
C VAL C 321 19.11 32.91 11.45
N GLN C 322 19.63 32.70 10.24
CA GLN C 322 19.40 33.63 9.14
C GLN C 322 18.19 33.23 8.29
N ILE C 323 17.62 32.08 8.58
CA ILE C 323 16.48 31.58 7.82
C ILE C 323 15.24 32.45 8.04
N PRO C 324 14.70 33.02 6.96
CA PRO C 324 13.53 33.90 7.03
C PRO C 324 12.29 33.18 7.54
N MET C 325 11.42 33.92 8.23
CA MET C 325 10.23 33.32 8.84
C MET C 325 9.15 32.97 7.83
N ALA C 326 9.25 33.53 6.63
CA ALA C 326 8.26 33.27 5.58
C ALA C 326 8.35 31.81 5.11
N ALA C 327 9.57 31.30 5.03
CA ALA C 327 9.78 29.91 4.62
C ALA C 327 9.14 28.94 5.60
N LEU C 328 9.46 29.11 6.89
CA LEU C 328 8.94 28.24 7.92
C LEU C 328 7.44 28.41 8.10
N VAL C 329 6.94 29.62 7.89
CA VAL C 329 5.50 29.85 7.99
C VAL C 329 4.80 29.20 6.81
N ALA C 330 5.52 29.04 5.69
CA ALA C 330 4.99 28.34 4.54
C ALA C 330 4.94 26.84 4.81
N VAL C 331 6.03 26.30 5.36
CA VAL C 331 6.11 24.89 5.72
C VAL C 331 5.01 24.52 6.72
N MET C 332 4.81 25.37 7.72
CA MET C 332 3.75 25.16 8.68
C MET C 332 2.39 25.30 8.02
N MET C 333 2.30 26.23 7.07
CA MET C 333 1.05 26.46 6.35
C MET C 333 0.63 25.22 5.58
N VAL C 334 1.60 24.47 5.05
CA VAL C 334 1.25 23.26 4.31
C VAL C 334 1.08 22.06 5.23
N VAL C 335 1.80 22.05 6.36
CA VAL C 335 1.68 20.91 7.28
C VAL C 335 0.27 20.95 7.91
N ALA C 336 -0.24 22.15 8.17
CA ALA C 336 -1.61 22.34 8.64
C ALA C 336 -2.61 21.75 7.65
N ILE C 337 -2.48 22.14 6.38
CA ILE C 337 -3.37 21.65 5.32
C ILE C 337 -3.32 20.13 5.22
N SER C 338 -2.11 19.58 5.29
CA SER C 338 -1.94 18.14 5.26
C SER C 338 -2.64 17.49 6.44
N THR C 339 -2.64 18.18 7.59
CA THR C 339 -3.21 17.58 8.80
C THR C 339 -4.74 17.63 8.81
N PHE C 340 -5.33 18.76 8.43
CA PHE C 340 -6.78 18.95 8.60
C PHE C 340 -7.66 18.02 7.78
N ASP C 341 -7.62 18.19 6.46
CA ASP C 341 -8.56 17.57 5.51
C ASP C 341 -8.94 16.12 5.83
N TRP C 342 -10.20 15.94 6.20
CA TRP C 342 -10.73 14.62 6.50
C TRP C 342 -11.92 14.29 5.62
N GLY C 343 -12.73 13.33 6.07
CA GLY C 343 -13.98 13.02 5.42
C GLY C 343 -15.07 13.92 5.93
N SER C 344 -15.25 15.06 5.25
CA SER C 344 -16.33 15.99 5.59
C SER C 344 -17.66 15.41 5.15
N LEU C 345 -18.13 14.41 5.89
CA LEU C 345 -19.30 13.62 5.50
C LEU C 345 -20.54 14.46 5.19
N ARG C 346 -21.33 14.00 4.24
CA ARG C 346 -22.53 14.71 3.82
C ARG C 346 -23.64 14.62 4.86
N PHE C 351 -25.10 9.46 8.99
CA PHE C 351 -24.01 9.36 9.95
C PHE C 351 -24.44 9.87 11.32
N PRO C 352 -24.01 9.19 12.39
CA PRO C 352 -24.39 9.49 13.77
C PRO C 352 -24.25 10.97 14.12
N LYS C 353 -25.37 11.60 14.46
CA LYS C 353 -25.39 13.04 14.74
C LYS C 353 -24.53 13.36 15.97
N GLY C 354 -24.54 12.48 16.95
CA GLY C 354 -23.81 12.69 18.19
C GLY C 354 -22.30 12.79 18.00
N GLU C 355 -21.75 11.91 17.16
CA GLU C 355 -20.32 11.89 16.91
C GLU C 355 -19.85 13.15 16.19
N THR C 356 -20.62 13.54 15.17
CA THR C 356 -20.38 14.79 14.44
C THR C 356 -20.46 15.96 15.42
N VAL C 357 -21.43 15.91 16.33
CA VAL C 357 -21.57 16.92 17.37
C VAL C 357 -20.31 16.98 18.23
N VAL C 358 -19.74 15.83 18.56
CA VAL C 358 -18.52 15.79 19.34
C VAL C 358 -17.36 16.44 18.60
N MET C 359 -17.14 16.03 17.35
CA MET C 359 -16.06 16.59 16.54
C MET C 359 -16.17 18.10 16.42
N LEU C 360 -17.34 18.56 15.96
CA LEU C 360 -17.57 19.99 15.77
C LEU C 360 -17.49 20.77 17.09
N ALA C 361 -17.85 20.11 18.19
CA ALA C 361 -17.73 20.73 19.50
C ALA C 361 -16.27 21.00 19.82
N THR C 362 -15.44 19.96 19.73
CA THR C 362 -14.01 20.09 19.96
C THR C 362 -13.40 21.17 19.07
N VAL C 363 -13.71 21.09 17.78
CA VAL C 363 -13.21 22.05 16.79
C VAL C 363 -13.57 23.49 17.15
N ALA C 364 -14.86 23.75 17.33
CA ALA C 364 -15.34 25.10 17.61
C ALA C 364 -14.79 25.65 18.92
N VAL C 365 -14.79 24.82 19.96
CA VAL C 365 -14.28 25.26 21.26
C VAL C 365 -12.79 25.60 21.19
N THR C 366 -12.01 24.74 20.55
CA THR C 366 -10.58 25.00 20.40
C THR C 366 -10.34 26.26 19.57
N VAL C 367 -11.12 26.43 18.51
CA VAL C 367 -11.01 27.61 17.65
C VAL C 367 -11.29 28.90 18.43
N PHE C 368 -12.36 28.90 19.21
CA PHE C 368 -12.77 30.08 19.94
C PHE C 368 -11.85 30.42 21.11
N THR C 369 -11.41 29.40 21.84
CA THR C 369 -10.64 29.62 23.06
C THR C 369 -9.13 29.60 22.81
N HIS C 370 -8.72 29.06 21.67
CA HIS C 370 -7.30 28.86 21.36
C HIS C 370 -6.65 27.93 22.38
N ASP C 371 -7.43 26.97 22.88
CA ASP C 371 -6.93 26.00 23.84
C ASP C 371 -7.32 24.59 23.42
N LEU C 372 -6.33 23.83 22.95
CA LEU C 372 -6.56 22.47 22.47
C LEU C 372 -6.98 21.56 23.61
N SER C 373 -6.41 21.81 24.80
CA SER C 373 -6.70 21.03 25.98
C SER C 373 -8.19 21.08 26.34
N LEU C 374 -8.80 22.25 26.17
CA LEU C 374 -10.22 22.42 26.46
C LEU C 374 -11.08 21.64 25.48
N GLY C 375 -10.70 21.68 24.20
CA GLY C 375 -11.39 20.92 23.17
C GLY C 375 -11.35 19.44 23.50
N VAL C 376 -10.17 18.96 23.88
CA VAL C 376 -10.00 17.57 24.30
C VAL C 376 -10.90 17.26 25.49
N LEU C 377 -10.93 18.17 26.45
CA LEU C 377 -11.72 17.99 27.67
C LEU C 377 -13.21 17.82 27.37
N ILE C 378 -13.75 18.75 26.59
CA ILE C 378 -15.18 18.71 26.26
C ILE C 378 -15.47 17.50 25.38
N GLY C 379 -14.49 17.08 24.58
CA GLY C 379 -14.64 15.88 23.78
C GLY C 379 -14.82 14.68 24.70
N VAL C 380 -13.96 14.59 25.71
CA VAL C 380 -14.03 13.53 26.69
C VAL C 380 -15.37 13.49 27.42
N VAL C 381 -15.78 14.64 27.97
CA VAL C 381 -17.01 14.65 28.76
C VAL C 381 -18.25 14.42 27.89
N LEU C 382 -18.24 14.91 26.65
CA LEU C 382 -19.37 14.68 25.75
C LEU C 382 -19.47 13.22 25.38
N SER C 383 -18.34 12.63 24.99
CA SER C 383 -18.29 11.21 24.69
C SER C 383 -18.76 10.39 25.89
N ALA C 384 -18.42 10.86 27.08
CA ALA C 384 -18.84 10.20 28.32
C ALA C 384 -20.35 10.27 28.50
N LEU C 385 -20.93 11.43 28.23
CA LEU C 385 -22.37 11.62 28.34
C LEU C 385 -23.12 10.72 27.35
N PHE C 386 -22.72 10.78 26.09
CA PHE C 386 -23.32 9.93 25.06
C PHE C 386 -23.17 8.46 25.44
N PHE C 387 -22.04 8.12 26.03
CA PHE C 387 -21.81 6.76 26.50
C PHE C 387 -22.84 6.38 27.56
N ALA C 388 -23.04 7.26 28.53
CA ALA C 388 -24.02 7.03 29.59
C ALA C 388 -25.43 6.91 29.01
N ARG C 389 -25.66 7.56 27.87
CA ARG C 389 -26.95 7.49 27.20
C ARG C 389 -27.11 6.20 26.41
N LYS C 390 -25.98 5.61 26.00
CA LYS C 390 -25.99 4.34 25.29
C LYS C 390 -26.08 3.18 26.26
N VAL C 391 -25.63 3.39 27.49
CA VAL C 391 -25.47 2.29 28.44
C VAL C 391 -26.54 2.26 29.54
N GLN D 14 -3.78 11.26 -38.05
CA GLN D 14 -3.93 9.80 -38.11
C GLN D 14 -2.68 9.10 -37.61
N ARG D 15 -1.52 9.68 -37.94
CA ARG D 15 -0.21 9.15 -37.53
C ARG D 15 -0.07 7.65 -37.79
N GLU D 16 0.03 7.27 -39.05
CA GLU D 16 0.26 5.88 -39.42
C GLU D 16 1.36 5.82 -40.48
N TRP D 17 2.33 4.94 -40.26
CA TRP D 17 3.58 4.98 -41.01
C TRP D 17 3.95 3.65 -41.66
N PHE D 18 5.04 3.69 -42.43
CA PHE D 18 5.62 2.50 -43.05
C PHE D 18 7.13 2.58 -43.02
N ALA D 19 7.67 3.24 -42.00
CA ALA D 19 9.10 3.48 -41.88
C ALA D 19 9.90 2.22 -41.63
N ASN D 20 11.11 2.17 -42.17
CA ASN D 20 12.03 1.05 -42.01
C ASN D 20 11.43 -0.32 -42.35
N PRO D 21 11.05 -0.53 -43.63
CA PRO D 21 10.49 -1.83 -44.01
C PRO D 21 11.57 -2.91 -44.05
N ARG D 22 12.76 -2.54 -44.50
CA ARG D 22 13.90 -3.45 -44.61
C ARG D 22 14.18 -4.20 -43.31
N LYS D 23 14.15 -3.48 -42.19
CA LYS D 23 14.44 -4.08 -40.90
C LYS D 23 13.21 -4.69 -40.24
N ASP D 24 12.05 -4.07 -40.44
CA ASP D 24 10.80 -4.57 -39.86
C ASP D 24 10.44 -5.95 -40.41
N VAL D 25 10.49 -6.09 -41.73
CA VAL D 25 10.19 -7.37 -42.38
C VAL D 25 11.12 -8.47 -41.88
N LEU D 26 12.43 -8.18 -41.89
CA LEU D 26 13.44 -9.13 -41.44
C LEU D 26 13.20 -9.56 -39.99
N ALA D 27 13.00 -8.59 -39.12
CA ALA D 27 12.73 -8.85 -37.71
C ALA D 27 11.50 -9.75 -37.55
N GLY D 28 10.44 -9.41 -38.28
CA GLY D 28 9.22 -10.19 -38.28
C GLY D 28 9.48 -11.63 -38.68
N ILE D 29 10.34 -11.81 -39.69
CA ILE D 29 10.73 -13.14 -40.13
C ILE D 29 11.41 -13.90 -39.00
N VAL D 30 12.40 -13.27 -38.38
CA VAL D 30 13.13 -13.90 -37.27
C VAL D 30 12.20 -14.34 -36.15
N VAL D 31 11.39 -13.40 -35.66
CA VAL D 31 10.49 -13.70 -34.54
C VAL D 31 9.39 -14.68 -34.96
N ALA D 32 9.15 -14.80 -36.26
CA ALA D 32 8.20 -15.80 -36.76
C ALA D 32 8.80 -17.20 -36.64
N LEU D 33 10.05 -17.33 -37.10
CA LEU D 33 10.80 -18.57 -36.95
C LEU D 33 10.89 -18.95 -35.48
N ALA D 34 11.00 -17.94 -34.62
CA ALA D 34 10.99 -18.19 -33.18
C ALA D 34 9.58 -18.47 -32.67
N LEU D 35 8.58 -18.14 -33.48
CA LEU D 35 7.19 -18.21 -33.05
C LEU D 35 6.54 -19.57 -33.31
N ILE D 36 6.90 -20.21 -34.42
CA ILE D 36 6.33 -21.53 -34.76
C ILE D 36 6.38 -22.57 -33.61
N PRO D 37 7.59 -22.86 -33.08
CA PRO D 37 7.65 -23.95 -32.09
C PRO D 37 6.92 -23.59 -30.81
N GLU D 38 6.89 -22.30 -30.48
CA GLU D 38 6.17 -21.83 -29.31
C GLU D 38 4.70 -22.19 -29.39
N ALA D 39 4.07 -21.83 -30.50
CA ALA D 39 2.65 -22.06 -30.69
C ALA D 39 2.34 -23.55 -30.75
N ILE D 40 3.14 -24.30 -31.51
CA ILE D 40 2.94 -25.75 -31.59
C ILE D 40 3.01 -26.40 -30.20
N ALA D 41 4.11 -26.14 -29.51
CA ALA D 41 4.34 -26.69 -28.18
C ALA D 41 3.23 -26.32 -27.22
N PHE D 42 2.93 -25.03 -27.10
CA PHE D 42 1.87 -24.56 -26.21
C PHE D 42 0.53 -25.19 -26.54
N SER D 43 0.30 -25.47 -27.82
CA SER D 43 -0.91 -26.18 -28.22
C SER D 43 -0.91 -27.58 -27.64
N ILE D 44 0.22 -28.27 -27.76
CA ILE D 44 0.31 -29.63 -27.21
C ILE D 44 0.16 -29.64 -25.68
N ILE D 45 0.75 -28.65 -25.02
CA ILE D 45 0.68 -28.52 -23.57
C ILE D 45 -0.75 -28.32 -23.09
N ALA D 46 -1.52 -27.57 -23.86
CA ALA D 46 -2.92 -27.30 -23.52
C ALA D 46 -3.85 -28.37 -24.07
N GLY D 47 -3.29 -29.53 -24.43
CA GLY D 47 -4.06 -30.65 -24.93
C GLY D 47 -4.93 -30.33 -26.13
N VAL D 48 -4.31 -29.78 -27.17
CA VAL D 48 -5.03 -29.39 -28.37
C VAL D 48 -4.11 -29.46 -29.58
N ASP D 49 -4.68 -29.41 -30.78
CA ASP D 49 -3.89 -29.46 -32.01
C ASP D 49 -3.06 -28.19 -32.20
N PRO D 50 -1.80 -28.35 -32.64
CA PRO D 50 -0.90 -27.26 -33.05
C PRO D 50 -1.58 -26.22 -33.93
N GLN D 51 -2.52 -26.68 -34.77
CA GLN D 51 -3.29 -25.83 -35.66
C GLN D 51 -3.91 -24.63 -34.94
N VAL D 52 -4.46 -24.89 -33.76
CA VAL D 52 -5.12 -23.85 -32.97
C VAL D 52 -4.12 -22.77 -32.54
N GLY D 53 -2.95 -23.19 -32.08
CA GLY D 53 -1.91 -22.27 -31.67
C GLY D 53 -1.35 -21.46 -32.80
N LEU D 54 -1.06 -22.12 -33.92
CA LEU D 54 -0.50 -21.43 -35.08
C LEU D 54 -1.50 -20.43 -35.65
N TYR D 55 -2.76 -20.86 -35.79
CA TYR D 55 -3.85 -19.97 -36.19
C TYR D 55 -3.92 -18.77 -35.27
N ALA D 56 -3.93 -19.03 -33.97
CA ALA D 56 -3.97 -17.98 -32.96
C ALA D 56 -2.87 -16.95 -33.17
N SER D 57 -1.62 -17.44 -33.22
CA SER D 57 -0.47 -16.57 -33.44
C SER D 57 -0.66 -15.70 -34.68
N PHE D 58 -1.02 -16.34 -35.79
CA PHE D 58 -1.26 -15.63 -37.04
C PHE D 58 -2.27 -14.49 -36.92
N ILE D 59 -3.51 -14.85 -36.60
CA ILE D 59 -4.61 -13.89 -36.62
C ILE D 59 -4.42 -12.80 -35.54
N ILE D 60 -3.90 -13.19 -34.38
CA ILE D 60 -3.63 -12.21 -33.32
C ILE D 60 -2.56 -11.23 -33.79
N ALA D 61 -1.47 -11.74 -34.35
CA ALA D 61 -0.42 -10.88 -34.87
C ALA D 61 -0.97 -9.89 -35.89
N LEU D 62 -1.83 -10.38 -36.77
CA LEU D 62 -2.49 -9.54 -37.77
C LEU D 62 -3.30 -8.39 -37.13
N ILE D 63 -4.31 -8.78 -36.37
CA ILE D 63 -5.24 -7.80 -35.80
C ILE D 63 -4.53 -6.82 -34.86
N THR D 64 -3.53 -7.29 -34.13
CA THR D 64 -2.75 -6.41 -33.26
C THR D 64 -1.88 -5.49 -34.10
N ALA D 65 -1.41 -5.99 -35.24
CA ALA D 65 -0.63 -5.16 -36.15
C ALA D 65 -1.49 -4.00 -36.63
N PHE D 66 -2.78 -4.22 -36.80
CA PHE D 66 -3.65 -3.14 -37.28
C PHE D 66 -4.28 -2.27 -36.19
N LEU D 67 -4.54 -2.84 -35.01
CA LEU D 67 -5.29 -2.13 -33.97
C LEU D 67 -4.56 -2.03 -32.65
N GLY D 68 -3.32 -2.52 -32.61
CA GLY D 68 -2.53 -2.49 -31.39
C GLY D 68 -2.07 -1.10 -31.03
N GLY D 69 -1.75 -0.89 -29.76
CA GLY D 69 -1.32 0.41 -29.28
C GLY D 69 0.18 0.63 -29.41
N ARG D 70 0.95 -0.39 -29.10
CA ARG D 70 2.41 -0.28 -29.14
C ARG D 70 3.00 -1.07 -30.31
N PRO D 71 3.47 -0.35 -31.34
CA PRO D 71 4.09 -0.94 -32.53
C PRO D 71 5.41 -1.65 -32.22
N GLY D 72 5.61 -2.82 -32.82
CA GLY D 72 6.82 -3.58 -32.62
C GLY D 72 6.68 -4.60 -31.51
N MET D 73 5.47 -4.72 -30.97
CA MET D 73 5.20 -5.68 -29.92
C MET D 73 4.48 -6.92 -30.46
N ILE D 74 5.10 -8.08 -30.33
CA ILE D 74 4.50 -9.32 -30.82
C ILE D 74 3.48 -9.87 -29.84
N SER D 75 2.25 -10.04 -30.33
CA SER D 75 1.23 -10.74 -29.59
C SER D 75 0.85 -12.00 -30.36
N ALA D 76 1.08 -13.16 -29.75
CA ALA D 76 0.82 -14.42 -30.43
C ALA D 76 0.16 -15.44 -29.51
N ALA D 77 0.90 -16.47 -29.13
CA ALA D 77 0.39 -17.50 -28.24
C ALA D 77 1.43 -17.86 -27.19
N THR D 78 1.11 -17.60 -25.92
CA THR D 78 2.03 -17.86 -24.83
C THR D 78 1.46 -18.87 -23.85
N GLY D 79 2.35 -19.45 -23.02
CA GLY D 79 1.93 -20.38 -21.99
C GLY D 79 1.04 -19.70 -20.97
N ALA D 80 1.26 -18.41 -20.76
CA ALA D 80 0.47 -17.61 -19.82
C ALA D 80 -1.01 -17.69 -20.12
N MET D 81 -1.34 -17.98 -21.37
CA MET D 81 -2.74 -18.19 -21.75
C MET D 81 -3.08 -19.68 -21.77
N ALA D 82 -2.20 -20.49 -22.32
CA ALA D 82 -2.43 -21.91 -22.53
C ALA D 82 -2.71 -22.67 -21.23
N LEU D 83 -1.88 -22.44 -20.22
CA LEU D 83 -2.00 -23.17 -18.97
C LEU D 83 -3.26 -22.79 -18.18
N LEU D 84 -4.02 -21.82 -18.70
CA LEU D 84 -5.30 -21.45 -18.10
C LEU D 84 -6.46 -22.09 -18.83
N MET D 85 -6.19 -22.61 -20.02
CA MET D 85 -7.21 -23.28 -20.83
C MET D 85 -7.07 -24.79 -20.78
N THR D 86 -5.88 -25.26 -20.37
CA THR D 86 -5.59 -26.69 -20.29
C THR D 86 -6.59 -27.46 -19.43
N GLY D 87 -7.24 -26.77 -18.50
CA GLY D 87 -8.24 -27.39 -17.66
C GLY D 87 -9.62 -27.34 -18.29
N LEU D 88 -9.84 -26.31 -19.11
CA LEU D 88 -11.12 -26.15 -19.79
C LEU D 88 -11.27 -27.13 -20.94
N VAL D 89 -10.15 -27.52 -21.54
CA VAL D 89 -10.19 -28.40 -22.71
C VAL D 89 -10.40 -29.88 -22.36
N LYS D 90 -10.02 -30.28 -21.17
CA LYS D 90 -10.14 -31.69 -20.78
C LYS D 90 -11.42 -31.93 -19.99
N ASP D 91 -12.15 -30.85 -19.72
CA ASP D 91 -13.40 -30.96 -18.96
C ASP D 91 -14.61 -30.61 -19.83
N HIS D 92 -14.40 -29.82 -20.87
CA HIS D 92 -15.49 -29.39 -21.73
C HIS D 92 -15.12 -29.46 -23.21
N GLY D 93 -13.84 -29.38 -23.51
CA GLY D 93 -13.37 -29.50 -24.88
C GLY D 93 -12.55 -28.34 -25.38
N ILE D 94 -11.96 -28.51 -26.56
CA ILE D 94 -11.11 -27.49 -27.16
C ILE D 94 -11.92 -26.35 -27.76
N GLN D 95 -13.24 -26.41 -27.58
CA GLN D 95 -14.15 -25.51 -28.25
C GLN D 95 -14.87 -24.59 -27.27
N TYR D 96 -15.08 -25.07 -26.05
CA TYR D 96 -15.47 -24.19 -24.96
C TYR D 96 -14.33 -23.17 -24.80
N LEU D 97 -13.14 -23.61 -25.20
CA LEU D 97 -11.98 -22.74 -25.34
C LEU D 97 -12.30 -21.59 -26.30
N PHE D 98 -12.85 -21.91 -27.47
CA PHE D 98 -13.19 -20.89 -28.47
C PHE D 98 -14.13 -19.84 -27.89
N ALA D 99 -15.21 -20.31 -27.27
CA ALA D 99 -16.15 -19.45 -26.58
C ALA D 99 -15.44 -18.56 -25.57
N ALA D 100 -14.57 -19.18 -24.78
CA ALA D 100 -13.84 -18.47 -23.74
C ALA D 100 -12.90 -17.41 -24.30
N THR D 101 -12.37 -17.64 -25.50
CA THR D 101 -11.48 -16.69 -26.13
C THR D 101 -12.27 -15.51 -26.69
N VAL D 102 -13.42 -15.81 -27.28
CA VAL D 102 -14.33 -14.77 -27.75
C VAL D 102 -14.73 -13.87 -26.58
N LEU D 103 -15.25 -14.48 -25.53
CA LEU D 103 -15.67 -13.75 -24.34
C LEU D 103 -14.50 -13.00 -23.71
N THR D 104 -13.32 -13.60 -23.78
CA THR D 104 -12.11 -12.96 -23.26
C THR D 104 -11.85 -11.65 -23.99
N GLY D 105 -11.86 -11.71 -25.32
CA GLY D 105 -11.70 -10.53 -26.13
C GLY D 105 -12.76 -9.48 -25.83
N VAL D 106 -13.99 -9.95 -25.61
CA VAL D 106 -15.08 -9.04 -25.25
C VAL D 106 -14.78 -8.33 -23.93
N LEU D 107 -14.29 -9.08 -22.94
CA LEU D 107 -13.93 -8.50 -21.65
C LEU D 107 -12.78 -7.52 -21.78
N GLN D 108 -11.90 -7.78 -22.73
CA GLN D 108 -10.75 -6.90 -22.95
C GLN D 108 -11.15 -5.59 -23.62
N VAL D 109 -12.03 -5.64 -24.61
CA VAL D 109 -12.49 -4.42 -25.24
C VAL D 109 -13.42 -3.66 -24.30
N VAL D 110 -14.06 -4.38 -23.38
CA VAL D 110 -14.84 -3.75 -22.32
C VAL D 110 -13.89 -3.00 -21.38
N PHE D 111 -12.79 -3.65 -21.04
CA PHE D 111 -11.79 -3.08 -20.14
C PHE D 111 -11.14 -1.84 -20.76
N GLY D 112 -10.96 -1.87 -22.08
CA GLY D 112 -10.37 -0.76 -22.79
C GLY D 112 -11.34 0.39 -23.00
N TRP D 113 -12.61 0.05 -23.21
CA TRP D 113 -13.65 1.05 -23.41
C TRP D 113 -13.93 1.83 -22.13
N ALA D 114 -13.78 1.17 -21.00
CA ALA D 114 -14.03 1.79 -19.71
C ALA D 114 -12.80 2.54 -19.18
N LYS D 115 -11.69 2.38 -19.90
CA LYS D 115 -10.43 3.04 -19.55
C LYS D 115 -9.98 2.69 -18.13
N LEU D 116 -9.54 1.45 -17.94
CA LEU D 116 -9.21 0.97 -16.60
C LEU D 116 -7.82 0.38 -16.50
N ALA D 117 -6.98 0.65 -17.49
CA ALA D 117 -5.63 0.09 -17.52
C ALA D 117 -4.77 0.59 -16.36
N ARG D 118 -4.99 1.84 -15.95
CA ARG D 118 -4.22 2.45 -14.88
C ARG D 118 -4.36 1.69 -13.56
N TYR D 119 -5.41 0.90 -13.44
CA TYR D 119 -5.67 0.14 -12.22
C TYR D 119 -4.81 -1.11 -12.13
N LEU D 120 -4.18 -1.49 -13.23
CA LEU D 120 -3.32 -2.67 -13.27
C LEU D 120 -2.13 -2.56 -12.32
N LYS D 121 -1.81 -1.34 -11.91
CA LYS D 121 -0.73 -1.10 -10.97
C LYS D 121 -1.09 -1.65 -9.58
N PHE D 122 -2.39 -1.69 -9.28
CA PHE D 122 -2.85 -2.14 -7.98
C PHE D 122 -2.62 -3.64 -7.76
N VAL D 123 -2.43 -4.37 -8.85
CA VAL D 123 -2.16 -5.80 -8.78
C VAL D 123 -0.83 -6.07 -8.07
N PRO D 124 -0.89 -6.79 -6.94
CA PRO D 124 0.28 -7.10 -6.11
C PRO D 124 1.41 -7.78 -6.88
N ARG D 125 2.65 -7.38 -6.60
CA ARG D 125 3.81 -7.97 -7.24
C ARG D 125 3.99 -9.43 -6.86
N SER D 126 3.58 -9.78 -5.65
CA SER D 126 3.68 -11.15 -5.14
C SER D 126 2.83 -12.10 -5.99
N VAL D 127 1.61 -11.66 -6.29
CA VAL D 127 0.70 -12.43 -7.15
C VAL D 127 1.31 -12.67 -8.52
N MET D 128 1.93 -11.64 -9.08
CA MET D 128 2.50 -11.71 -10.42
C MET D 128 3.73 -12.61 -10.47
N VAL D 129 4.67 -12.42 -9.55
CA VAL D 129 5.87 -13.24 -9.53
C VAL D 129 5.51 -14.70 -9.23
N GLY D 130 4.50 -14.89 -8.38
CA GLY D 130 3.99 -16.22 -8.09
C GLY D 130 3.43 -16.86 -9.34
N PHE D 131 2.67 -16.08 -10.11
CA PHE D 131 2.11 -16.52 -11.37
C PHE D 131 3.21 -16.96 -12.33
N VAL D 132 4.29 -16.17 -12.40
CA VAL D 132 5.41 -16.48 -13.28
C VAL D 132 6.09 -17.79 -12.88
N ASN D 133 6.44 -17.91 -11.60
CA ASN D 133 7.06 -19.12 -11.09
C ASN D 133 6.22 -20.36 -11.37
N ALA D 134 4.97 -20.32 -10.90
CA ALA D 134 4.02 -21.41 -11.11
C ALA D 134 3.92 -21.77 -12.59
N LEU D 135 3.83 -20.75 -13.44
CA LEU D 135 3.79 -20.93 -14.88
C LEU D 135 4.97 -21.75 -15.36
N ALA D 136 6.18 -21.30 -15.04
CA ALA D 136 7.39 -21.94 -15.53
C ALA D 136 7.51 -23.38 -15.06
N ILE D 137 7.36 -23.61 -13.76
CA ILE D 137 7.49 -24.98 -13.25
C ILE D 137 6.36 -25.87 -13.78
N LEU D 138 5.23 -25.27 -14.14
CA LEU D 138 4.15 -26.02 -14.75
C LEU D 138 4.51 -26.40 -16.19
N ILE D 139 5.24 -25.51 -16.86
CA ILE D 139 5.79 -25.83 -18.18
C ILE D 139 6.71 -27.02 -18.07
N PHE D 140 7.65 -26.93 -17.13
CA PHE D 140 8.64 -27.99 -16.91
C PHE D 140 7.96 -29.31 -16.56
N MET D 141 6.87 -29.24 -15.79
CA MET D 141 6.11 -30.43 -15.44
C MET D 141 5.34 -30.98 -16.64
N ALA D 142 4.95 -30.10 -17.53
CA ALA D 142 4.22 -30.50 -18.74
C ALA D 142 5.13 -31.24 -19.70
N GLN D 143 6.44 -31.08 -19.53
CA GLN D 143 7.42 -31.75 -20.37
C GLN D 143 7.66 -33.18 -19.88
N LEU D 144 7.18 -33.46 -18.68
CA LEU D 144 7.39 -34.77 -18.05
C LEU D 144 6.62 -35.93 -18.69
N PRO D 145 5.34 -35.74 -19.09
CA PRO D 145 4.64 -36.87 -19.72
C PRO D 145 5.25 -37.37 -21.03
N GLN D 146 6.31 -36.73 -21.49
CA GLN D 146 7.02 -37.18 -22.68
C GLN D 146 8.16 -38.12 -22.30
N PHE D 147 8.32 -38.36 -21.00
CA PHE D 147 9.38 -39.20 -20.48
C PHE D 147 8.86 -40.48 -19.84
N VAL D 148 7.55 -40.55 -19.60
CA VAL D 148 6.97 -41.74 -18.99
C VAL D 148 7.07 -42.95 -19.93
N GLY D 149 6.87 -42.69 -21.22
CA GLY D 149 7.16 -43.68 -22.23
C GLY D 149 8.48 -43.31 -22.84
N ALA D 150 9.55 -43.97 -22.39
CA ALA D 150 10.90 -43.49 -22.65
C ALA D 150 11.76 -44.42 -23.50
N ASN D 151 12.14 -43.95 -24.67
CA ASN D 151 13.20 -44.56 -25.45
C ASN D 151 14.45 -43.70 -25.29
N TRP D 152 15.63 -44.31 -25.29
CA TRP D 152 16.85 -43.57 -24.99
C TRP D 152 17.17 -42.53 -26.07
N GLN D 153 16.50 -42.61 -27.22
CA GLN D 153 16.63 -41.57 -28.23
C GLN D 153 16.04 -40.26 -27.72
N MET D 154 14.95 -40.37 -26.95
CA MET D 154 14.33 -39.20 -26.33
C MET D 154 15.33 -38.49 -25.43
N TYR D 155 15.92 -39.24 -24.49
CA TYR D 155 16.90 -38.71 -23.56
C TYR D 155 18.12 -38.14 -24.27
N ALA D 156 18.65 -38.89 -25.23
CA ALA D 156 19.86 -38.49 -25.94
C ALA D 156 19.63 -37.21 -26.75
N MET D 157 18.47 -37.12 -27.40
CA MET D 157 18.18 -35.98 -28.25
C MET D 157 17.76 -34.74 -27.46
N VAL D 158 17.15 -34.94 -26.29
CA VAL D 158 16.79 -33.79 -25.46
C VAL D 158 18.05 -33.26 -24.76
N ALA D 159 18.95 -34.17 -24.38
CA ALA D 159 20.20 -33.78 -23.73
C ALA D 159 21.10 -33.06 -24.74
N ALA D 160 21.19 -33.63 -25.93
CA ALA D 160 21.95 -33.01 -27.01
C ALA D 160 21.29 -31.71 -27.45
N GLY D 161 19.98 -31.62 -27.24
CA GLY D 161 19.24 -30.41 -27.54
C GLY D 161 19.63 -29.29 -26.59
N LEU D 162 19.57 -29.57 -25.29
CA LEU D 162 20.02 -28.60 -24.29
C LEU D 162 21.47 -28.22 -24.54
N ALA D 163 22.29 -29.22 -24.86
CA ALA D 163 23.71 -29.03 -25.12
C ALA D 163 23.94 -28.07 -26.28
N ILE D 164 23.28 -28.30 -27.40
CA ILE D 164 23.49 -27.47 -28.59
C ILE D 164 22.84 -26.10 -28.41
N ILE D 165 21.82 -26.00 -27.55
CA ILE D 165 21.17 -24.72 -27.32
C ILE D 165 22.05 -23.84 -26.40
N TYR D 166 22.78 -24.48 -25.49
CA TYR D 166 23.57 -23.73 -24.52
C TYR D 166 25.05 -23.55 -24.88
N LEU D 167 25.56 -24.38 -25.78
CA LEU D 167 26.99 -24.37 -26.06
C LEU D 167 27.33 -23.78 -27.43
N LEU D 168 26.41 -23.89 -28.38
CA LEU D 168 26.61 -23.33 -29.72
C LEU D 168 26.61 -21.79 -29.78
N PRO D 169 25.66 -21.11 -29.10
CA PRO D 169 25.60 -19.66 -29.30
C PRO D 169 26.83 -18.87 -28.82
N LEU D 170 27.71 -19.51 -28.05
CA LEU D 170 28.94 -18.82 -27.64
C LEU D 170 29.94 -18.84 -28.79
N VAL D 171 29.59 -19.56 -29.86
CA VAL D 171 30.44 -19.64 -31.05
C VAL D 171 29.76 -18.97 -32.24
N PHE D 172 28.43 -18.95 -32.23
CA PHE D 172 27.68 -18.42 -33.37
C PHE D 172 27.18 -16.99 -33.14
N LYS D 173 26.37 -16.50 -34.07
CA LYS D 173 26.04 -15.08 -34.13
C LYS D 173 24.56 -14.78 -33.84
N ALA D 174 23.98 -13.90 -34.66
CA ALA D 174 22.62 -13.40 -34.43
C ALA D 174 21.56 -14.34 -35.01
N MET D 175 21.79 -15.64 -34.89
CA MET D 175 20.81 -16.63 -35.32
C MET D 175 20.60 -17.65 -34.20
N PRO D 176 19.32 -17.97 -33.90
CA PRO D 176 18.92 -18.80 -32.77
C PRO D 176 19.60 -20.16 -32.72
N SER D 177 20.06 -20.55 -31.54
CA SER D 177 20.62 -21.88 -31.33
C SER D 177 19.51 -22.91 -31.28
N ALA D 178 18.30 -22.44 -31.00
CA ALA D 178 17.11 -23.29 -31.01
C ALA D 178 16.74 -23.66 -32.44
N LEU D 179 16.99 -22.75 -33.36
CA LEU D 179 16.77 -22.99 -34.78
C LEU D 179 17.65 -24.15 -35.23
N VAL D 180 18.94 -24.04 -34.93
CA VAL D 180 19.91 -25.08 -35.27
C VAL D 180 19.56 -26.38 -34.56
N ALA D 181 19.09 -26.27 -33.31
CA ALA D 181 18.69 -27.45 -32.54
C ALA D 181 17.58 -28.20 -33.25
N ILE D 182 16.51 -27.49 -33.58
CA ILE D 182 15.34 -28.08 -34.25
C ILE D 182 15.72 -28.66 -35.60
N VAL D 183 16.40 -27.88 -36.43
CA VAL D 183 16.78 -28.33 -37.77
C VAL D 183 17.67 -29.57 -37.72
N VAL D 184 18.74 -29.51 -36.91
CA VAL D 184 19.67 -30.62 -36.78
C VAL D 184 18.99 -31.88 -36.26
N LEU D 185 18.23 -31.76 -35.17
CA LEU D 185 17.56 -32.91 -34.59
C LEU D 185 16.52 -33.50 -35.55
N THR D 186 15.89 -32.64 -36.34
CA THR D 186 14.93 -33.09 -37.35
C THR D 186 15.64 -33.90 -38.43
N VAL D 187 16.69 -33.32 -39.00
CA VAL D 187 17.49 -33.98 -40.03
C VAL D 187 18.01 -35.32 -39.54
N VAL D 188 18.55 -35.34 -38.33
CA VAL D 188 19.05 -36.56 -37.71
C VAL D 188 17.95 -37.61 -37.58
N ALA D 189 16.85 -37.24 -36.93
CA ALA D 189 15.74 -38.15 -36.68
C ALA D 189 15.17 -38.73 -37.97
N VAL D 190 15.14 -37.91 -39.02
CA VAL D 190 14.65 -38.36 -40.32
C VAL D 190 15.64 -39.33 -40.98
N VAL D 191 16.90 -38.92 -41.05
CA VAL D 191 17.93 -39.70 -41.72
C VAL D 191 18.23 -41.01 -40.98
N THR D 192 18.49 -40.91 -39.68
CA THR D 192 18.82 -42.10 -38.89
C THR D 192 17.60 -42.97 -38.65
N GLY D 193 16.42 -42.41 -38.90
CA GLY D 193 15.17 -43.13 -38.70
C GLY D 193 14.96 -43.49 -37.23
N ALA D 194 15.18 -42.51 -36.35
CA ALA D 194 15.04 -42.73 -34.92
C ALA D 194 13.61 -43.05 -34.54
N ASP D 195 13.44 -43.88 -33.52
CA ASP D 195 12.11 -44.30 -33.07
C ASP D 195 11.63 -43.41 -31.94
N VAL D 196 11.06 -42.25 -32.30
CA VAL D 196 10.55 -41.31 -31.31
C VAL D 196 9.24 -40.66 -31.77
N LYS D 197 8.44 -40.22 -30.81
CA LYS D 197 7.21 -39.50 -31.11
C LYS D 197 7.50 -38.22 -31.88
N THR D 198 6.71 -37.96 -32.91
CA THR D 198 6.83 -36.72 -33.67
C THR D 198 5.63 -35.82 -33.41
N VAL D 199 5.76 -34.54 -33.75
CA VAL D 199 4.74 -33.54 -33.48
C VAL D 199 3.43 -33.86 -34.20
N GLY D 200 3.53 -34.41 -35.41
CA GLY D 200 2.36 -34.74 -36.21
C GLY D 200 1.42 -35.73 -35.54
N ASP D 201 1.90 -36.39 -34.49
CA ASP D 201 1.10 -37.36 -33.75
C ASP D 201 0.22 -36.68 -32.70
N MET D 202 0.73 -35.61 -32.11
CA MET D 202 0.06 -34.94 -31.01
C MET D 202 -1.14 -34.13 -31.46
N GLY D 203 -1.18 -33.77 -32.74
CA GLY D 203 -2.27 -33.00 -33.28
C GLY D 203 -2.07 -32.63 -34.74
N THR D 204 -3.15 -32.28 -35.42
CA THR D 204 -3.10 -31.91 -36.82
C THR D 204 -2.50 -30.52 -37.01
N LEU D 205 -1.69 -30.36 -38.05
CA LEU D 205 -1.08 -29.08 -38.36
C LEU D 205 -1.81 -28.41 -39.52
N PRO D 206 -1.84 -27.06 -39.54
CA PRO D 206 -2.55 -26.27 -40.54
C PRO D 206 -2.19 -26.65 -41.98
N THR D 207 -3.20 -26.78 -42.82
CA THR D 207 -2.99 -27.10 -44.24
C THR D 207 -3.70 -26.07 -45.11
N ALA D 208 -4.42 -25.15 -44.48
CA ALA D 208 -5.13 -24.11 -45.20
C ALA D 208 -5.33 -22.87 -44.34
N LEU D 209 -6.01 -21.87 -44.89
CA LEU D 209 -6.30 -20.64 -44.17
C LEU D 209 -7.42 -20.85 -43.16
N PRO D 210 -7.32 -20.20 -41.99
CA PRO D 210 -8.36 -20.26 -40.95
C PRO D 210 -9.70 -19.77 -41.47
N HIS D 211 -10.71 -20.64 -41.44
CA HIS D 211 -12.04 -20.28 -41.88
C HIS D 211 -12.89 -19.81 -40.70
N PHE D 212 -13.91 -19.01 -41.00
CA PHE D 212 -14.79 -18.48 -39.97
C PHE D 212 -15.55 -19.59 -39.27
N GLN D 213 -15.07 -19.96 -38.08
CA GLN D 213 -15.72 -20.98 -37.28
C GLN D 213 -16.49 -20.36 -36.12
N PHE D 214 -17.78 -20.11 -36.31
CA PHE D 214 -18.64 -19.72 -35.20
C PHE D 214 -18.54 -20.83 -34.17
N PRO D 215 -18.27 -20.47 -32.91
CA PRO D 215 -18.28 -21.46 -31.82
C PRO D 215 -19.61 -22.20 -31.80
N GLN D 216 -19.72 -23.25 -32.62
CA GLN D 216 -20.95 -24.01 -32.78
C GLN D 216 -21.16 -24.94 -31.59
N VAL D 217 -20.15 -24.99 -30.74
CA VAL D 217 -20.09 -25.98 -29.68
C VAL D 217 -20.60 -25.49 -28.31
N PRO D 218 -20.42 -24.21 -27.96
CA PRO D 218 -21.05 -23.72 -26.73
C PRO D 218 -22.51 -23.33 -26.90
N LEU D 219 -23.27 -23.35 -25.80
CA LEU D 219 -24.68 -22.99 -25.82
C LEU D 219 -25.08 -21.96 -24.75
N THR D 220 -25.09 -20.69 -25.13
CA THR D 220 -25.67 -19.61 -24.33
C THR D 220 -25.30 -19.59 -22.84
N PHE D 221 -26.32 -19.69 -21.99
CA PHE D 221 -26.20 -19.32 -20.58
C PHE D 221 -25.37 -20.28 -19.72
N GLU D 222 -25.72 -21.57 -19.74
CA GLU D 222 -24.99 -22.55 -18.96
C GLU D 222 -23.53 -22.58 -19.38
N THR D 223 -23.29 -22.27 -20.64
CA THR D 223 -21.93 -22.10 -21.14
C THR D 223 -21.27 -20.88 -20.51
N LEU D 224 -21.98 -19.76 -20.51
CA LEU D 224 -21.48 -18.53 -19.91
C LEU D 224 -21.04 -18.76 -18.48
N ALA D 225 -21.86 -19.51 -17.74
CA ALA D 225 -21.59 -19.81 -16.34
C ALA D 225 -20.34 -20.67 -16.13
N ILE D 226 -19.83 -21.25 -17.21
CA ILE D 226 -18.67 -22.12 -17.08
C ILE D 226 -17.43 -21.57 -17.80
N ILE D 227 -17.63 -20.55 -18.63
CA ILE D 227 -16.49 -19.95 -19.33
C ILE D 227 -16.16 -18.56 -18.80
N PHE D 228 -17.06 -17.99 -18.00
CA PHE D 228 -16.82 -16.65 -17.46
C PHE D 228 -15.56 -16.55 -16.57
N PRO D 229 -15.33 -17.51 -15.64
CA PRO D 229 -14.13 -17.39 -14.82
C PRO D 229 -12.82 -17.44 -15.62
N VAL D 230 -12.69 -18.44 -16.49
CA VAL D 230 -11.47 -18.58 -17.28
C VAL D 230 -11.29 -17.42 -18.25
N ALA D 231 -12.39 -16.86 -18.75
CA ALA D 231 -12.32 -15.69 -19.61
C ALA D 231 -11.84 -14.49 -18.83
N LEU D 232 -12.27 -14.41 -17.57
CA LEU D 232 -11.86 -13.34 -16.67
C LEU D 232 -10.36 -13.39 -16.40
N THR D 233 -9.89 -14.57 -15.99
CA THR D 233 -8.47 -14.76 -15.69
C THR D 233 -7.61 -14.57 -16.93
N LEU D 234 -8.04 -15.12 -18.06
CA LEU D 234 -7.34 -14.95 -19.33
C LEU D 234 -7.23 -13.49 -19.70
N SER D 235 -8.34 -12.76 -19.56
CA SER D 235 -8.37 -11.35 -19.89
C SER D 235 -7.41 -10.57 -19.02
N LEU D 236 -7.50 -10.76 -17.71
CA LEU D 236 -6.66 -10.03 -16.76
C LEU D 236 -5.16 -10.31 -16.99
N VAL D 237 -4.82 -11.59 -17.12
CA VAL D 237 -3.44 -11.99 -17.37
C VAL D 237 -2.94 -11.39 -18.69
N GLY D 238 -3.79 -11.42 -19.71
CA GLY D 238 -3.44 -10.89 -21.01
C GLY D 238 -3.20 -9.39 -20.99
N LEU D 239 -4.02 -8.67 -20.23
CA LEU D 239 -3.89 -7.23 -20.12
C LEU D 239 -2.68 -6.84 -19.29
N LEU D 240 -2.35 -7.66 -18.29
CA LEU D 240 -1.13 -7.44 -17.52
C LEU D 240 0.11 -7.66 -18.38
N GLU D 241 0.15 -8.79 -19.07
CA GLU D 241 1.23 -9.10 -19.99
C GLU D 241 1.41 -8.01 -21.04
N SER D 242 0.30 -7.59 -21.63
CA SER D 242 0.33 -6.54 -22.65
C SER D 242 0.83 -5.23 -22.05
N LEU D 243 0.42 -4.94 -20.83
CA LEU D 243 0.84 -3.72 -20.14
C LEU D 243 2.35 -3.69 -19.92
N LEU D 244 2.88 -4.74 -19.31
CA LEU D 244 4.30 -4.79 -18.98
C LEU D 244 5.17 -4.86 -20.24
N THR D 245 4.74 -5.65 -21.22
CA THR D 245 5.46 -5.74 -22.48
C THR D 245 5.50 -4.36 -23.14
N ALA D 246 4.34 -3.71 -23.19
CA ALA D 246 4.24 -2.34 -23.68
C ALA D 246 5.26 -1.46 -23.00
N GLN D 247 5.16 -1.32 -21.69
CA GLN D 247 6.05 -0.47 -20.92
C GLN D 247 7.54 -0.77 -21.14
N LEU D 248 7.87 -2.04 -21.34
CA LEU D 248 9.27 -2.40 -21.60
C LEU D 248 9.70 -1.90 -22.98
N ILE D 249 8.79 -1.98 -23.96
CA ILE D 249 9.09 -1.44 -25.29
C ILE D 249 9.17 0.09 -25.21
N ASP D 250 8.37 0.68 -24.32
CA ASP D 250 8.40 2.11 -24.05
C ASP D 250 9.77 2.54 -23.55
N GLU D 251 10.29 1.78 -22.59
CA GLU D 251 11.59 2.08 -22.00
C GLU D 251 12.71 1.85 -23.02
N ARG D 252 12.58 0.81 -23.82
CA ARG D 252 13.61 0.50 -24.82
C ARG D 252 13.71 1.58 -25.88
N THR D 253 12.58 2.19 -26.22
CA THR D 253 12.56 3.28 -27.19
C THR D 253 11.87 4.51 -26.58
N ASP D 254 10.89 5.05 -27.30
CA ASP D 254 10.09 6.17 -26.81
C ASP D 254 8.68 6.12 -27.39
N THR D 255 7.68 6.32 -26.54
CA THR D 255 6.29 6.34 -27.00
C THR D 255 5.31 6.86 -25.95
N THR D 256 4.17 7.34 -26.43
CA THR D 256 3.08 7.76 -25.56
C THR D 256 1.90 6.81 -25.75
N SER D 257 2.21 5.53 -25.90
CA SER D 257 1.24 4.50 -26.22
C SER D 257 0.06 4.45 -25.26
N ASP D 258 -1.15 4.54 -25.80
CA ASP D 258 -2.36 4.41 -25.00
C ASP D 258 -2.62 2.93 -24.74
N LYS D 259 -2.45 2.51 -23.50
CA LYS D 259 -2.60 1.11 -23.13
C LYS D 259 -4.05 0.65 -23.25
N ASN D 260 -4.97 1.61 -23.26
CA ASN D 260 -6.39 1.32 -23.46
C ASN D 260 -6.65 0.86 -24.89
N VAL D 261 -6.05 1.56 -25.85
CA VAL D 261 -6.15 1.18 -27.26
C VAL D 261 -5.49 -0.17 -27.48
N GLU D 262 -4.36 -0.40 -26.80
CA GLU D 262 -3.67 -1.67 -26.86
C GLU D 262 -4.56 -2.80 -26.34
N SER D 263 -5.24 -2.54 -25.23
CA SER D 263 -6.16 -3.50 -24.63
C SER D 263 -7.32 -3.80 -25.57
N ARG D 264 -7.82 -2.76 -26.23
CA ARG D 264 -8.91 -2.92 -27.19
C ARG D 264 -8.49 -3.79 -28.37
N GLY D 265 -7.33 -3.49 -28.94
CA GLY D 265 -6.79 -4.26 -30.05
C GLY D 265 -6.60 -5.70 -29.66
N GLN D 266 -6.06 -5.91 -28.46
CA GLN D 266 -5.93 -7.24 -27.88
C GLN D 266 -7.28 -7.95 -27.87
N GLY D 267 -8.31 -7.22 -27.42
CA GLY D 267 -9.64 -7.76 -27.33
C GLY D 267 -10.24 -8.18 -28.65
N VAL D 268 -10.28 -7.25 -29.61
CA VAL D 268 -10.78 -7.53 -30.95
C VAL D 268 -10.04 -8.73 -31.55
N ALA D 269 -8.71 -8.71 -31.41
CA ALA D 269 -7.87 -9.81 -31.87
C ALA D 269 -8.33 -11.15 -31.32
N ASN D 270 -8.45 -11.24 -30.00
CA ASN D 270 -8.90 -12.47 -29.37
C ASN D 270 -10.31 -12.88 -29.79
N ILE D 271 -11.16 -11.89 -30.02
CA ILE D 271 -12.54 -12.14 -30.46
C ILE D 271 -12.57 -12.83 -31.81
N VAL D 272 -11.99 -12.18 -32.82
CA VAL D 272 -12.00 -12.75 -34.16
C VAL D 272 -11.21 -14.08 -34.17
N THR D 273 -10.21 -14.16 -33.30
CA THR D 273 -9.43 -15.39 -33.14
C THR D 273 -10.33 -16.54 -32.70
N GLY D 274 -11.19 -16.24 -31.72
CA GLY D 274 -12.15 -17.22 -31.24
C GLY D 274 -13.17 -17.57 -32.30
N PHE D 275 -13.50 -16.59 -33.14
CA PHE D 275 -14.44 -16.83 -34.23
C PHE D 275 -13.79 -17.50 -35.44
N PHE D 276 -12.48 -17.74 -35.36
CA PHE D 276 -11.78 -18.43 -36.44
C PHE D 276 -11.04 -19.67 -35.96
N GLY D 277 -11.59 -20.33 -34.95
CA GLY D 277 -11.02 -21.57 -34.44
C GLY D 277 -9.59 -21.40 -33.94
N GLY D 278 -9.40 -20.44 -33.02
CA GLY D 278 -8.09 -20.14 -32.51
C GLY D 278 -8.01 -20.18 -30.99
N MET D 279 -6.80 -20.08 -30.46
CA MET D 279 -6.57 -20.12 -29.02
C MET D 279 -6.73 -18.71 -28.42
N ALA D 280 -6.26 -18.55 -27.19
CA ALA D 280 -6.19 -17.23 -26.57
C ALA D 280 -4.75 -16.75 -26.57
N GLY D 281 -4.55 -15.46 -26.82
CA GLY D 281 -3.21 -14.92 -26.91
C GLY D 281 -3.03 -13.56 -26.25
N CYS D 282 -1.77 -13.21 -26.01
CA CYS D 282 -1.42 -11.92 -25.45
C CYS D 282 -0.02 -11.51 -25.89
N ALA D 283 0.50 -10.45 -25.28
CA ALA D 283 1.83 -9.96 -25.61
C ALA D 283 2.91 -10.92 -25.11
N MET D 284 4.00 -11.01 -25.88
CA MET D 284 5.10 -11.88 -25.53
C MET D 284 6.37 -11.06 -25.25
N ILE D 285 6.81 -11.09 -24.00
CA ILE D 285 7.99 -10.35 -23.58
C ILE D 285 9.23 -10.70 -24.41
N GLY D 286 9.64 -11.96 -24.34
CA GLY D 286 10.85 -12.43 -24.99
C GLY D 286 10.94 -12.12 -26.47
N GLN D 287 9.87 -12.39 -27.20
CA GLN D 287 9.87 -12.18 -28.65
C GLN D 287 9.78 -10.71 -29.02
N SER D 288 9.12 -9.91 -28.18
CA SER D 288 9.09 -8.47 -28.37
C SER D 288 10.51 -7.92 -28.21
N MET D 289 11.23 -8.45 -27.22
CA MET D 289 12.60 -8.02 -26.97
C MET D 289 13.54 -8.45 -28.10
N ILE D 290 13.41 -9.69 -28.56
CA ILE D 290 14.22 -10.18 -29.67
C ILE D 290 13.92 -9.35 -30.90
N ASN D 291 12.67 -8.92 -31.04
CA ASN D 291 12.25 -8.07 -32.14
C ASN D 291 12.90 -6.68 -32.11
N VAL D 292 12.68 -5.96 -31.02
CA VAL D 292 13.20 -4.60 -30.90
C VAL D 292 14.72 -4.59 -30.95
N THR D 293 15.34 -5.65 -30.45
CA THR D 293 16.79 -5.77 -30.46
C THR D 293 17.31 -5.98 -31.89
N SER D 294 16.51 -6.63 -32.72
CA SER D 294 16.92 -6.95 -34.08
C SER D 294 16.50 -5.89 -35.09
N GLY D 295 15.93 -4.80 -34.61
CA GLY D 295 15.61 -3.66 -35.47
C GLY D 295 14.14 -3.43 -35.75
N GLY D 296 13.28 -4.26 -35.17
CA GLY D 296 11.85 -4.13 -35.39
C GLY D 296 11.20 -3.09 -34.51
N ARG D 297 10.60 -2.07 -35.14
CA ARG D 297 9.93 -1.00 -34.41
C ARG D 297 8.69 -0.51 -35.14
N GLY D 298 8.26 -1.25 -36.15
CA GLY D 298 7.08 -0.89 -36.92
C GLY D 298 5.98 -1.93 -36.79
N ARG D 299 4.77 -1.57 -37.24
CA ARG D 299 3.64 -2.48 -37.20
C ARG D 299 3.84 -3.59 -38.24
N LEU D 300 4.56 -3.24 -39.30
CA LEU D 300 4.88 -4.19 -40.35
C LEU D 300 5.76 -5.32 -39.82
N SER D 301 6.44 -5.07 -38.71
CA SER D 301 7.26 -6.09 -38.07
C SER D 301 6.38 -7.23 -37.55
N THR D 302 5.34 -6.86 -36.79
CA THR D 302 4.42 -7.82 -36.23
C THR D 302 3.57 -8.47 -37.32
N PHE D 303 3.13 -7.65 -38.27
CA PHE D 303 2.35 -8.16 -39.40
C PHE D 303 3.14 -9.23 -40.16
N VAL D 304 4.37 -8.90 -40.54
CA VAL D 304 5.22 -9.84 -41.25
C VAL D 304 5.53 -11.04 -40.35
N ALA D 305 5.57 -10.83 -39.05
CA ALA D 305 5.74 -11.95 -38.12
C ALA D 305 4.63 -12.97 -38.32
N GLY D 306 3.38 -12.54 -38.13
CA GLY D 306 2.24 -13.44 -38.30
C GLY D 306 2.10 -14.03 -39.69
N ALA D 307 2.21 -13.16 -40.71
CA ALA D 307 2.05 -13.56 -42.09
C ALA D 307 3.09 -14.58 -42.52
N PHE D 308 4.37 -14.24 -42.32
CA PHE D 308 5.46 -15.14 -42.68
C PHE D 308 5.38 -16.41 -41.85
N LEU D 309 4.83 -16.30 -40.63
CA LEU D 309 4.56 -17.48 -39.82
C LEU D 309 3.62 -18.43 -40.56
N MET D 310 2.47 -17.89 -40.99
CA MET D 310 1.48 -18.70 -41.71
C MET D 310 2.05 -19.31 -42.99
N VAL D 311 2.67 -18.46 -43.80
CA VAL D 311 3.25 -18.89 -45.07
C VAL D 311 4.29 -19.99 -44.86
N LEU D 312 5.13 -19.83 -43.85
CA LEU D 312 6.21 -20.78 -43.59
C LEU D 312 5.69 -22.11 -43.04
N ILE D 313 4.69 -22.05 -42.16
CA ILE D 313 4.14 -23.29 -41.62
C ILE D 313 3.35 -24.04 -42.69
N LEU D 314 2.78 -23.30 -43.64
CA LEU D 314 2.10 -23.94 -44.76
C LEU D 314 3.13 -24.54 -45.73
N ALA D 315 4.29 -23.89 -45.82
CA ALA D 315 5.34 -24.36 -46.72
C ALA D 315 6.04 -25.61 -46.21
N LEU D 316 6.34 -25.64 -44.92
CA LEU D 316 7.12 -26.73 -44.34
C LEU D 316 6.26 -27.80 -43.68
N GLN D 317 4.94 -27.74 -43.90
CA GLN D 317 3.98 -28.66 -43.28
C GLN D 317 4.41 -30.14 -43.27
N PRO D 318 4.72 -30.73 -44.45
CA PRO D 318 5.10 -32.15 -44.42
C PRO D 318 6.41 -32.37 -43.70
N LEU D 319 7.28 -31.37 -43.74
CA LEU D 319 8.53 -31.42 -43.00
C LEU D 319 8.29 -31.08 -41.54
N LEU D 320 7.29 -30.22 -41.30
CA LEU D 320 6.94 -29.82 -39.94
C LEU D 320 6.47 -31.00 -39.11
N VAL D 321 5.60 -31.83 -39.68
CA VAL D 321 5.05 -32.96 -38.92
C VAL D 321 6.10 -34.03 -38.62
N GLN D 322 7.28 -33.89 -39.22
CA GLN D 322 8.35 -34.86 -39.03
C GLN D 322 9.30 -34.46 -37.90
N ILE D 323 9.09 -33.26 -37.35
CA ILE D 323 9.95 -32.75 -36.28
C ILE D 323 9.77 -33.56 -35.01
N PRO D 324 10.86 -34.16 -34.51
CA PRO D 324 10.85 -34.99 -33.30
C PRO D 324 10.44 -34.20 -32.06
N MET D 325 9.78 -34.87 -31.12
CA MET D 325 9.27 -34.21 -29.92
C MET D 325 10.37 -33.85 -28.92
N ALA D 326 11.54 -34.47 -29.07
CA ALA D 326 12.66 -34.21 -28.17
C ALA D 326 13.18 -32.78 -28.35
N ALA D 327 13.20 -32.32 -29.59
CA ALA D 327 13.64 -30.96 -29.89
C ALA D 327 12.74 -29.93 -29.22
N LEU D 328 11.44 -30.06 -29.46
CA LEU D 328 10.46 -29.12 -28.90
C LEU D 328 10.38 -29.22 -27.39
N VAL D 329 10.59 -30.42 -26.85
CA VAL D 329 10.56 -30.59 -25.40
C VAL D 329 11.82 -29.97 -24.81
N ALA D 330 12.89 -29.89 -25.60
CA ALA D 330 14.11 -29.20 -25.18
C ALA D 330 13.90 -27.70 -25.16
N VAL D 331 13.29 -27.19 -26.25
CA VAL D 331 12.99 -25.76 -26.35
C VAL D 331 12.07 -25.30 -25.22
N MET D 332 11.06 -26.12 -24.92
CA MET D 332 10.18 -25.81 -23.81
C MET D 332 10.93 -25.93 -22.48
N MET D 333 11.84 -26.90 -22.41
CA MET D 333 12.63 -27.11 -21.22
C MET D 333 13.48 -25.87 -20.90
N VAL D 334 13.97 -25.18 -21.93
CA VAL D 334 14.77 -24.00 -21.67
C VAL D 334 13.91 -22.76 -21.50
N VAL D 335 12.74 -22.73 -22.14
CA VAL D 335 11.88 -21.56 -22.01
C VAL D 335 11.34 -21.51 -20.56
N ALA D 336 11.06 -22.68 -19.99
CA ALA D 336 10.69 -22.80 -18.58
C ALA D 336 11.76 -22.21 -17.67
N ILE D 337 13.01 -22.66 -17.86
CA ILE D 337 14.15 -22.17 -17.07
C ILE D 337 14.29 -20.66 -17.20
N SER D 338 14.17 -20.16 -18.41
CA SER D 338 14.25 -18.73 -18.65
C SER D 338 13.13 -18.00 -17.89
N THR D 339 11.96 -18.64 -17.79
CA THR D 339 10.82 -17.98 -17.18
C THR D 339 10.90 -17.96 -15.64
N PHE D 340 11.29 -19.08 -15.03
CA PHE D 340 11.20 -19.21 -13.57
C PHE D 340 12.11 -18.29 -12.78
N ASP D 341 13.42 -18.51 -12.91
CA ASP D 341 14.45 -17.90 -12.05
C ASP D 341 14.22 -16.42 -11.71
N TRP D 342 13.93 -16.17 -10.45
CA TRP D 342 13.72 -14.82 -9.94
C TRP D 342 14.70 -14.48 -8.83
N GLY D 343 14.33 -13.47 -8.03
CA GLY D 343 15.08 -13.14 -6.84
C GLY D 343 14.61 -13.99 -5.68
N SER D 344 15.25 -15.14 -5.49
CA SER D 344 14.94 -16.01 -4.37
C SER D 344 15.50 -15.39 -3.09
N LEU D 345 14.83 -14.35 -2.62
CA LEU D 345 15.33 -13.53 -1.51
C LEU D 345 15.68 -14.34 -0.26
N ARG D 346 16.70 -13.89 0.45
CA ARG D 346 17.18 -14.57 1.65
C ARG D 346 16.21 -14.39 2.81
N PHE D 351 12.39 -9.01 4.33
CA PHE D 351 11.37 -8.91 3.30
C PHE D 351 10.01 -9.35 3.84
N PRO D 352 8.94 -8.63 3.46
CA PRO D 352 7.57 -8.86 3.93
C PRO D 352 7.17 -10.34 3.88
N LYS D 353 6.88 -10.92 5.04
CA LYS D 353 6.54 -12.33 5.13
C LYS D 353 5.25 -12.64 4.38
N GLY D 354 4.30 -11.71 4.41
CA GLY D 354 3.01 -11.90 3.77
C GLY D 354 3.10 -12.07 2.26
N GLU D 355 3.93 -11.25 1.62
CA GLU D 355 4.08 -11.28 0.17
C GLU D 355 4.72 -12.60 -0.29
N THR D 356 5.78 -13.00 0.43
CA THR D 356 6.43 -14.29 0.20
C THR D 356 5.42 -15.42 0.38
N VAL D 357 4.59 -15.29 1.40
CA VAL D 357 3.52 -16.24 1.66
C VAL D 357 2.57 -16.33 0.46
N VAL D 358 2.25 -15.18 -0.13
CA VAL D 358 1.38 -15.16 -1.30
C VAL D 358 2.02 -15.89 -2.48
N MET D 359 3.27 -15.53 -2.80
CA MET D 359 3.99 -16.16 -3.90
C MET D 359 4.07 -17.68 -3.74
N LEU D 360 4.57 -18.11 -2.59
CA LEU D 360 4.73 -19.54 -2.30
C LEU D 360 3.38 -20.26 -2.27
N ALA D 361 2.33 -19.54 -1.87
CA ALA D 361 0.99 -20.11 -1.87
C ALA D 361 0.56 -20.42 -3.30
N THR D 362 0.65 -19.42 -4.17
CA THR D 362 0.31 -19.59 -5.57
C THR D 362 1.12 -20.74 -6.19
N VAL D 363 2.43 -20.70 -5.97
CA VAL D 363 3.34 -21.71 -6.50
C VAL D 363 2.96 -23.12 -6.06
N ALA D 364 2.85 -23.33 -4.75
CA ALA D 364 2.55 -24.65 -4.20
C ALA D 364 1.18 -25.16 -4.64
N VAL D 365 0.18 -24.29 -4.61
CA VAL D 365 -1.17 -24.69 -5.00
C VAL D 365 -1.21 -25.10 -6.48
N THR D 366 -0.59 -24.29 -7.34
CA THR D 366 -0.54 -24.60 -8.76
C THR D 366 0.21 -25.92 -9.00
N VAL D 367 1.32 -26.10 -8.29
CA VAL D 367 2.11 -27.32 -8.41
C VAL D 367 1.32 -28.56 -8.03
N PHE D 368 0.61 -28.49 -6.91
CA PHE D 368 -0.14 -29.63 -6.40
C PHE D 368 -1.38 -29.95 -7.23
N THR D 369 -2.09 -28.91 -7.66
CA THR D 369 -3.37 -29.11 -8.34
C THR D 369 -3.23 -29.16 -9.87
N HIS D 370 -2.10 -28.69 -10.37
CA HIS D 370 -1.87 -28.55 -11.82
C HIS D 370 -2.90 -27.61 -12.44
N ASP D 371 -3.30 -26.60 -11.67
CA ASP D 371 -4.27 -25.61 -12.14
C ASP D 371 -3.75 -24.21 -11.84
N LEU D 372 -3.32 -23.51 -12.89
CA LEU D 372 -2.78 -22.16 -12.74
C LEU D 372 -3.85 -21.18 -12.29
N SER D 373 -5.09 -21.41 -12.77
CA SER D 373 -6.22 -20.57 -12.43
C SER D 373 -6.48 -20.54 -10.92
N LEU D 374 -6.33 -21.70 -10.28
CA LEU D 374 -6.52 -21.80 -8.84
C LEU D 374 -5.45 -21.03 -8.08
N GLY D 375 -4.21 -21.14 -8.54
CA GLY D 375 -3.11 -20.40 -7.95
C GLY D 375 -3.37 -18.91 -8.03
N VAL D 376 -3.81 -18.46 -9.20
CA VAL D 376 -4.18 -17.06 -9.40
C VAL D 376 -5.30 -16.66 -8.44
N LEU D 377 -6.30 -17.53 -8.31
CA LEU D 377 -7.45 -17.27 -7.45
C LEU D 377 -7.04 -17.06 -5.99
N ILE D 378 -6.27 -18.00 -5.46
CA ILE D 378 -5.85 -17.91 -4.07
C ILE D 378 -4.89 -16.74 -3.88
N GLY D 379 -4.15 -16.38 -4.92
CA GLY D 379 -3.30 -15.21 -4.88
C GLY D 379 -4.15 -13.97 -4.68
N VAL D 380 -5.22 -13.88 -5.48
CA VAL D 380 -6.15 -12.76 -5.40
C VAL D 380 -6.79 -12.65 -4.02
N VAL D 381 -7.35 -13.75 -3.52
CA VAL D 381 -8.05 -13.69 -2.24
C VAL D 381 -7.10 -13.44 -1.07
N LEU D 382 -5.88 -13.98 -1.14
CA LEU D 382 -4.90 -13.75 -0.09
C LEU D 382 -4.47 -12.29 -0.07
N SER D 383 -4.14 -11.76 -1.24
CA SER D 383 -3.78 -10.37 -1.37
C SER D 383 -4.91 -9.48 -0.86
N ALA D 384 -6.15 -9.91 -1.10
CA ALA D 384 -7.32 -9.19 -0.63
C ALA D 384 -7.42 -9.19 0.90
N LEU D 385 -7.14 -10.34 1.50
CA LEU D 385 -7.17 -10.47 2.95
C LEU D 385 -6.10 -9.59 3.60
N PHE D 386 -4.87 -9.72 3.11
CA PHE D 386 -3.77 -8.89 3.61
C PHE D 386 -4.09 -7.41 3.43
N PHE D 387 -4.74 -7.09 2.32
CA PHE D 387 -5.18 -5.72 2.07
C PHE D 387 -6.15 -5.25 3.15
N ALA D 388 -7.14 -6.08 3.45
CA ALA D 388 -8.12 -5.78 4.48
C ALA D 388 -7.45 -5.63 5.85
N ARG D 389 -6.32 -6.31 6.02
CA ARG D 389 -5.56 -6.22 7.27
C ARG D 389 -4.72 -4.95 7.32
N LYS D 390 -4.36 -4.43 6.15
CA LYS D 390 -3.60 -3.19 6.06
C LYS D 390 -4.52 -1.98 6.16
N VAL D 391 -5.78 -2.16 5.80
CA VAL D 391 -6.70 -1.03 5.66
C VAL D 391 -7.72 -0.92 6.79
#